data_4ZOA
#
_entry.id   4ZOA
#
_cell.length_a   89.650
_cell.length_b   94.850
_cell.length_c   215.868
_cell.angle_alpha   90.000
_cell.angle_beta   96.200
_cell.angle_gamma   90.000
#
_symmetry.space_group_name_H-M   'I 1 2 1'
#
loop_
_entity.id
_entity.type
_entity.pdbx_description
1 polymer 'Lin1840 protein'
2 non-polymer 5-HYDROXYMETHYL-3,4-DIHYDROXYPIPERIDINE
3 non-polymer 'MAGNESIUM ION'
4 non-polymer DI(HYDROXYETHYL)ETHER
5 water water
#
_entity_poly.entity_id   1
_entity_poly.type   'polypeptide(L)'
_entity_poly.pdbx_seq_one_letter_code
;MEQEKVQELVSQMTLDEKIAQCLQLSPFLFKGTNKNAELTGPLLQEMKLTDAHTENAGSVLGSSSALDMIGIQEAYLKTN
RLGIPLVFMADVIHGYKTVFPIPLALGCSFDRETVRVMAEVSALEATADGHHVTFSPMLDLVRDPRWGRVMESTGEDPFL
NSELGKAMVDGYQGDASKLNENLEQMAACVKHFAAYGAAEAGLEYNTVNMSTRELYQNYLPAYNAAIQAGAKLVMTAFNV
VDGIPATMNKWLNRDVLRGEMEFDGVLISDWGAVAEVINHGTARNPKEAAQFSMEAGVDLEMMTTCYIHELKGLIEEGKL
SENLLDEAVLRMLNLKNDLGLFEDPYRGLKNNDRTKDILTDESRGKARAAGVESAVLLENKSRLLPLAKEAKIALVGPLA
TSPDILGGWNVYGEEKDGINVETGLREVFETVEVVSTEYTELSEEDKVAVKAAVQNMDVVVLALGEKNEWGGEAGSLATI
RLPEAQYQLAKFVQTLGKPVVITLFNGRPLEVKELAESSDALLELWFPGTEAGRVTADLLSGASNPSGKLSMSFPQTTGQ
IPVYYNHLRTGRPQTPENKGERYVSHYLDIPNEPFYPFGYGKSYSEFELKTSSLPKELNLGESLHVEVTIKNISDIAGKE
VIQVYLQDVTASISRPVKELKAFEKVALQAGEEKTVTFELTSEAFSFYNHQLEKVQEPGLHRVFVGTSSEDVDVFEVEVG
GYVLEHHHHHH
;
_entity_poly.pdbx_strand_id   A,B
#
loop_
_chem_comp.id
_chem_comp.type
_chem_comp.name
_chem_comp.formula
IFM non-polymer 5-HYDROXYMETHYL-3,4-DIHYDROXYPIPERIDINE 'C6 H13 N O3'
MG non-polymer 'MAGNESIUM ION' 'Mg 2'
PEG non-polymer DI(HYDROXYETHYL)ETHER 'C4 H10 O3'
#
# COMPACT_ATOMS: atom_id res chain seq x y z
N MET A 1 -27.51 -36.71 -17.97
CA MET A 1 -28.86 -36.82 -18.64
C MET A 1 -29.04 -35.70 -19.66
N GLU A 2 -30.03 -35.81 -20.54
CA GLU A 2 -30.19 -34.80 -21.61
C GLU A 2 -30.49 -33.40 -21.06
N GLN A 3 -30.01 -32.39 -21.78
CA GLN A 3 -30.18 -31.01 -21.40
C GLN A 3 -31.64 -30.62 -21.33
N GLU A 4 -32.45 -31.28 -22.15
CA GLU A 4 -33.88 -31.10 -22.10
C GLU A 4 -34.43 -31.61 -20.76
N LYS A 5 -33.97 -32.76 -20.29
CA LYS A 5 -34.43 -33.29 -19.00
C LYS A 5 -34.00 -32.44 -17.78
N VAL A 6 -32.83 -31.79 -17.87
CA VAL A 6 -32.36 -30.86 -16.83
C VAL A 6 -33.29 -29.63 -16.85
N GLN A 7 -33.46 -29.08 -18.04
CA GLN A 7 -34.31 -27.90 -18.22
C GLN A 7 -35.72 -28.17 -17.70
N GLU A 8 -36.20 -29.39 -17.88
CA GLU A 8 -37.52 -29.80 -17.41
C GLU A 8 -37.57 -29.81 -15.86
N LEU A 9 -36.46 -30.14 -15.21
CA LEU A 9 -36.39 -30.18 -13.72
C LEU A 9 -36.58 -28.77 -13.13
N VAL A 10 -35.94 -27.79 -13.77
CA VAL A 10 -36.19 -26.41 -13.37
C VAL A 10 -37.69 -26.09 -13.46
N SER A 11 -38.35 -26.45 -14.58
CA SER A 11 -39.80 -26.24 -14.70
C SER A 11 -40.58 -26.87 -13.56
N GLN A 12 -40.12 -28.02 -13.06
CA GLN A 12 -40.86 -28.76 -12.07
C GLN A 12 -40.65 -28.38 -10.62
N MET A 13 -39.61 -27.59 -10.31
CA MET A 13 -39.32 -27.30 -8.92
C MET A 13 -40.25 -26.18 -8.48
N THR A 14 -40.67 -26.17 -7.22
CA THR A 14 -41.41 -25.04 -6.69
C THR A 14 -40.43 -23.86 -6.45
N LEU A 15 -40.98 -22.67 -6.22
CA LEU A 15 -40.19 -21.51 -5.82
C LEU A 15 -39.29 -21.80 -4.60
N ASP A 16 -39.85 -22.30 -3.52
CA ASP A 16 -39.09 -22.68 -2.33
C ASP A 16 -37.99 -23.68 -2.55
N GLU A 17 -38.22 -24.60 -3.47
CA GLU A 17 -37.16 -25.54 -3.85
C GLU A 17 -36.02 -24.88 -4.62
N LYS A 18 -36.37 -24.08 -5.62
CA LYS A 18 -35.37 -23.31 -6.40
C LYS A 18 -34.49 -22.40 -5.50
N ILE A 19 -35.14 -21.78 -4.52
CA ILE A 19 -34.47 -20.92 -3.57
C ILE A 19 -33.44 -21.72 -2.75
N ALA A 20 -33.86 -22.86 -2.21
CA ALA A 20 -33.03 -23.61 -1.27
C ALA A 20 -31.91 -24.35 -2.01
N GLN A 21 -32.13 -24.53 -3.33
CA GLN A 21 -31.09 -25.05 -4.24
C GLN A 21 -29.87 -24.12 -4.29
N CYS A 22 -30.07 -22.86 -3.93
CA CYS A 22 -29.02 -21.87 -3.94
C CYS A 22 -28.35 -21.70 -2.57
N LEU A 23 -28.50 -22.71 -1.69
CA LEU A 23 -27.90 -22.67 -0.34
C LEU A 23 -26.93 -23.81 -0.15
N GLN A 24 -25.76 -23.52 0.44
CA GLN A 24 -24.78 -24.56 0.86
C GLN A 24 -24.60 -24.61 2.35
N LEU A 25 -24.57 -25.81 2.92
CA LEU A 25 -24.43 -25.97 4.38
C LEU A 25 -23.31 -26.92 4.75
N SER A 26 -22.83 -26.80 6.00
CA SER A 26 -21.86 -27.74 6.56
C SER A 26 -22.58 -29.03 6.89
N PRO A 27 -21.82 -30.14 7.08
CA PRO A 27 -22.43 -31.46 7.22
C PRO A 27 -23.27 -31.65 8.49
N PHE A 28 -22.96 -30.85 9.51
CA PHE A 28 -23.59 -30.97 10.81
C PHE A 28 -25.06 -30.44 10.84
N LEU A 29 -25.49 -29.74 9.77
CA LEU A 29 -26.87 -29.31 9.60
C LEU A 29 -27.67 -30.29 8.73
N PHE A 30 -27.03 -31.35 8.25
CA PHE A 30 -27.71 -32.50 7.62
C PHE A 30 -27.76 -33.71 8.56
N LYS A 31 -28.88 -34.42 8.54
CA LYS A 31 -29.00 -35.74 9.16
C LYS A 31 -28.34 -36.81 8.26
N LEU A 39 -15.14 -25.95 11.32
CA LEU A 39 -15.69 -25.00 10.34
C LEU A 39 -14.59 -24.11 9.68
N THR A 40 -14.87 -23.64 8.47
CA THR A 40 -13.94 -22.75 7.79
C THR A 40 -14.39 -21.30 7.79
N GLY A 41 -15.34 -20.98 8.66
CA GLY A 41 -15.85 -19.60 8.71
C GLY A 41 -16.65 -19.42 9.99
N PRO A 42 -16.97 -18.19 10.37
CA PRO A 42 -17.72 -18.03 11.60
C PRO A 42 -19.13 -18.52 11.36
N LEU A 43 -19.83 -18.81 12.43
CA LEU A 43 -21.15 -19.41 12.35
C LEU A 43 -22.18 -18.36 12.73
N LEU A 44 -23.32 -18.38 12.03
CA LEU A 44 -24.41 -17.41 12.20
C LEU A 44 -25.11 -17.57 13.57
N GLU A 46 -27.95 -18.56 14.94
CA GLU A 46 -29.40 -18.64 14.64
C GLU A 46 -29.71 -18.49 13.13
N MET A 47 -29.60 -19.61 12.41
CA MET A 47 -29.89 -19.67 10.98
C MET A 47 -31.37 -19.91 10.70
N LYS A 48 -32.09 -20.28 11.75
CA LYS A 48 -33.52 -20.63 11.66
C LYS A 48 -33.79 -21.54 10.44
N LEU A 49 -32.99 -22.58 10.34
CA LEU A 49 -33.12 -23.57 9.28
C LEU A 49 -34.23 -24.55 9.70
N THR A 50 -34.98 -25.09 8.73
CA THR A 50 -36.02 -26.10 8.92
C THR A 50 -35.77 -27.18 7.92
N ASP A 51 -36.49 -28.29 8.08
CA ASP A 51 -36.32 -29.41 7.22
C ASP A 51 -36.58 -29.04 5.79
N ALA A 52 -37.60 -28.22 5.60
CA ALA A 52 -37.91 -27.81 4.26
C ALA A 52 -36.64 -27.26 3.59
N HIS A 53 -35.84 -26.51 4.35
CA HIS A 53 -34.52 -25.97 3.82
C HIS A 53 -33.46 -27.05 3.63
N THR A 54 -33.12 -27.74 4.70
CA THR A 54 -32.08 -28.79 4.59
C THR A 54 -32.40 -29.86 3.52
N GLU A 55 -33.67 -30.23 3.39
CA GLU A 55 -34.05 -31.29 2.45
C GLU A 55 -34.02 -30.87 1.00
N ASN A 56 -33.93 -29.57 0.76
CA ASN A 56 -33.77 -29.05 -0.61
C ASN A 56 -32.49 -28.19 -0.81
N ALA A 57 -31.56 -28.26 0.15
CA ALA A 57 -30.30 -27.60 0.10
C ALA A 57 -29.56 -28.03 -1.10
N GLY A 58 -28.96 -27.08 -1.78
CA GLY A 58 -28.19 -27.38 -2.98
C GLY A 58 -26.87 -28.10 -2.76
N SER A 59 -26.15 -27.79 -1.67
CA SER A 59 -24.77 -28.29 -1.59
C SER A 59 -24.29 -28.45 -0.17
N VAL A 60 -23.32 -29.36 -0.01
CA VAL A 60 -22.61 -29.57 1.22
C VAL A 60 -21.16 -29.20 1.05
N LEU A 61 -20.61 -28.50 2.05
CA LEU A 61 -19.20 -28.18 2.06
C LEU A 61 -18.59 -28.71 3.34
N GLY A 62 -17.48 -29.37 3.17
CA GLY A 62 -16.67 -29.77 4.28
C GLY A 62 -16.97 -31.15 4.85
N SER A 63 -17.48 -32.09 4.05
CA SER A 63 -17.68 -33.50 4.50
C SER A 63 -16.34 -34.09 4.97
N SER A 64 -16.37 -34.99 5.96
CA SER A 64 -15.10 -35.43 6.62
C SER A 64 -14.58 -36.74 6.17
N SER A 65 -15.33 -37.43 5.31
CA SER A 65 -15.02 -38.76 4.80
C SER A 65 -16.06 -39.26 3.79
N ALA A 66 -15.69 -40.34 3.10
CA ALA A 66 -16.65 -41.10 2.25
C ALA A 66 -17.94 -41.50 3.00
N LEU A 67 -17.80 -42.12 4.16
CA LEU A 67 -19.00 -42.47 4.95
C LEU A 67 -19.90 -41.26 5.18
N ASP A 68 -19.32 -40.16 5.65
CA ASP A 68 -20.08 -38.94 5.91
C ASP A 68 -20.89 -38.62 4.64
N MET A 69 -20.22 -38.63 3.50
CA MET A 69 -20.88 -38.28 2.26
C MET A 69 -22.05 -39.21 1.95
N ILE A 70 -21.77 -40.51 1.98
CA ILE A 70 -22.79 -41.50 1.60
C ILE A 70 -23.98 -41.42 2.54
N GLY A 71 -23.72 -41.31 3.84
CA GLY A 71 -24.80 -41.15 4.86
C GLY A 71 -25.70 -39.96 4.55
N ILE A 72 -25.06 -38.80 4.30
CA ILE A 72 -25.78 -37.57 4.09
C ILE A 72 -26.57 -37.63 2.80
N GLN A 73 -25.93 -38.08 1.75
CA GLN A 73 -26.55 -38.09 0.42
C GLN A 73 -27.74 -39.11 0.38
N GLU A 74 -27.58 -40.24 1.04
CA GLU A 74 -28.65 -41.27 1.09
C GLU A 74 -29.90 -40.75 1.81
N ALA A 75 -29.70 -40.23 3.02
CA ALA A 75 -30.77 -39.61 3.81
C ALA A 75 -31.49 -38.54 3.01
N TYR A 76 -30.69 -37.65 2.41
CA TYR A 76 -31.20 -36.55 1.60
C TYR A 76 -32.07 -37.02 0.40
N LEU A 77 -31.61 -38.07 -0.27
CA LEU A 77 -32.32 -38.60 -1.46
C LEU A 77 -33.54 -39.42 -1.08
N LYS A 78 -33.58 -40.04 0.12
CA LYS A 78 -34.83 -40.64 0.63
C LYS A 78 -35.96 -39.63 0.61
N THR A 79 -35.64 -38.40 0.97
CA THR A 79 -36.62 -37.40 1.31
C THR A 79 -36.73 -36.22 0.34
N ASN A 80 -35.90 -36.16 -0.72
CA ASN A 80 -35.97 -35.12 -1.74
C ASN A 80 -37.05 -35.39 -2.79
N ARG A 81 -37.99 -34.45 -2.98
CA ARG A 81 -39.10 -34.69 -3.89
C ARG A 81 -38.71 -35.04 -5.34
N LEU A 82 -37.82 -34.29 -5.98
CA LEU A 82 -37.48 -34.58 -7.39
C LEU A 82 -36.26 -35.47 -7.68
N GLY A 83 -35.56 -35.97 -6.67
CA GLY A 83 -34.35 -36.76 -6.94
C GLY A 83 -33.12 -35.93 -7.37
N ILE A 84 -33.03 -34.68 -6.90
CA ILE A 84 -31.83 -33.82 -7.17
C ILE A 84 -30.75 -34.08 -6.11
N PRO A 85 -29.68 -34.85 -6.42
CA PRO A 85 -28.63 -35.05 -5.39
C PRO A 85 -27.86 -33.74 -4.97
N LEU A 86 -27.21 -33.82 -3.80
CA LEU A 86 -26.36 -32.74 -3.26
C LEU A 86 -25.02 -32.77 -3.99
N VAL A 87 -24.44 -31.60 -4.27
CA VAL A 87 -23.03 -31.55 -4.71
C VAL A 87 -22.19 -31.26 -3.45
N PHE A 88 -21.07 -32.00 -3.35
CA PHE A 88 -20.13 -31.97 -2.21
C PHE A 88 -18.82 -31.29 -2.56
N MET A 89 -18.54 -30.20 -1.85
CA MET A 89 -17.35 -29.39 -2.10
C MET A 89 -16.42 -29.42 -0.89
N ALA A 90 -15.15 -29.18 -1.19
CA ALA A 90 -14.11 -29.33 -0.20
C ALA A 90 -12.90 -28.45 -0.51
N ASP A 91 -12.20 -28.10 0.55
CA ASP A 91 -10.92 -27.39 0.45
C ASP A 91 -9.78 -28.37 0.25
N VAL A 92 -9.42 -28.60 -0.99
CA VAL A 92 -8.23 -29.40 -1.27
C VAL A 92 -7.25 -28.44 -1.98
N ILE A 93 -6.29 -27.91 -1.22
CA ILE A 93 -5.51 -26.76 -1.60
C ILE A 93 -4.15 -27.20 -2.04
N HIS A 94 -3.53 -28.01 -1.24
CA HIS A 94 -2.26 -28.53 -1.66
C HIS A 94 -2.12 -29.99 -1.27
N GLY A 95 -3.17 -30.72 -1.58
CA GLY A 95 -3.22 -32.12 -1.25
C GLY A 95 -4.36 -32.51 -0.34
N TYR A 96 -4.73 -33.79 -0.41
CA TYR A 96 -5.80 -34.29 0.42
C TYR A 96 -5.24 -35.01 1.63
N LYS A 97 -4.96 -36.31 1.54
CA LYS A 97 -4.25 -37.02 2.62
C LYS A 97 -2.73 -37.05 2.45
N THR A 98 -2.26 -37.31 1.23
CA THR A 98 -0.85 -37.05 0.90
C THR A 98 -0.71 -35.55 0.69
N VAL A 99 -0.03 -34.89 1.60
CA VAL A 99 0.00 -33.43 1.54
C VAL A 99 1.24 -32.99 0.75
N PHE A 100 1.04 -32.20 -0.30
CA PHE A 100 2.15 -31.65 -1.09
C PHE A 100 2.62 -30.29 -0.54
N PRO A 101 3.70 -29.72 -1.13
CA PRO A 101 4.07 -28.39 -0.63
C PRO A 101 2.95 -27.37 -0.75
N ILE A 102 2.95 -26.40 0.17
CA ILE A 102 2.04 -25.24 0.05
C ILE A 102 2.19 -24.53 -1.34
N PRO A 103 1.09 -23.96 -1.89
CA PRO A 103 1.18 -23.43 -3.24
C PRO A 103 2.29 -22.41 -3.45
N LEU A 104 2.65 -21.60 -2.44
CA LEU A 104 3.76 -20.62 -2.62
C LEU A 104 5.06 -21.35 -2.88
N ALA A 105 5.22 -22.52 -2.27
CA ALA A 105 6.42 -23.36 -2.51
C ALA A 105 6.37 -23.92 -3.93
N LEU A 106 5.20 -24.39 -4.33
CA LEU A 106 4.98 -24.85 -5.72
C LEU A 106 5.23 -23.74 -6.76
N GLY A 107 4.82 -22.53 -6.42
CA GLY A 107 5.27 -21.39 -7.24
C GLY A 107 6.76 -21.47 -7.54
N CYS A 108 7.55 -21.73 -6.50
CA CYS A 108 9.02 -21.71 -6.57
C CYS A 108 9.63 -22.87 -7.39
N SER A 109 8.84 -23.96 -7.55
CA SER A 109 9.23 -25.05 -8.49
C SER A 109 9.40 -24.55 -9.93
N PHE A 110 8.67 -23.49 -10.29
CA PHE A 110 8.55 -23.08 -11.68
C PHE A 110 8.32 -24.28 -12.58
N ASP A 111 7.50 -25.24 -12.11
CA ASP A 111 7.35 -26.47 -12.87
C ASP A 111 5.89 -26.86 -13.00
N ARG A 112 5.37 -26.60 -14.19
CA ARG A 112 4.02 -26.81 -14.51
C ARG A 112 3.55 -28.26 -14.22
N GLU A 113 4.33 -29.24 -14.67
CA GLU A 113 4.02 -30.69 -14.46
C GLU A 113 3.98 -31.11 -12.97
N THR A 114 4.91 -30.63 -12.15
CA THR A 114 4.84 -30.86 -10.70
C THR A 114 3.46 -30.40 -10.16
N VAL A 115 3.05 -29.24 -10.62
CA VAL A 115 1.79 -28.67 -10.17
C VAL A 115 0.57 -29.46 -10.66
N ARG A 116 0.61 -29.93 -11.90
CA ARG A 116 -0.48 -30.75 -12.45
C ARG A 116 -0.60 -32.10 -11.69
N VAL A 117 0.55 -32.71 -11.42
CA VAL A 117 0.60 -34.01 -10.70
C VAL A 117 0.07 -33.84 -9.29
N MET A 118 0.51 -32.81 -8.59
CA MET A 118 -0.08 -32.45 -7.25
C MET A 118 -1.61 -32.47 -7.32
N ALA A 119 -2.16 -31.75 -8.29
CA ALA A 119 -3.61 -31.61 -8.44
C ALA A 119 -4.27 -32.95 -8.79
N GLU A 120 -3.63 -33.71 -9.68
CA GLU A 120 -4.14 -35.04 -10.03
C GLU A 120 -4.18 -36.02 -8.86
N VAL A 121 -3.10 -36.06 -8.08
CA VAL A 121 -3.09 -36.88 -6.86
C VAL A 121 -4.15 -36.37 -5.89
N SER A 122 -4.20 -35.05 -5.69
CA SER A 122 -5.22 -34.47 -4.83
C SER A 122 -6.64 -34.97 -5.21
N ALA A 123 -6.96 -34.87 -6.51
CA ALA A 123 -8.26 -35.32 -7.04
C ALA A 123 -8.46 -36.81 -6.86
N LEU A 124 -7.48 -37.62 -7.28
CA LEU A 124 -7.55 -39.06 -7.04
C LEU A 124 -8.06 -39.34 -5.61
N GLU A 125 -7.40 -38.72 -4.65
CA GLU A 125 -7.69 -38.96 -3.23
C GLU A 125 -9.01 -38.38 -2.74
N ALA A 126 -9.29 -37.13 -3.12
CA ALA A 126 -10.49 -36.45 -2.68
C ALA A 126 -11.75 -37.11 -3.28
N THR A 127 -11.70 -37.50 -4.56
CA THR A 127 -12.85 -38.22 -5.15
C THR A 127 -13.10 -39.57 -4.43
N ALA A 128 -12.02 -40.25 -4.05
CA ALA A 128 -12.08 -41.44 -3.16
C ALA A 128 -12.85 -41.26 -1.86
N ASP A 129 -12.85 -40.05 -1.33
CA ASP A 129 -13.54 -39.76 -0.08
C ASP A 129 -14.84 -39.00 -0.28
N GLY A 130 -15.37 -39.06 -1.52
CA GLY A 130 -16.71 -38.52 -1.83
C GLY A 130 -16.78 -37.10 -2.40
N HIS A 131 -15.65 -36.39 -2.41
CA HIS A 131 -15.65 -34.99 -2.82
C HIS A 131 -15.77 -34.79 -4.34
N HIS A 132 -16.71 -33.96 -4.74
CA HIS A 132 -16.95 -33.63 -6.17
C HIS A 132 -16.25 -32.38 -6.68
N VAL A 133 -16.10 -31.38 -5.77
CA VAL A 133 -15.47 -30.06 -6.09
C VAL A 133 -14.32 -29.70 -5.10
N THR A 134 -13.25 -29.07 -5.61
CA THR A 134 -12.26 -28.45 -4.72
C THR A 134 -12.20 -26.95 -4.87
N PHE A 135 -12.09 -26.27 -3.74
CA PHE A 135 -11.94 -24.83 -3.65
C PHE A 135 -10.47 -24.44 -3.89
N SER A 136 -10.01 -24.77 -5.10
CA SER A 136 -8.63 -24.55 -5.61
C SER A 136 -8.69 -24.47 -7.17
N PRO A 137 -7.78 -23.71 -7.84
CA PRO A 137 -6.66 -22.91 -7.36
C PRO A 137 -7.03 -21.50 -6.84
N MET A 138 -6.20 -21.04 -5.92
CA MET A 138 -6.22 -19.71 -5.40
C MET A 138 -5.27 -18.94 -6.31
N LEU A 139 -5.81 -17.98 -7.03
CA LEU A 139 -5.09 -17.25 -8.12
C LEU A 139 -4.90 -15.77 -7.83
N ASP A 140 -4.88 -15.44 -6.53
CA ASP A 140 -4.70 -14.07 -6.07
C ASP A 140 -3.23 -13.62 -6.18
N LEU A 141 -2.97 -12.62 -7.01
CA LEU A 141 -1.72 -11.93 -7.02
C LEU A 141 -1.34 -11.38 -5.61
N VAL A 142 -0.13 -11.76 -5.18
CA VAL A 142 0.36 -11.36 -3.88
C VAL A 142 1.65 -10.56 -3.99
N ARG A 143 1.62 -9.37 -3.38
CA ARG A 143 2.81 -8.46 -3.21
C ARG A 143 3.17 -8.06 -1.76
N ASP A 144 2.44 -8.63 -0.81
CA ASP A 144 2.49 -8.20 0.58
C ASP A 144 2.50 -9.45 1.48
N PRO A 145 3.69 -9.84 1.92
CA PRO A 145 3.83 -11.01 2.80
C PRO A 145 3.32 -10.88 4.26
N ARG A 146 2.82 -9.72 4.68
CA ARG A 146 2.09 -9.61 5.94
C ARG A 146 0.85 -10.53 5.91
N TRP A 147 0.17 -10.59 4.76
CA TRP A 147 -1.05 -11.31 4.60
C TRP A 147 -0.76 -12.76 4.71
N GLY A 148 -1.48 -13.44 5.60
CA GLY A 148 -1.23 -14.85 5.83
C GLY A 148 -1.50 -15.72 4.64
N ARG A 149 -2.32 -15.23 3.69
CA ARG A 149 -2.81 -16.11 2.64
C ARG A 149 -1.86 -16.17 1.48
N VAL A 150 -0.67 -15.57 1.60
CA VAL A 150 0.31 -15.71 0.50
C VAL A 150 0.73 -17.12 0.25
N MET A 151 0.62 -17.95 1.28
CA MET A 151 0.99 -19.37 1.20
C MET A 151 0.15 -20.11 0.17
N GLU A 152 -1.02 -19.56 -0.13
CA GLU A 152 -1.99 -20.14 -1.06
C GLU A 152 -1.81 -19.69 -2.52
N SER A 153 -1.07 -18.61 -2.72
CA SER A 153 -0.84 -18.07 -4.04
C SER A 153 0.46 -18.68 -4.47
N THR A 154 0.68 -18.65 -5.79
CA THR A 154 2.02 -18.98 -6.33
C THR A 154 2.84 -17.74 -6.50
N GLY A 155 2.37 -16.61 -6.05
CA GLY A 155 3.27 -15.48 -5.85
C GLY A 155 3.02 -14.15 -6.52
N GLU A 156 4.11 -13.40 -6.76
CA GLU A 156 4.05 -12.04 -7.29
C GLU A 156 3.96 -11.82 -8.82
N ASP A 157 4.05 -12.88 -9.64
CA ASP A 157 3.97 -12.70 -11.07
C ASP A 157 2.68 -13.23 -11.67
N PRO A 158 1.96 -12.37 -12.38
CA PRO A 158 0.74 -12.76 -13.12
C PRO A 158 0.96 -13.94 -14.05
N PHE A 159 2.03 -13.88 -14.83
CA PHE A 159 2.30 -14.95 -15.83
C PHE A 159 2.56 -16.29 -15.18
N LEU A 160 3.50 -16.35 -14.24
CA LEU A 160 3.70 -17.58 -13.54
C LEU A 160 2.38 -18.03 -12.92
N ASN A 161 1.70 -17.14 -12.21
CA ASN A 161 0.47 -17.57 -11.54
C ASN A 161 -0.59 -18.21 -12.53
N SER A 162 -0.69 -17.58 -13.70
CA SER A 162 -1.57 -18.00 -14.76
C SER A 162 -1.22 -19.35 -15.24
N GLU A 163 0.05 -19.55 -15.48
CA GLU A 163 0.52 -20.80 -15.99
C GLU A 163 0.35 -21.93 -15.01
N LEU A 164 0.65 -21.69 -13.73
CA LEU A 164 0.49 -22.76 -12.76
C LEU A 164 -0.99 -23.01 -12.43
N GLY A 165 -1.81 -21.96 -12.46
CA GLY A 165 -3.25 -22.09 -12.32
C GLY A 165 -3.88 -23.04 -13.35
N LYS A 166 -3.50 -22.88 -14.59
CA LYS A 166 -3.94 -23.80 -15.67
C LYS A 166 -3.49 -25.24 -15.42
N ALA A 167 -2.25 -25.37 -14.98
CA ALA A 167 -1.71 -26.66 -14.59
C ALA A 167 -2.53 -27.32 -13.47
N MET A 168 -2.92 -26.57 -12.42
CA MET A 168 -3.82 -27.12 -11.38
C MET A 168 -5.20 -27.50 -11.93
N VAL A 169 -5.89 -26.61 -12.61
CA VAL A 169 -7.16 -26.96 -13.30
C VAL A 169 -7.04 -28.24 -14.14
N ASP A 170 -6.10 -28.29 -15.10
CA ASP A 170 -5.90 -29.51 -15.90
C ASP A 170 -5.70 -30.74 -14.98
N GLY A 171 -4.91 -30.63 -13.91
CA GLY A 171 -4.71 -31.77 -12.99
C GLY A 171 -5.92 -32.22 -12.21
N TYR A 172 -6.69 -31.27 -11.68
CA TYR A 172 -7.93 -31.64 -10.92
C TYR A 172 -9.01 -32.21 -11.88
N GLN A 173 -9.17 -31.55 -13.01
CA GLN A 173 -10.33 -31.74 -13.87
C GLN A 173 -10.12 -32.70 -15.06
N GLY A 174 -8.92 -32.74 -15.61
CA GLY A 174 -8.66 -33.45 -16.86
C GLY A 174 -9.50 -32.78 -17.91
N ASP A 175 -10.04 -33.56 -18.83
CA ASP A 175 -10.93 -33.02 -19.88
C ASP A 175 -12.21 -32.65 -19.14
N ALA A 176 -12.51 -31.36 -18.99
CA ALA A 176 -13.70 -30.89 -18.23
C ALA A 176 -15.03 -31.46 -18.72
N SER A 177 -15.10 -31.73 -20.02
CA SER A 177 -16.36 -32.13 -20.64
C SER A 177 -16.62 -33.61 -20.43
N LYS A 178 -15.76 -34.33 -19.67
CA LYS A 178 -15.96 -35.75 -19.31
C LYS A 178 -15.92 -36.04 -17.82
N LEU A 179 -16.29 -35.06 -17.00
CA LEU A 179 -16.35 -35.28 -15.55
C LEU A 179 -17.52 -36.23 -15.12
N ASN A 180 -18.52 -36.45 -15.98
CA ASN A 180 -19.56 -37.49 -15.69
C ASN A 180 -18.97 -38.91 -15.81
N GLU A 181 -17.86 -39.05 -16.57
CA GLU A 181 -17.18 -40.34 -16.81
C GLU A 181 -15.89 -40.57 -16.02
N ASN A 182 -15.02 -39.57 -15.92
CA ASN A 182 -13.72 -39.70 -15.24
C ASN A 182 -13.85 -39.34 -13.76
N LEU A 183 -14.13 -40.36 -12.94
CA LEU A 183 -14.57 -40.12 -11.55
C LEU A 183 -13.42 -40.11 -10.52
N GLU A 184 -12.18 -40.13 -10.99
CA GLU A 184 -11.02 -39.79 -10.14
C GLU A 184 -10.56 -38.34 -10.33
N GLN A 185 -11.21 -37.67 -11.30
CA GLN A 185 -11.06 -36.23 -11.51
C GLN A 185 -12.20 -35.54 -10.80
N MET A 186 -12.03 -34.26 -10.51
CA MET A 186 -13.04 -33.47 -9.85
C MET A 186 -13.09 -32.06 -10.43
N ALA A 187 -14.15 -31.33 -10.10
CA ALA A 187 -14.35 -29.96 -10.50
C ALA A 187 -13.41 -29.00 -9.73
N ALA A 188 -12.77 -28.06 -10.44
CA ALA A 188 -11.99 -26.97 -9.81
C ALA A 188 -12.87 -25.73 -9.64
N CYS A 189 -12.67 -25.04 -8.53
CA CYS A 189 -13.27 -23.72 -8.27
C CYS A 189 -12.18 -22.68 -8.12
N VAL A 190 -12.13 -21.76 -9.05
CA VAL A 190 -11.18 -20.60 -9.01
C VAL A 190 -11.55 -19.68 -7.85
N LYS A 191 -10.59 -19.33 -6.98
CA LYS A 191 -10.88 -18.35 -5.95
C LYS A 191 -9.70 -17.34 -5.85
N HIS A 192 -9.87 -16.14 -5.29
CA HIS A 192 -11.09 -15.53 -4.82
C HIS A 192 -11.36 -14.31 -5.71
N PHE A 193 -12.47 -14.30 -6.42
CA PHE A 193 -12.70 -13.28 -7.48
C PHE A 193 -13.22 -11.99 -6.84
N ALA A 194 -12.45 -10.89 -6.81
CA ALA A 194 -11.12 -10.73 -7.33
C ALA A 194 -10.27 -9.85 -6.41
N ALA A 195 -8.95 -9.99 -6.59
CA ALA A 195 -7.92 -9.01 -6.12
C ALA A 195 -7.76 -8.99 -4.57
N TYR A 196 -8.14 -10.08 -3.94
CA TYR A 196 -8.20 -10.23 -2.45
C TYR A 196 -6.81 -10.04 -1.76
N GLY A 197 -5.77 -10.49 -2.48
CA GLY A 197 -4.41 -10.46 -2.06
C GLY A 197 -3.83 -9.08 -1.93
N ALA A 198 -4.56 -8.04 -2.33
CA ALA A 198 -4.01 -6.70 -2.23
C ALA A 198 -4.53 -6.03 -0.99
N ALA A 199 -5.06 -6.81 -0.08
CA ALA A 199 -5.55 -6.27 1.19
C ALA A 199 -4.59 -5.23 1.81
N GLU A 200 -5.15 -4.08 2.19
CA GLU A 200 -4.36 -2.98 2.60
C GLU A 200 -3.60 -3.37 3.89
N ALA A 201 -2.31 -3.04 3.88
CA ALA A 201 -1.39 -3.28 5.01
C ALA A 201 -1.27 -4.75 5.41
N GLY A 202 -1.57 -5.65 4.47
CA GLY A 202 -1.66 -7.10 4.70
C GLY A 202 -2.64 -7.55 5.75
N LEU A 203 -3.55 -6.71 6.17
CA LEU A 203 -4.55 -7.09 7.19
C LEU A 203 -5.72 -7.88 6.62
N GLU A 204 -6.03 -9.01 7.22
CA GLU A 204 -7.07 -9.89 6.70
C GLU A 204 -8.39 -9.18 6.43
N TYR A 205 -8.90 -9.39 5.22
CA TYR A 205 -10.26 -8.90 4.80
C TYR A 205 -10.32 -7.41 4.60
N ASN A 206 -9.17 -6.74 4.69
CA ASN A 206 -9.12 -5.27 4.62
C ASN A 206 -9.31 -4.71 3.17
N THR A 207 -9.53 -3.40 3.11
CA THR A 207 -9.78 -2.70 1.91
C THR A 207 -8.74 -3.01 0.83
N VAL A 208 -9.25 -3.15 -0.38
CA VAL A 208 -8.46 -3.26 -1.60
C VAL A 208 -8.85 -2.10 -2.51
N ASN A 209 -7.88 -1.48 -3.13
CA ASN A 209 -8.16 -0.45 -4.10
C ASN A 209 -7.03 -0.36 -5.04
N MET A 210 -7.39 -0.35 -6.30
CA MET A 210 -6.47 -0.05 -7.37
C MET A 210 -7.30 0.42 -8.58
N SER A 211 -6.66 0.98 -9.57
CA SER A 211 -7.35 1.43 -10.76
C SER A 211 -7.84 0.21 -11.55
N THR A 212 -8.94 0.39 -12.26
CA THR A 212 -9.47 -0.67 -13.14
C THR A 212 -8.39 -1.15 -14.14
N ARG A 213 -7.59 -0.23 -14.69
CA ARG A 213 -6.48 -0.64 -15.57
C ARG A 213 -5.53 -1.63 -14.89
N GLU A 214 -5.11 -1.30 -13.65
CA GLU A 214 -4.21 -2.23 -12.92
C GLU A 214 -4.89 -3.57 -12.62
N LEU A 215 -6.15 -3.48 -12.23
CA LEU A 215 -6.92 -4.73 -12.01
C LEU A 215 -6.83 -5.60 -13.24
N TYR A 216 -7.17 -5.09 -14.42
CA TYR A 216 -7.02 -5.84 -15.64
C TYR A 216 -5.57 -6.24 -15.94
N GLN A 217 -4.67 -5.26 -15.83
CA GLN A 217 -3.28 -5.53 -16.17
C GLN A 217 -2.61 -6.66 -15.43
N ASN A 218 -2.77 -6.72 -14.11
CA ASN A 218 -2.00 -7.68 -13.19
C ASN A 218 -2.85 -8.60 -12.31
N TYR A 219 -4.03 -8.11 -11.90
CA TYR A 219 -4.88 -8.80 -10.91
C TYR A 219 -5.87 -9.85 -11.52
N LEU A 220 -6.43 -9.62 -12.72
CA LEU A 220 -7.37 -10.55 -13.33
C LEU A 220 -6.73 -11.69 -14.20
N PRO A 221 -5.51 -11.48 -14.75
CA PRO A 221 -5.24 -12.44 -15.80
C PRO A 221 -5.24 -13.92 -15.33
N ALA A 222 -4.79 -14.21 -14.09
CA ALA A 222 -4.70 -15.59 -13.71
C ALA A 222 -6.06 -16.20 -13.54
N TYR A 223 -7.02 -15.48 -13.01
CA TYR A 223 -8.34 -16.10 -12.91
C TYR A 223 -8.80 -16.41 -14.35
N ASN A 224 -8.50 -15.47 -15.24
CA ASN A 224 -8.99 -15.55 -16.64
C ASN A 224 -8.37 -16.79 -17.32
N ALA A 225 -7.06 -16.95 -17.18
CA ALA A 225 -6.38 -18.13 -17.72
C ALA A 225 -7.07 -19.44 -17.19
N ALA A 226 -7.40 -19.47 -15.90
CA ALA A 226 -7.99 -20.71 -15.34
C ALA A 226 -9.41 -20.96 -15.81
N ILE A 227 -10.15 -19.86 -15.94
CA ILE A 227 -11.51 -19.86 -16.50
C ILE A 227 -11.50 -20.39 -17.95
N GLN A 228 -10.55 -19.91 -18.74
CA GLN A 228 -10.45 -20.21 -20.16
C GLN A 228 -9.94 -21.62 -20.31
N ALA A 229 -9.24 -22.15 -19.31
CA ALA A 229 -8.85 -23.56 -19.33
C ALA A 229 -10.01 -24.47 -18.91
N GLY A 230 -11.14 -23.90 -18.51
CA GLY A 230 -12.35 -24.68 -18.17
C GLY A 230 -12.68 -24.94 -16.71
N ALA A 231 -12.10 -24.15 -15.80
CA ALA A 231 -12.51 -24.23 -14.38
C ALA A 231 -14.03 -24.16 -14.27
N LYS A 232 -14.61 -25.11 -13.55
CA LYS A 232 -16.06 -25.28 -13.53
C LYS A 232 -16.78 -24.30 -12.65
N LEU A 233 -16.18 -23.94 -11.51
CA LEU A 233 -16.70 -22.89 -10.62
C LEU A 233 -15.77 -21.67 -10.41
N VAL A 234 -16.37 -20.61 -9.88
CA VAL A 234 -15.63 -19.46 -9.43
C VAL A 234 -16.22 -19.10 -8.08
N MET A 235 -15.33 -18.74 -7.14
CA MET A 235 -15.75 -18.27 -5.80
C MET A 235 -15.51 -16.70 -5.64
N THR A 236 -16.48 -16.01 -5.05
CA THR A 236 -16.37 -14.55 -4.85
C THR A 236 -15.33 -14.27 -3.75
N ALA A 237 -14.83 -13.02 -3.69
CA ALA A 237 -13.92 -12.60 -2.68
C ALA A 237 -14.57 -11.77 -1.57
N PHE A 238 -14.00 -11.86 -0.36
CA PHE A 238 -14.39 -11.06 0.80
C PHE A 238 -14.25 -9.54 0.70
N ASN A 239 -13.26 -9.09 -0.10
CA ASN A 239 -12.92 -7.61 -0.22
C ASN A 239 -13.81 -6.79 -1.13
N VAL A 240 -13.82 -5.48 -0.86
CA VAL A 240 -14.35 -4.55 -1.84
C VAL A 240 -13.47 -4.63 -3.07
N VAL A 241 -14.08 -4.36 -4.21
CA VAL A 241 -13.35 -4.01 -5.41
C VAL A 241 -13.88 -2.68 -5.88
N ASP A 242 -13.01 -1.68 -5.93
CA ASP A 242 -13.40 -0.26 -6.15
C ASP A 242 -14.60 0.20 -5.35
N GLY A 243 -14.60 -0.17 -4.08
CA GLY A 243 -15.60 0.29 -3.14
C GLY A 243 -16.80 -0.60 -2.96
N ILE A 244 -16.92 -1.65 -3.77
CA ILE A 244 -18.11 -2.54 -3.74
C ILE A 244 -17.70 -3.96 -3.44
N PRO A 245 -18.24 -4.55 -2.34
CA PRO A 245 -17.89 -5.92 -2.01
C PRO A 245 -18.00 -6.77 -3.26
N ALA A 246 -17.02 -7.60 -3.54
CA ALA A 246 -17.06 -8.36 -4.75
C ALA A 246 -18.35 -9.21 -4.94
N THR A 247 -18.91 -9.64 -3.84
CA THR A 247 -20.08 -10.61 -3.91
C THR A 247 -21.33 -9.97 -4.55
N MET A 248 -21.49 -8.64 -4.44
CA MET A 248 -22.64 -7.92 -5.00
C MET A 248 -22.18 -6.83 -6.01
N ASN A 249 -21.00 -7.07 -6.55
CA ASN A 249 -20.45 -6.21 -7.55
C ASN A 249 -20.91 -6.75 -8.93
N LYS A 250 -21.95 -6.06 -9.46
CA LYS A 250 -22.60 -6.43 -10.70
C LYS A 250 -21.62 -6.32 -11.81
N TRP A 251 -20.99 -5.16 -11.93
CA TRP A 251 -19.95 -4.95 -12.94
C TRP A 251 -18.93 -6.10 -12.97
N LEU A 252 -18.36 -6.46 -11.83
CA LEU A 252 -17.33 -7.51 -11.77
C LEU A 252 -17.77 -8.90 -12.16
N ASN A 253 -18.93 -9.30 -11.62
CA ASN A 253 -19.44 -10.64 -11.79
C ASN A 253 -20.36 -10.85 -13.04
N ARG A 254 -21.12 -9.85 -13.47
CA ARG A 254 -21.92 -9.93 -14.72
C ARG A 254 -21.09 -9.40 -15.90
N ASP A 255 -20.62 -8.17 -15.84
CA ASP A 255 -19.91 -7.59 -17.03
C ASP A 255 -18.58 -8.27 -17.35
N VAL A 256 -17.73 -8.43 -16.34
CA VAL A 256 -16.41 -8.98 -16.52
C VAL A 256 -16.43 -10.53 -16.46
N LEU A 257 -16.82 -11.07 -15.32
CA LEU A 257 -16.71 -12.52 -15.14
C LEU A 257 -17.58 -13.18 -16.18
N ARG A 258 -18.86 -12.85 -16.23
CA ARG A 258 -19.78 -13.56 -17.14
C ARG A 258 -19.76 -13.07 -18.58
N GLY A 259 -19.59 -11.77 -18.76
CA GLY A 259 -19.49 -11.23 -20.07
C GLY A 259 -18.11 -11.45 -20.67
N GLU A 260 -17.13 -10.70 -20.23
CA GLU A 260 -15.83 -10.68 -20.95
C GLU A 260 -15.13 -12.02 -20.80
N MET A 261 -15.18 -12.62 -19.62
CA MET A 261 -14.47 -13.90 -19.44
C MET A 261 -15.31 -15.08 -19.95
N GLU A 262 -16.53 -14.80 -20.36
CA GLU A 262 -17.49 -15.84 -20.86
C GLU A 262 -17.66 -17.00 -19.88
N PHE A 263 -17.56 -16.69 -18.59
CA PHE A 263 -17.85 -17.69 -17.54
C PHE A 263 -19.35 -17.96 -17.42
N ASP A 264 -19.69 -19.23 -17.57
CA ASP A 264 -21.10 -19.68 -17.54
C ASP A 264 -21.36 -20.80 -16.50
N GLY A 265 -20.45 -20.98 -15.52
CA GLY A 265 -20.66 -21.86 -14.40
C GLY A 265 -21.27 -21.23 -13.15
N VAL A 266 -21.18 -22.00 -12.06
CA VAL A 266 -21.68 -21.64 -10.75
C VAL A 266 -20.74 -20.68 -10.07
N LEU A 267 -21.32 -19.61 -9.58
CA LEU A 267 -20.61 -18.58 -8.84
C LEU A 267 -21.08 -18.79 -7.42
N ILE A 268 -20.20 -19.36 -6.62
CA ILE A 268 -20.42 -19.57 -5.18
C ILE A 268 -19.81 -18.45 -4.35
N SER A 269 -20.50 -18.02 -3.31
CA SER A 269 -20.03 -16.91 -2.51
C SER A 269 -18.93 -17.49 -1.64
N ASP A 270 -17.99 -16.71 -1.18
CA ASP A 270 -17.16 -17.22 -0.08
C ASP A 270 -18.04 -17.23 1.23
N TRP A 271 -17.48 -17.77 2.29
CA TRP A 271 -18.17 -18.04 3.54
C TRP A 271 -18.83 -16.82 4.21
N GLY A 272 -20.15 -16.85 4.22
CA GLY A 272 -20.93 -15.71 4.64
C GLY A 272 -20.74 -14.43 3.84
N ALA A 273 -20.10 -14.46 2.68
CA ALA A 273 -19.82 -13.16 1.98
C ALA A 273 -21.10 -12.38 1.53
N VAL A 274 -22.18 -13.14 1.27
CA VAL A 274 -23.47 -12.56 0.86
C VAL A 274 -24.04 -11.69 2.02
N ALA A 275 -24.15 -12.28 3.22
CA ALA A 275 -24.57 -11.56 4.45
C ALA A 275 -23.59 -10.37 4.83
N GLU A 276 -22.31 -10.60 4.62
CA GLU A 276 -21.27 -9.65 5.02
C GLU A 276 -21.31 -8.35 4.26
N VAL A 277 -22.02 -8.29 3.10
CA VAL A 277 -22.09 -7.02 2.37
C VAL A 277 -22.82 -6.04 3.25
N ILE A 278 -23.59 -6.57 4.22
CA ILE A 278 -24.16 -5.71 5.29
C ILE A 278 -23.06 -5.01 6.13
N ASN A 279 -22.16 -5.79 6.73
CA ASN A 279 -21.07 -5.23 7.51
C ASN A 279 -20.28 -4.20 6.72
N HIS A 280 -20.09 -4.47 5.44
CA HIS A 280 -19.35 -3.68 4.54
C HIS A 280 -20.04 -2.36 4.27
N GLY A 281 -21.32 -2.30 4.61
CA GLY A 281 -22.10 -1.07 4.43
C GLY A 281 -22.71 -0.83 3.04
N THR A 282 -22.88 -1.86 2.22
CA THR A 282 -23.45 -1.74 0.90
C THR A 282 -24.81 -2.52 0.80
N ALA A 283 -25.39 -2.82 1.95
CA ALA A 283 -26.77 -3.39 2.06
C ALA A 283 -27.20 -3.12 3.45
N ARG A 284 -28.41 -2.63 3.62
CA ARG A 284 -28.94 -2.31 4.98
C ARG A 284 -29.32 -3.58 5.78
N ASN A 285 -29.67 -4.64 5.10
CA ASN A 285 -30.28 -5.76 5.74
C ASN A 285 -30.27 -6.96 4.80
N PRO A 286 -30.61 -8.16 5.35
CA PRO A 286 -30.47 -9.40 4.52
C PRO A 286 -31.32 -9.43 3.25
N LYS A 287 -32.43 -8.67 3.28
CA LYS A 287 -33.24 -8.52 2.06
C LYS A 287 -32.51 -7.79 1.00
N GLU A 288 -31.81 -6.74 1.36
CA GLU A 288 -31.02 -6.00 0.37
C GLU A 288 -29.81 -6.84 -0.05
N ALA A 289 -29.15 -7.51 0.88
CA ALA A 289 -28.02 -8.36 0.51
C ALA A 289 -28.34 -9.40 -0.54
N ALA A 290 -29.47 -10.05 -0.29
CA ALA A 290 -29.93 -11.08 -1.16
C ALA A 290 -30.20 -10.51 -2.56
N GLN A 291 -30.99 -9.48 -2.59
CA GLN A 291 -31.36 -8.95 -3.89
C GLN A 291 -30.10 -8.61 -4.70
N PHE A 292 -29.14 -7.96 -4.04
CA PHE A 292 -27.96 -7.39 -4.72
C PHE A 292 -27.02 -8.52 -5.16
N SER A 293 -26.93 -9.56 -4.37
CA SER A 293 -26.11 -10.71 -4.71
C SER A 293 -26.69 -11.50 -5.85
N MET A 294 -28.00 -11.70 -5.81
CA MET A 294 -28.66 -12.42 -6.91
C MET A 294 -28.59 -11.56 -8.20
N GLU A 295 -28.80 -10.25 -8.11
CA GLU A 295 -28.62 -9.40 -9.30
C GLU A 295 -27.21 -9.47 -9.85
N ALA A 296 -26.22 -9.63 -8.98
CA ALA A 296 -24.84 -9.72 -9.42
C ALA A 296 -24.53 -11.08 -9.98
N GLY A 297 -25.40 -12.09 -9.73
CA GLY A 297 -25.21 -13.43 -10.32
C GLY A 297 -24.49 -14.44 -9.47
N VAL A 298 -24.57 -14.21 -8.16
CA VAL A 298 -24.14 -15.24 -7.19
C VAL A 298 -25.21 -16.33 -7.11
N ASP A 299 -24.79 -17.56 -7.40
CA ASP A 299 -25.69 -18.70 -7.58
C ASP A 299 -25.88 -19.50 -6.36
N LEU A 300 -24.94 -19.42 -5.42
CA LEU A 300 -24.84 -20.32 -4.26
C LEU A 300 -24.26 -19.57 -3.05
N GLU A 301 -25.10 -19.39 -2.05
CA GLU A 301 -24.78 -18.71 -0.82
C GLU A 301 -24.12 -19.69 0.18
N MET A 302 -22.87 -19.43 0.54
CA MET A 302 -22.16 -20.35 1.44
C MET A 302 -22.44 -20.06 2.90
N MET A 303 -23.29 -20.90 3.51
CA MET A 303 -23.47 -20.99 4.95
C MET A 303 -24.07 -19.74 5.61
N THR A 304 -24.76 -18.91 4.79
CA THR A 304 -25.71 -17.87 5.29
C THR A 304 -27.08 -18.05 4.65
N THR A 305 -28.02 -17.28 5.12
CA THR A 305 -29.42 -17.60 4.87
C THR A 305 -30.16 -16.46 4.19
N CYS A 306 -29.43 -15.48 3.64
CA CYS A 306 -30.13 -14.31 3.06
C CYS A 306 -31.10 -14.74 1.98
N TYR A 307 -30.66 -15.66 1.13
CA TYR A 307 -31.52 -16.16 0.04
C TYR A 307 -32.80 -16.87 0.52
N ILE A 308 -32.64 -17.85 1.39
CA ILE A 308 -33.80 -18.66 1.82
C ILE A 308 -34.89 -17.87 2.56
N HIS A 309 -34.50 -16.86 3.30
CA HIS A 309 -35.47 -16.11 4.06
C HIS A 309 -35.96 -14.96 3.24
N GLU A 310 -35.33 -14.62 2.12
CA GLU A 310 -35.71 -13.37 1.42
C GLU A 310 -36.04 -13.40 -0.04
N LEU A 311 -35.64 -14.43 -0.77
CA LEU A 311 -35.90 -14.46 -2.22
C LEU A 311 -37.36 -14.49 -2.59
N LYS A 312 -38.12 -15.32 -1.89
CA LYS A 312 -39.54 -15.41 -2.14
C LYS A 312 -40.16 -13.98 -2.14
N GLY A 313 -40.04 -13.31 -1.01
CA GLY A 313 -40.57 -11.95 -0.85
C GLY A 313 -40.08 -11.05 -1.96
N LEU A 314 -38.80 -11.14 -2.32
CA LEU A 314 -38.26 -10.30 -3.42
C LEU A 314 -38.96 -10.56 -4.78
N ILE A 315 -39.23 -11.83 -5.04
CA ILE A 315 -39.86 -12.25 -6.28
C ILE A 315 -41.37 -11.98 -6.23
N GLU A 316 -42.04 -12.46 -5.19
CA GLU A 316 -43.47 -12.12 -5.00
C GLU A 316 -43.74 -10.61 -5.06
N GLU A 317 -42.90 -9.79 -4.41
CA GLU A 317 -43.00 -8.31 -4.52
C GLU A 317 -42.53 -7.71 -5.84
N GLY A 318 -41.94 -8.49 -6.73
CA GLY A 318 -41.44 -7.92 -7.99
C GLY A 318 -40.19 -7.00 -7.92
N LYS A 319 -39.42 -7.07 -6.82
CA LYS A 319 -38.12 -6.36 -6.76
C LYS A 319 -37.03 -7.16 -7.44
N LEU A 320 -37.29 -8.46 -7.69
CA LEU A 320 -36.40 -9.39 -8.42
C LEU A 320 -37.18 -10.21 -9.39
N SER A 321 -36.67 -10.33 -10.60
CA SER A 321 -37.20 -11.28 -11.54
C SER A 321 -36.85 -12.72 -11.12
N GLU A 322 -37.84 -13.60 -11.18
CA GLU A 322 -37.64 -15.02 -10.95
C GLU A 322 -36.78 -15.68 -12.04
N ASN A 323 -36.67 -15.05 -13.20
CA ASN A 323 -35.77 -15.55 -14.22
C ASN A 323 -34.32 -15.60 -13.70
N LEU A 324 -33.89 -14.59 -12.94
CA LEU A 324 -32.54 -14.65 -12.31
C LEU A 324 -32.40 -15.92 -11.45
N LEU A 325 -33.42 -16.21 -10.66
CA LEU A 325 -33.38 -17.40 -9.83
C LEU A 325 -33.35 -18.67 -10.65
N ASP A 326 -34.09 -18.68 -11.75
CA ASP A 326 -34.10 -19.88 -12.59
C ASP A 326 -32.73 -20.07 -13.26
N GLU A 327 -32.06 -18.98 -13.64
CA GLU A 327 -30.75 -19.23 -14.27
C GLU A 327 -29.71 -19.80 -13.25
N ALA A 328 -29.69 -19.27 -12.02
CA ALA A 328 -28.86 -19.82 -10.92
C ALA A 328 -29.11 -21.31 -10.72
N VAL A 329 -30.40 -21.66 -10.64
CA VAL A 329 -30.79 -23.05 -10.44
C VAL A 329 -30.32 -23.89 -11.63
N LEU A 330 -30.55 -23.42 -12.86
CA LEU A 330 -30.05 -24.13 -14.01
C LEU A 330 -28.50 -24.32 -13.93
N ARG A 331 -27.72 -23.26 -13.62
CA ARG A 331 -26.26 -23.46 -13.50
C ARG A 331 -25.91 -24.50 -12.40
N MET A 332 -26.65 -24.49 -11.30
CA MET A 332 -26.48 -25.49 -10.25
C MET A 332 -26.74 -26.91 -10.75
N LEU A 333 -27.85 -27.14 -11.47
CA LEU A 333 -28.13 -28.51 -11.98
C LEU A 333 -27.15 -28.91 -13.12
N ASN A 334 -26.75 -27.96 -13.97
CA ASN A 334 -25.82 -28.27 -15.04
C ASN A 334 -24.51 -28.77 -14.47
N LEU A 335 -23.94 -28.08 -13.47
CA LEU A 335 -22.81 -28.65 -12.67
C LEU A 335 -23.04 -30.09 -12.24
N LYS A 336 -24.17 -30.33 -11.60
CA LYS A 336 -24.46 -31.68 -11.00
C LYS A 336 -24.45 -32.70 -12.12
N ASN A 337 -25.04 -32.28 -13.25
CA ASN A 337 -25.03 -33.12 -14.44
C ASN A 337 -23.65 -33.28 -15.04
N ASP A 338 -22.86 -32.21 -15.03
CA ASP A 338 -21.51 -32.35 -15.57
C ASP A 338 -20.70 -33.40 -14.77
N LEU A 339 -21.01 -33.53 -13.47
CA LEU A 339 -20.36 -34.52 -12.57
C LEU A 339 -21.07 -35.91 -12.61
N GLY A 340 -22.17 -35.95 -13.36
CA GLY A 340 -22.87 -37.22 -13.66
C GLY A 340 -23.65 -37.67 -12.46
N LEU A 341 -24.04 -36.75 -11.61
CA LEU A 341 -24.75 -37.09 -10.36
C LEU A 341 -26.20 -37.54 -10.55
N PHE A 342 -26.81 -37.24 -11.68
CA PHE A 342 -28.17 -37.68 -11.97
C PHE A 342 -28.19 -39.18 -12.34
N GLU A 343 -27.11 -39.70 -12.92
CA GLU A 343 -26.96 -41.16 -13.16
C GLU A 343 -26.23 -41.92 -12.04
N ASP A 344 -25.23 -41.29 -11.39
CA ASP A 344 -24.56 -41.81 -10.17
C ASP A 344 -24.22 -40.71 -9.11
N PRO A 345 -25.12 -40.53 -8.13
CA PRO A 345 -25.01 -39.53 -7.06
C PRO A 345 -23.86 -39.74 -6.07
N TYR A 346 -23.36 -40.98 -5.99
CA TYR A 346 -22.25 -41.35 -5.11
C TYR A 346 -20.95 -41.31 -5.90
N ARG A 347 -21.07 -41.00 -7.19
CA ARG A 347 -19.93 -40.69 -8.07
C ARG A 347 -18.79 -41.70 -7.94
N GLY A 348 -19.11 -42.95 -8.23
CA GLY A 348 -18.13 -44.04 -8.26
C GLY A 348 -17.95 -44.81 -6.95
N LEU A 349 -18.57 -44.35 -5.88
CA LEU A 349 -18.25 -44.90 -4.56
C LEU A 349 -19.16 -46.07 -4.15
N LYS A 350 -20.38 -46.06 -4.68
CA LYS A 350 -21.48 -46.74 -3.96
C LYS A 350 -21.14 -48.20 -3.77
N ASN A 351 -20.64 -48.80 -4.85
CA ASN A 351 -20.18 -50.18 -4.85
C ASN A 351 -18.67 -50.42 -4.85
N ASN A 352 -17.88 -49.36 -4.75
CA ASN A 352 -16.49 -49.50 -5.04
C ASN A 352 -15.76 -48.60 -4.06
N ASP A 353 -15.35 -49.21 -2.94
CA ASP A 353 -14.46 -48.60 -1.94
C ASP A 353 -13.08 -48.32 -2.53
N ARG A 354 -12.73 -47.04 -2.53
CA ARG A 354 -11.47 -46.61 -3.10
C ARG A 354 -10.44 -46.18 -2.03
N THR A 355 -10.63 -46.60 -0.76
CA THR A 355 -9.63 -46.37 0.31
C THR A 355 -8.21 -46.74 -0.11
N LYS A 356 -8.10 -47.76 -0.95
CA LYS A 356 -6.82 -48.16 -1.53
C LYS A 356 -6.11 -47.03 -2.32
N ASP A 357 -6.85 -46.07 -2.84
CA ASP A 357 -6.22 -45.01 -3.62
C ASP A 357 -5.62 -43.89 -2.74
N ILE A 358 -5.84 -43.94 -1.42
CA ILE A 358 -5.51 -42.82 -0.51
C ILE A 358 -4.19 -43.07 0.21
N LEU A 359 -3.27 -42.11 0.11
CA LEU A 359 -1.98 -42.19 0.78
C LEU A 359 -1.13 -43.38 0.32
N THR A 360 -1.18 -43.70 -0.96
CA THR A 360 -0.31 -44.77 -1.50
C THR A 360 1.13 -44.34 -1.37
N ASP A 361 2.06 -45.29 -1.54
CA ASP A 361 3.50 -44.96 -1.61
C ASP A 361 3.90 -44.20 -2.87
N GLU A 362 3.27 -44.53 -4.00
CA GLU A 362 3.49 -43.80 -5.22
C GLU A 362 3.18 -42.31 -5.06
N SER A 363 2.08 -42.01 -4.38
CA SER A 363 1.66 -40.65 -4.08
C SER A 363 2.64 -39.92 -3.17
N ARG A 364 3.16 -40.62 -2.16
CA ARG A 364 4.20 -40.10 -1.29
C ARG A 364 5.46 -39.72 -2.08
N GLY A 365 5.89 -40.61 -2.99
CA GLY A 365 6.99 -40.34 -3.90
C GLY A 365 6.79 -39.09 -4.76
N LYS A 366 5.60 -38.92 -5.35
CA LYS A 366 5.24 -37.66 -6.01
C LYS A 366 5.31 -36.44 -5.08
N ALA A 367 4.81 -36.50 -3.84
CA ALA A 367 4.88 -35.31 -2.90
C ALA A 367 6.34 -34.95 -2.55
N ARG A 368 7.12 -36.00 -2.43
CA ARG A 368 8.48 -35.86 -2.10
C ARG A 368 9.17 -35.19 -3.25
N ALA A 369 8.90 -35.64 -4.47
CA ALA A 369 9.48 -35.03 -5.65
C ALA A 369 9.03 -33.59 -5.73
N ALA A 370 7.76 -33.32 -5.43
CA ALA A 370 7.27 -31.91 -5.39
C ALA A 370 8.08 -31.06 -4.42
N GLY A 371 8.34 -31.58 -3.24
CA GLY A 371 9.21 -30.94 -2.23
C GLY A 371 10.56 -30.54 -2.72
N VAL A 372 11.28 -31.48 -3.35
CA VAL A 372 12.61 -31.19 -3.81
C VAL A 372 12.65 -30.32 -5.02
N GLU A 373 11.54 -30.24 -5.79
CA GLU A 373 11.38 -29.23 -6.88
C GLU A 373 11.11 -27.82 -6.38
N SER A 374 10.46 -27.70 -5.24
CA SER A 374 10.00 -26.45 -4.67
C SER A 374 10.91 -25.74 -3.68
N ALA A 375 11.86 -26.44 -3.03
CA ALA A 375 12.69 -25.77 -2.08
C ALA A 375 13.63 -24.87 -2.83
N VAL A 376 14.09 -23.86 -2.10
CA VAL A 376 14.91 -22.80 -2.67
C VAL A 376 16.19 -22.63 -1.91
N LEU A 377 17.31 -22.84 -2.57
CA LEU A 377 18.59 -22.73 -1.91
C LEU A 377 19.03 -21.31 -2.04
N LEU A 378 19.13 -20.64 -0.92
CA LEU A 378 19.36 -19.19 -0.88
C LEU A 378 20.79 -18.86 -0.62
N GLU A 379 21.43 -19.55 0.31
CA GLU A 379 22.91 -19.36 0.50
C GLU A 379 23.64 -20.70 0.60
N ASN A 380 24.89 -20.71 0.15
CA ASN A 380 25.68 -21.91 0.30
C ASN A 380 27.13 -21.55 0.19
N LYS A 381 27.66 -21.08 1.28
CA LYS A 381 29.03 -20.54 1.27
C LYS A 381 30.05 -21.66 1.37
N SER A 382 30.94 -21.76 0.41
CA SER A 382 32.03 -22.73 0.46
C SER A 382 31.67 -24.19 0.22
N ARG A 383 30.60 -24.44 -0.52
CA ARG A 383 30.20 -25.83 -0.75
C ARG A 383 30.04 -26.58 0.56
N LEU A 384 29.60 -25.86 1.62
CA LEU A 384 29.04 -26.57 2.77
C LEU A 384 28.10 -27.64 2.31
N LEU A 385 27.14 -27.29 1.45
CA LEU A 385 26.19 -28.31 0.96
C LEU A 385 26.58 -28.83 -0.44
N PRO A 386 26.29 -30.10 -0.78
CA PRO A 386 25.62 -31.12 0.02
C PRO A 386 26.56 -31.69 1.10
N LEU A 387 25.99 -32.28 2.17
CA LEU A 387 26.83 -32.83 3.22
C LEU A 387 27.19 -34.29 2.85
N ALA A 388 28.31 -34.82 3.35
CA ALA A 388 28.65 -36.22 3.16
C ALA A 388 27.70 -37.04 4.05
N LYS A 389 27.33 -38.23 3.61
CA LYS A 389 26.48 -39.10 4.42
C LYS A 389 27.05 -39.45 5.76
N GLU A 390 28.35 -39.37 5.90
CA GLU A 390 28.95 -39.58 7.23
C GLU A 390 29.16 -38.28 8.07
N ALA A 391 28.68 -37.14 7.58
CA ALA A 391 28.78 -35.90 8.37
C ALA A 391 28.11 -36.09 9.72
N LYS A 392 28.77 -35.56 10.74
CA LYS A 392 28.22 -35.63 12.08
C LYS A 392 27.43 -34.33 12.35
N ILE A 393 26.11 -34.51 12.45
CA ILE A 393 25.16 -33.39 12.45
C ILE A 393 24.60 -33.11 13.84
N ALA A 394 24.76 -31.88 14.32
CA ALA A 394 23.93 -31.37 15.40
C ALA A 394 22.69 -30.72 14.81
N LEU A 395 21.55 -31.34 15.12
CA LEU A 395 20.29 -30.91 14.57
C LEU A 395 19.57 -30.17 15.67
N VAL A 396 19.50 -28.84 15.57
CA VAL A 396 18.94 -28.06 16.68
C VAL A 396 17.88 -27.08 16.20
N GLY A 397 16.97 -26.70 17.09
CA GLY A 397 15.94 -25.69 16.84
C GLY A 397 14.50 -26.16 16.94
N PRO A 398 13.54 -25.23 16.83
CA PRO A 398 12.17 -25.55 16.97
C PRO A 398 11.60 -26.41 15.87
N LEU A 399 12.30 -26.54 14.77
CA LEU A 399 11.89 -27.41 13.68
C LEU A 399 12.66 -28.73 13.53
N ALA A 400 13.54 -29.00 14.50
CA ALA A 400 14.23 -30.30 14.61
C ALA A 400 13.26 -31.48 14.65
N THR A 401 12.27 -31.41 15.53
CA THR A 401 11.32 -32.50 15.76
C THR A 401 9.85 -32.10 15.58
N SER A 402 9.56 -30.80 15.44
CA SER A 402 8.17 -30.39 15.34
C SER A 402 7.54 -31.18 14.20
N PRO A 403 6.41 -31.81 14.45
CA PRO A 403 5.62 -32.45 13.39
C PRO A 403 4.80 -31.47 12.51
N ASP A 404 4.87 -30.16 12.85
CA ASP A 404 4.14 -29.06 12.11
C ASP A 404 4.88 -28.63 10.83
N ILE A 405 4.87 -29.54 9.88
CA ILE A 405 5.51 -29.34 8.57
C ILE A 405 4.54 -29.52 7.37
N LEU A 406 3.27 -29.79 7.64
CA LEU A 406 2.30 -30.11 6.57
C LEU A 406 1.79 -28.83 5.94
N GLY A 407 1.89 -27.73 6.66
CA GLY A 407 1.50 -26.43 6.18
C GLY A 407 0.11 -26.00 6.53
N GLY A 408 -0.16 -24.71 6.32
CA GLY A 408 -1.52 -24.18 6.38
C GLY A 408 -2.43 -24.77 5.26
N TRP A 409 -3.72 -24.58 5.43
CA TRP A 409 -4.74 -25.08 4.46
C TRP A 409 -4.55 -26.56 4.21
N ASN A 410 -4.51 -27.26 5.33
CA ASN A 410 -4.39 -28.70 5.39
C ASN A 410 -5.57 -29.25 6.17
N VAL A 411 -6.72 -29.32 5.52
CA VAL A 411 -7.93 -29.74 6.21
C VAL A 411 -7.94 -31.22 6.47
N TYR A 412 -7.26 -32.02 5.62
CA TYR A 412 -7.45 -33.47 5.67
C TYR A 412 -6.19 -34.26 5.94
N GLY A 413 -5.02 -33.64 5.90
CA GLY A 413 -3.82 -34.44 6.03
C GLY A 413 -3.48 -34.63 7.49
N GLU A 414 -2.77 -35.69 7.83
CA GLU A 414 -2.53 -35.96 9.27
C GLU A 414 -1.06 -35.93 9.57
N GLU A 415 -0.73 -35.24 10.64
CA GLU A 415 0.66 -35.10 11.09
C GLU A 415 1.32 -36.40 11.48
N LYS A 416 0.53 -37.38 11.95
CA LYS A 416 1.11 -38.64 12.40
C LYS A 416 1.69 -39.40 11.22
N ASP A 417 1.21 -39.13 10.00
CA ASP A 417 1.73 -39.80 8.81
C ASP A 417 2.87 -39.02 8.19
N GLY A 418 3.09 -37.79 8.68
CA GLY A 418 4.14 -36.94 8.14
C GLY A 418 5.51 -37.29 8.64
N ILE A 419 6.56 -36.79 7.97
CA ILE A 419 7.91 -37.12 8.34
C ILE A 419 8.61 -35.85 8.89
N ASN A 420 8.99 -35.86 10.16
CA ASN A 420 9.70 -34.72 10.70
C ASN A 420 11.14 -34.66 10.26
N VAL A 421 11.79 -33.55 10.60
CA VAL A 421 13.13 -33.40 10.15
C VAL A 421 14.06 -34.43 10.78
N GLU A 422 13.97 -34.69 12.07
CA GLU A 422 14.88 -35.66 12.70
C GLU A 422 14.75 -37.03 12.02
N THR A 423 13.52 -37.57 11.96
CA THR A 423 13.28 -38.86 11.29
C THR A 423 13.82 -38.88 9.84
N GLY A 424 13.47 -37.87 9.06
CA GLY A 424 14.01 -37.74 7.71
C GLY A 424 15.52 -37.86 7.72
N LEU A 425 16.16 -37.18 8.68
CA LEU A 425 17.63 -37.11 8.66
C LEU A 425 18.30 -38.41 9.12
N ARG A 426 17.72 -39.07 10.12
CA ARG A 426 18.30 -40.35 10.56
C ARG A 426 18.18 -41.48 9.56
N GLU A 427 17.29 -41.36 8.58
CA GLU A 427 17.18 -42.30 7.44
C GLU A 427 18.42 -42.21 6.52
N VAL A 428 19.10 -41.08 6.54
CA VAL A 428 20.16 -40.81 5.58
C VAL A 428 21.53 -40.74 6.26
N PHE A 429 21.62 -40.05 7.41
CA PHE A 429 22.91 -39.78 8.11
C PHE A 429 23.12 -40.65 9.36
N GLU A 430 24.31 -41.22 9.53
CA GLU A 430 24.57 -42.20 10.62
C GLU A 430 24.58 -41.49 11.96
N THR A 431 25.25 -40.32 12.05
CA THR A 431 25.39 -39.58 13.30
C THR A 431 24.63 -38.25 13.34
N VAL A 432 23.58 -38.29 14.15
CA VAL A 432 22.77 -37.10 14.43
C VAL A 432 22.48 -36.93 15.93
N GLU A 433 22.82 -35.75 16.45
CA GLU A 433 22.43 -35.39 17.80
C GLU A 433 21.41 -34.25 17.79
N VAL A 434 20.28 -34.44 18.48
CA VAL A 434 19.19 -33.50 18.41
C VAL A 434 19.04 -32.67 19.64
N VAL A 435 18.70 -31.40 19.48
CA VAL A 435 18.29 -30.57 20.60
C VAL A 435 17.15 -29.71 20.04
N SER A 436 15.95 -30.12 20.42
CA SER A 436 14.73 -29.44 20.11
C SER A 436 14.62 -28.20 20.99
N THR A 437 14.14 -27.10 20.43
CA THR A 437 13.85 -25.93 21.27
C THR A 437 12.44 -25.51 20.96
N GLU A 438 11.89 -24.58 21.75
CA GLU A 438 10.54 -24.07 21.56
C GLU A 438 10.54 -22.96 20.50
N TYR A 439 9.38 -22.69 19.93
CA TYR A 439 9.23 -21.75 18.85
C TYR A 439 9.54 -20.31 19.27
N THR A 440 9.25 -19.92 20.52
CA THR A 440 9.31 -18.51 20.89
C THR A 440 10.22 -18.17 22.09
N GLU A 441 10.96 -19.18 22.55
CA GLU A 441 11.85 -19.07 23.71
C GLU A 441 13.24 -19.57 23.37
N LEU A 442 14.21 -19.02 24.10
CA LEU A 442 15.57 -19.53 24.12
C LEU A 442 16.11 -19.46 25.55
N SER A 443 16.08 -20.58 26.27
CA SER A 443 16.47 -20.63 27.69
C SER A 443 17.94 -20.91 27.87
N GLU A 444 18.46 -20.65 29.07
CA GLU A 444 19.89 -21.01 29.35
C GLU A 444 20.13 -22.51 29.28
N GLU A 445 19.18 -23.28 29.79
CA GLU A 445 19.23 -24.73 29.65
C GLU A 445 19.37 -25.13 28.16
N ASP A 446 18.61 -24.50 27.24
CA ASP A 446 18.71 -24.78 25.79
C ASP A 446 20.10 -24.50 25.30
N LYS A 447 20.62 -23.35 25.67
CA LYS A 447 21.94 -22.98 25.22
C LYS A 447 23.00 -23.98 25.68
N VAL A 448 22.93 -24.41 26.94
CA VAL A 448 23.90 -25.41 27.43
C VAL A 448 23.77 -26.70 26.58
N ALA A 449 22.54 -27.22 26.38
CA ALA A 449 22.34 -28.44 25.59
C ALA A 449 22.77 -28.29 24.10
N VAL A 450 22.51 -27.12 23.53
CA VAL A 450 22.91 -26.86 22.15
C VAL A 450 24.41 -26.85 22.04
N LYS A 451 25.05 -26.18 22.96
CA LYS A 451 26.52 -26.07 22.97
C LYS A 451 27.22 -27.44 23.08
N ALA A 452 26.69 -28.29 23.92
CA ALA A 452 27.18 -29.67 24.02
C ALA A 452 27.00 -30.49 22.71
N ALA A 453 25.82 -30.41 22.07
CA ALA A 453 25.60 -31.16 20.83
C ALA A 453 26.52 -30.69 19.72
N VAL A 454 26.72 -29.37 19.63
CA VAL A 454 27.54 -28.79 18.58
C VAL A 454 29.05 -29.13 18.81
N GLN A 455 29.47 -29.09 20.08
CA GLN A 455 30.84 -29.52 20.46
C GLN A 455 31.11 -30.94 20.05
N ASN A 456 30.16 -31.83 20.24
CA ASN A 456 30.31 -33.22 19.78
C ASN A 456 30.36 -33.43 18.25
N MET A 457 29.58 -32.69 17.48
CA MET A 457 29.36 -33.01 16.06
C MET A 457 30.25 -32.17 15.19
N ASP A 458 30.16 -32.27 13.87
CA ASP A 458 31.01 -31.40 12.99
C ASP A 458 30.28 -30.30 12.26
N VAL A 459 28.98 -30.48 12.02
CA VAL A 459 28.19 -29.46 11.28
C VAL A 459 26.82 -29.31 11.96
N VAL A 460 26.26 -28.10 11.92
CA VAL A 460 24.99 -27.85 12.58
C VAL A 460 23.88 -27.74 11.52
N VAL A 461 22.80 -28.49 11.69
CA VAL A 461 21.57 -28.25 10.94
C VAL A 461 20.61 -27.47 11.87
N LEU A 462 20.52 -26.15 11.66
CA LEU A 462 19.67 -25.25 12.49
C LEU A 462 18.27 -25.13 11.87
N ALA A 463 17.27 -25.75 12.49
CA ALA A 463 15.94 -25.88 11.87
C ALA A 463 14.98 -24.87 12.52
N LEU A 464 14.64 -23.85 11.74
CA LEU A 464 13.96 -22.67 12.23
C LEU A 464 12.68 -22.63 11.52
N GLY A 465 11.68 -21.97 12.11
CA GLY A 465 10.44 -21.73 11.38
C GLY A 465 9.20 -21.18 12.07
N GLU A 466 8.19 -20.94 11.22
CA GLU A 466 6.89 -20.50 11.67
C GLU A 466 6.06 -21.72 12.03
N LYS A 467 5.15 -21.58 13.01
CA LYS A 467 3.99 -22.44 13.12
C LYS A 467 3.02 -22.11 12.01
N ASN A 468 2.23 -23.08 11.55
CA ASN A 468 1.46 -22.83 10.34
C ASN A 468 0.31 -21.89 10.67
N GLU A 469 -0.14 -21.97 11.93
CA GLU A 469 -1.17 -21.07 12.46
C GLU A 469 -0.73 -19.56 12.52
N TRP A 470 0.54 -19.25 12.26
CA TRP A 470 0.93 -17.83 12.02
C TRP A 470 0.63 -17.28 10.61
N GLY A 471 0.09 -18.11 9.71
CA GLY A 471 -0.43 -17.66 8.43
C GLY A 471 -1.67 -18.47 8.05
N GLY A 472 -2.03 -18.45 6.78
CA GLY A 472 -3.37 -18.85 6.36
C GLY A 472 -4.37 -17.71 6.54
N GLU A 473 -5.65 -18.03 6.44
CA GLU A 473 -6.71 -17.06 6.61
C GLU A 473 -6.68 -16.48 8.02
N ALA A 474 -6.69 -15.16 8.14
CA ALA A 474 -6.78 -14.45 9.40
C ALA A 474 -5.47 -14.68 10.22
N GLY A 475 -4.39 -14.87 9.49
CA GLY A 475 -3.05 -14.98 10.02
C GLY A 475 -2.15 -13.90 9.47
N SER A 476 -2.54 -12.64 9.71
CA SER A 476 -1.78 -11.48 9.30
C SER A 476 -0.76 -11.15 10.35
N LEU A 477 0.46 -10.87 9.89
CA LEU A 477 1.50 -10.40 10.73
C LEU A 477 2.00 -9.07 10.29
N ALA A 478 1.99 -8.07 11.17
CA ALA A 478 2.43 -6.76 10.85
C ALA A 478 3.93 -6.67 10.62
N THR A 479 4.70 -7.42 11.39
CA THR A 479 6.15 -7.51 11.16
C THR A 479 6.47 -8.91 10.62
N ILE A 480 7.03 -9.00 9.43
CA ILE A 480 7.32 -10.31 8.85
C ILE A 480 8.66 -10.91 9.31
N ARG A 481 8.70 -11.21 10.60
CA ARG A 481 9.86 -11.83 11.29
C ARG A 481 9.51 -13.11 12.04
N LEU A 482 10.48 -14.01 12.17
CA LEU A 482 10.35 -15.12 13.08
C LEU A 482 10.30 -14.58 14.49
N PRO A 483 9.84 -15.37 15.46
CA PRO A 483 10.02 -14.91 16.85
C PRO A 483 11.47 -14.54 17.14
N GLU A 484 11.67 -13.49 17.87
CA GLU A 484 13.03 -13.00 18.16
C GLU A 484 13.91 -14.10 18.76
N ALA A 485 13.34 -15.03 19.52
CA ALA A 485 14.15 -16.05 20.14
C ALA A 485 14.84 -16.94 19.10
N GLN A 486 14.27 -17.04 17.88
CA GLN A 486 14.92 -17.83 16.81
C GLN A 486 16.11 -17.11 16.19
N TYR A 487 15.98 -15.80 16.06
CA TYR A 487 17.12 -14.98 15.56
C TYR A 487 18.25 -15.07 16.63
N GLN A 488 17.90 -15.02 17.93
CA GLN A 488 18.86 -15.17 19.03
C GLN A 488 19.54 -16.54 18.97
N LEU A 489 18.81 -17.60 18.65
CA LEU A 489 19.36 -18.92 18.57
C LEU A 489 20.33 -18.98 17.42
N ALA A 490 19.98 -18.43 16.28
CA ALA A 490 20.93 -18.44 15.16
C ALA A 490 22.22 -17.63 15.46
N LYS A 491 22.08 -16.54 16.21
CA LYS A 491 23.24 -15.76 16.66
C LYS A 491 24.06 -16.60 17.69
N PHE A 492 23.42 -17.32 18.60
CA PHE A 492 24.16 -18.17 19.52
C PHE A 492 24.90 -19.29 18.81
N VAL A 493 24.22 -20.04 17.96
CA VAL A 493 24.85 -21.12 17.22
C VAL A 493 26.05 -20.66 16.44
N GLN A 494 25.99 -19.45 15.91
CA GLN A 494 27.09 -18.92 15.15
C GLN A 494 28.38 -18.72 15.99
N THR A 495 28.27 -18.25 17.21
CA THR A 495 29.45 -18.14 18.08
C THR A 495 30.20 -19.49 18.36
N LEU A 496 29.63 -20.63 18.03
CA LEU A 496 30.20 -21.93 18.40
C LEU A 496 31.26 -22.43 17.42
N GLY A 497 31.41 -21.73 16.31
CA GLY A 497 32.53 -21.97 15.42
C GLY A 497 32.46 -23.19 14.53
N LYS A 498 31.27 -23.80 14.33
CA LYS A 498 31.12 -24.88 13.38
C LYS A 498 30.24 -24.39 12.24
N PRO A 499 30.44 -24.94 11.04
CA PRO A 499 29.57 -24.56 9.88
C PRO A 499 28.10 -24.89 10.18
N VAL A 500 27.24 -23.97 9.79
CA VAL A 500 25.81 -24.01 10.07
C VAL A 500 24.97 -23.97 8.80
N VAL A 501 24.09 -24.98 8.63
CA VAL A 501 23.04 -24.90 7.61
C VAL A 501 21.76 -24.53 8.29
N ILE A 502 21.05 -23.48 7.82
CA ILE A 502 19.72 -23.17 8.32
C ILE A 502 18.69 -23.71 7.33
N THR A 503 17.79 -24.56 7.83
CA THR A 503 16.72 -25.09 7.05
C THR A 503 15.53 -24.42 7.63
N LEU A 504 14.92 -23.55 6.81
CA LEU A 504 13.82 -22.68 7.20
C LEU A 504 12.46 -23.15 6.65
N PHE A 505 11.50 -23.26 7.58
CA PHE A 505 10.16 -23.71 7.30
C PHE A 505 9.20 -22.58 7.63
N ASN A 506 8.34 -22.27 6.67
CA ASN A 506 7.51 -21.10 6.77
C ASN A 506 6.53 -21.00 5.60
N GLY A 507 5.57 -20.06 5.73
CA GLY A 507 4.54 -19.88 4.75
C GLY A 507 4.43 -18.55 4.13
N ARG A 508 5.44 -17.70 4.36
CA ARG A 508 5.49 -16.40 3.76
C ARG A 508 6.94 -15.96 3.67
N PRO A 509 7.23 -15.10 2.72
CA PRO A 509 8.51 -14.44 2.88
C PRO A 509 8.75 -13.88 4.28
N LEU A 510 10.00 -13.91 4.72
CA LEU A 510 10.39 -13.35 6.04
C LEU A 510 11.65 -12.49 5.91
N GLU A 511 11.91 -11.59 6.87
CA GLU A 511 13.20 -10.91 7.01
C GLU A 511 14.32 -11.90 7.32
N VAL A 512 15.11 -12.29 6.35
CA VAL A 512 16.06 -13.35 6.59
C VAL A 512 17.50 -12.87 6.51
N LYS A 513 17.66 -11.55 6.49
CA LYS A 513 18.98 -11.02 6.38
C LYS A 513 19.88 -11.49 7.53
N GLU A 514 19.43 -11.34 8.75
CA GLU A 514 20.13 -11.88 9.93
C GLU A 514 20.37 -13.40 9.94
N LEU A 515 19.57 -14.18 9.19
CA LEU A 515 19.79 -15.61 9.21
C LEU A 515 20.89 -15.95 8.24
N ALA A 516 20.83 -15.34 7.05
CA ALA A 516 21.86 -15.48 6.01
C ALA A 516 23.20 -15.07 6.53
N GLU A 517 23.25 -13.97 7.26
CA GLU A 517 24.52 -13.50 7.78
C GLU A 517 25.01 -14.31 8.99
N SER A 518 24.18 -15.09 9.62
CA SER A 518 24.59 -15.85 10.81
C SER A 518 24.89 -17.37 10.52
N SER A 519 24.80 -17.76 9.23
CA SER A 519 24.94 -19.12 8.79
C SER A 519 25.80 -19.21 7.51
N ASP A 520 26.21 -20.42 7.16
CA ASP A 520 27.00 -20.58 5.95
C ASP A 520 26.10 -20.95 4.78
N ALA A 521 24.97 -21.58 5.09
CA ALA A 521 24.07 -22.08 4.09
C ALA A 521 22.68 -21.81 4.61
N LEU A 522 21.74 -21.62 3.68
CA LEU A 522 20.35 -21.34 4.02
C LEU A 522 19.44 -21.96 2.95
N LEU A 523 18.57 -22.85 3.35
CA LEU A 523 17.66 -23.54 2.46
C LEU A 523 16.20 -23.28 2.88
N GLU A 524 15.40 -22.84 1.94
CA GLU A 524 14.06 -22.48 2.17
C GLU A 524 13.22 -23.65 1.70
N LEU A 525 12.64 -24.37 2.64
CA LEU A 525 11.80 -25.51 2.36
C LEU A 525 10.32 -25.18 2.40
N TRP A 526 9.94 -23.97 2.80
CA TRP A 526 8.53 -23.58 2.99
C TRP A 526 7.84 -24.65 3.86
N PHE A 527 6.66 -25.11 3.53
CA PHE A 527 6.12 -26.31 4.18
C PHE A 527 5.97 -27.35 3.06
N PRO A 528 6.89 -28.33 3.02
CA PRO A 528 6.86 -29.29 1.92
C PRO A 528 5.72 -30.28 1.94
N GLY A 529 5.11 -30.49 3.10
CA GLY A 529 3.98 -31.40 3.22
C GLY A 529 4.41 -32.71 3.90
N THR A 530 3.76 -33.80 3.49
CA THR A 530 3.90 -35.11 4.16
C THR A 530 5.32 -35.62 4.24
N GLU A 531 6.07 -35.36 3.17
CA GLU A 531 7.41 -35.91 3.06
C GLU A 531 8.50 -34.97 3.50
N ALA A 532 8.12 -33.93 4.26
CA ALA A 532 9.08 -32.86 4.62
C ALA A 532 10.49 -33.27 5.04
N GLY A 533 10.60 -34.13 6.02
CA GLY A 533 11.90 -34.55 6.52
C GLY A 533 12.75 -35.27 5.49
N ARG A 534 12.13 -35.89 4.50
CA ARG A 534 12.92 -36.58 3.43
C ARG A 534 13.31 -35.64 2.31
N VAL A 535 12.37 -34.74 1.98
CA VAL A 535 12.71 -33.61 1.16
C VAL A 535 13.96 -32.96 1.77
N THR A 536 13.94 -32.67 3.05
CA THR A 536 15.06 -31.98 3.67
C THR A 536 16.39 -32.84 3.59
N ALA A 537 16.26 -34.11 3.90
CA ALA A 537 17.44 -34.99 3.98
C ALA A 537 18.08 -35.23 2.62
N ASP A 538 17.27 -35.38 1.58
CA ASP A 538 17.75 -35.53 0.20
C ASP A 538 18.45 -34.29 -0.36
N LEU A 539 17.95 -33.11 -0.03
CA LEU A 539 18.54 -31.88 -0.53
C LEU A 539 19.87 -31.63 0.18
N LEU A 540 19.90 -31.83 1.49
CA LEU A 540 21.12 -31.66 2.31
C LEU A 540 22.28 -32.64 2.00
N SER A 541 21.94 -33.90 1.78
CA SER A 541 22.93 -34.95 1.34
C SER A 541 23.21 -34.99 -0.17
N GLY A 542 22.49 -34.17 -0.96
CA GLY A 542 22.72 -34.10 -2.37
C GLY A 542 22.11 -35.18 -3.24
N ALA A 543 21.34 -36.12 -2.65
CA ALA A 543 20.64 -37.11 -3.39
C ALA A 543 19.76 -36.34 -4.33
N SER A 544 19.15 -35.24 -3.84
CA SER A 544 18.49 -34.26 -4.72
C SER A 544 19.29 -32.96 -4.68
N ASN A 545 19.25 -32.29 -5.83
CA ASN A 545 19.97 -31.08 -6.03
C ASN A 545 18.96 -29.92 -6.09
N PRO A 546 19.11 -28.88 -5.21
CA PRO A 546 18.09 -27.79 -5.12
C PRO A 546 17.89 -27.16 -6.47
N SER A 547 16.63 -26.90 -6.84
CA SER A 547 16.32 -26.33 -8.18
C SER A 547 15.22 -25.29 -8.17
N GLY A 548 14.70 -24.95 -6.98
CA GLY A 548 13.66 -23.91 -6.84
C GLY A 548 14.20 -22.50 -6.93
N LYS A 549 13.35 -21.60 -7.45
CA LYS A 549 13.60 -20.13 -7.55
C LYS A 549 12.45 -19.39 -6.90
N LEU A 550 12.76 -18.23 -6.33
CA LEU A 550 11.77 -17.49 -5.57
C LEU A 550 10.64 -17.06 -6.49
N SER A 551 9.40 -17.33 -6.08
CA SER A 551 8.28 -16.78 -6.82
C SER A 551 7.72 -15.48 -6.17
N MET A 552 8.31 -15.11 -5.02
CA MET A 552 7.96 -13.93 -4.28
C MET A 552 9.24 -13.27 -3.72
N SER A 553 9.31 -11.95 -3.79
CA SER A 553 10.49 -11.21 -3.32
C SER A 553 10.61 -11.22 -1.80
N PHE A 554 11.82 -11.34 -1.30
CA PHE A 554 12.06 -11.44 0.16
C PHE A 554 12.60 -10.05 0.52
N PRO A 555 11.76 -9.17 1.16
CA PRO A 555 12.15 -7.84 1.54
C PRO A 555 13.34 -7.70 2.49
N GLN A 556 14.01 -6.55 2.40
CA GLN A 556 15.07 -6.19 3.32
C GLN A 556 14.49 -6.08 4.71
N THR A 557 13.34 -5.46 4.78
CA THR A 557 12.69 -5.22 6.06
C THR A 557 11.18 -5.03 5.84
N THR A 558 10.39 -5.15 6.89
CA THR A 558 8.90 -5.03 6.77
C THR A 558 8.52 -3.75 6.00
N GLY A 559 9.24 -2.69 6.28
CA GLY A 559 8.94 -1.39 5.75
C GLY A 559 9.23 -1.16 4.29
N GLN A 560 9.87 -2.16 3.63
CA GLN A 560 10.07 -2.11 2.20
C GLN A 560 8.83 -2.57 1.38
N ILE A 561 7.86 -3.18 2.07
CA ILE A 561 6.66 -3.72 1.47
C ILE A 561 5.69 -2.61 0.91
N PRO A 562 5.19 -2.79 -0.32
CA PRO A 562 5.41 -3.86 -1.27
C PRO A 562 6.65 -3.67 -2.13
N VAL A 563 7.41 -4.76 -2.29
CA VAL A 563 8.53 -4.80 -3.23
C VAL A 563 8.41 -6.02 -4.12
N TYR A 564 8.63 -5.83 -5.41
CA TYR A 564 8.35 -6.82 -6.41
C TYR A 564 9.19 -6.47 -7.66
N TYR A 565 9.53 -7.50 -8.47
CA TYR A 565 10.46 -7.36 -9.60
C TYR A 565 9.80 -6.59 -10.79
N ASN A 566 8.49 -6.72 -10.95
CA ASN A 566 7.82 -6.01 -12.09
C ASN A 566 7.29 -4.62 -11.74
N HIS A 567 8.21 -3.76 -11.40
CA HIS A 567 7.88 -2.46 -10.85
C HIS A 567 8.20 -1.43 -11.88
N LEU A 568 7.64 -0.23 -11.70
CA LEU A 568 7.78 0.82 -12.68
C LEU A 568 9.08 1.57 -12.48
N ARG A 569 9.53 2.25 -13.50
CA ARG A 569 10.83 2.90 -13.40
C ARG A 569 10.87 4.10 -12.42
N THR A 570 9.76 4.84 -12.39
CA THR A 570 9.66 6.19 -11.79
C THR A 570 10.37 7.21 -12.69
N GLY A 571 10.19 8.46 -12.33
CA GLY A 571 10.86 9.55 -13.04
C GLY A 571 12.29 9.79 -12.60
N ARG A 572 12.68 9.23 -11.46
CA ARG A 572 14.07 9.37 -10.96
C ARG A 572 14.66 8.06 -10.47
N PRO A 573 14.85 7.12 -11.39
CA PRO A 573 15.38 5.84 -10.98
C PRO A 573 16.82 5.96 -10.51
N GLN A 574 17.16 5.08 -9.59
CA GLN A 574 18.50 4.93 -9.12
C GLN A 574 19.27 4.13 -10.21
N THR A 575 20.31 4.73 -10.78
CA THR A 575 21.15 4.11 -11.79
C THR A 575 22.54 3.91 -11.10
N PRO A 576 23.32 2.93 -11.58
CA PRO A 576 24.67 2.93 -10.97
C PRO A 576 25.50 4.22 -11.26
N GLU A 577 25.09 5.07 -12.21
CA GLU A 577 25.76 6.35 -12.50
C GLU A 577 25.24 7.59 -11.73
N ASN A 578 24.34 7.38 -10.75
CA ASN A 578 23.86 8.47 -9.86
C ASN A 578 23.83 8.06 -8.39
N LYS A 579 24.34 6.86 -8.11
CA LYS A 579 24.72 6.43 -6.78
C LYS A 579 25.16 7.62 -5.92
N GLY A 580 24.57 7.74 -4.72
CA GLY A 580 24.91 8.82 -3.78
C GLY A 580 24.34 10.20 -4.06
N GLU A 581 23.83 10.46 -5.27
CA GLU A 581 23.00 11.64 -5.47
C GLU A 581 21.76 11.59 -4.58
N ARG A 582 21.37 12.74 -4.03
CA ARG A 582 20.17 12.88 -3.18
C ARG A 582 18.85 12.67 -3.94
N TYR A 583 18.70 13.30 -5.08
CA TYR A 583 17.40 13.38 -5.73
C TYR A 583 17.10 12.16 -6.65
N VAL A 584 17.01 10.98 -6.00
CA VAL A 584 16.78 9.74 -6.71
C VAL A 584 15.85 8.90 -5.82
N SER A 585 15.15 7.95 -6.44
CA SER A 585 14.21 7.14 -5.67
C SER A 585 15.03 6.19 -4.83
N HIS A 586 15.06 6.44 -3.56
CA HIS A 586 15.78 5.59 -2.61
C HIS A 586 15.25 5.77 -1.19
N TYR A 587 15.56 4.80 -0.34
CA TYR A 587 15.45 4.99 1.08
C TYR A 587 16.79 5.46 1.73
N LEU A 588 16.72 6.23 2.81
CA LEU A 588 17.92 6.59 3.61
C LEU A 588 18.55 5.43 4.37
N ASP A 589 17.77 4.40 4.71
CA ASP A 589 18.19 3.40 5.60
C ASP A 589 18.31 2.01 4.98
N ILE A 590 17.69 1.72 3.84
CA ILE A 590 17.85 0.39 3.18
C ILE A 590 18.09 0.50 1.66
N PRO A 591 18.52 -0.59 0.99
CA PRO A 591 18.56 -0.59 -0.47
C PRO A 591 17.20 -0.71 -1.12
N ASN A 592 17.09 -0.33 -2.38
CA ASN A 592 15.80 -0.45 -3.13
C ASN A 592 15.51 -1.90 -3.43
N GLU A 593 16.57 -2.66 -3.69
CA GLU A 593 16.47 -4.08 -3.98
C GLU A 593 15.91 -4.86 -2.80
N PRO A 594 15.05 -5.84 -3.08
CA PRO A 594 14.69 -6.76 -2.03
C PRO A 594 15.92 -7.56 -1.57
N PHE A 595 15.83 -8.29 -0.45
CA PHE A 595 16.99 -9.02 -0.01
C PHE A 595 17.29 -10.15 -0.97
N TYR A 596 16.27 -10.87 -1.44
CA TYR A 596 16.41 -11.85 -2.51
C TYR A 596 15.29 -11.57 -3.56
N PRO A 597 15.66 -11.50 -4.85
CA PRO A 597 14.71 -11.19 -5.92
C PRO A 597 13.96 -12.37 -6.53
N PHE A 598 12.86 -12.06 -7.19
CA PHE A 598 12.06 -13.03 -7.93
C PHE A 598 12.95 -13.79 -8.88
N GLY A 599 12.69 -15.07 -8.96
CA GLY A 599 13.47 -15.94 -9.86
C GLY A 599 14.85 -16.34 -9.39
N TYR A 600 15.19 -15.96 -8.16
CA TYR A 600 16.51 -16.31 -7.56
C TYR A 600 16.50 -17.62 -6.80
N GLY A 601 17.53 -18.42 -7.06
CA GLY A 601 17.83 -19.64 -6.32
C GLY A 601 19.14 -20.29 -6.79
N LYS A 602 19.81 -20.99 -5.89
CA LYS A 602 21.08 -21.58 -6.20
C LYS A 602 20.93 -23.05 -6.61
N SER A 603 22.07 -23.66 -6.96
CA SER A 603 22.15 -25.11 -7.36
C SER A 603 23.56 -25.64 -6.90
N TYR A 604 23.70 -26.97 -6.80
CA TYR A 604 25.02 -27.57 -6.59
C TYR A 604 25.74 -27.67 -7.95
N SER A 605 25.01 -27.37 -9.05
CA SER A 605 25.58 -27.38 -10.41
C SER A 605 25.88 -25.96 -10.86
N GLU A 606 26.39 -25.84 -12.08
CA GLU A 606 26.75 -24.59 -12.67
C GLU A 606 26.35 -24.73 -14.14
N PHE A 607 25.82 -23.67 -14.69
CA PHE A 607 25.19 -23.73 -16.00
C PHE A 607 25.73 -22.58 -16.80
N GLU A 608 25.83 -22.77 -18.12
CA GLU A 608 26.00 -21.62 -19.01
C GLU A 608 24.88 -21.69 -20.06
N LEU A 609 24.40 -20.50 -20.42
CA LEU A 609 23.30 -20.33 -21.34
C LEU A 609 23.78 -19.46 -22.45
N LYS A 610 23.22 -19.67 -23.62
CA LYS A 610 23.54 -18.90 -24.78
C LYS A 610 22.23 -18.76 -25.54
N THR A 611 21.90 -17.53 -25.88
CA THR A 611 20.72 -17.20 -26.64
C THR A 611 21.08 -17.02 -28.09
N SER A 612 20.38 -17.72 -28.98
CA SER A 612 20.58 -17.54 -30.43
C SER A 612 20.19 -16.15 -30.94
N SER A 613 20.87 -15.75 -32.02
CA SER A 613 20.55 -14.56 -32.80
C SER A 613 19.07 -14.26 -32.89
N LEU A 614 18.71 -13.10 -32.43
CA LEU A 614 17.33 -12.65 -32.48
C LEU A 614 17.21 -11.63 -33.58
N PRO A 615 16.02 -11.46 -34.18
CA PRO A 615 15.87 -10.31 -35.11
C PRO A 615 15.92 -8.93 -34.46
N LYS A 616 16.50 -7.92 -35.11
CA LYS A 616 16.40 -6.52 -34.71
C LYS A 616 14.95 -5.98 -34.86
N GLU A 617 14.20 -6.53 -35.80
CA GLU A 617 12.90 -6.04 -36.09
C GLU A 617 11.84 -7.14 -36.14
N LEU A 618 10.63 -6.74 -35.86
CA LEU A 618 9.49 -7.59 -35.75
C LEU A 618 8.26 -6.79 -36.20
N ASN A 619 7.34 -7.43 -36.89
CA ASN A 619 6.07 -6.75 -37.28
C ASN A 619 5.09 -6.77 -36.14
N LEU A 620 4.12 -5.87 -36.12
CA LEU A 620 3.07 -5.99 -35.11
C LEU A 620 2.32 -7.29 -35.37
N GLY A 621 1.74 -7.87 -34.29
CA GLY A 621 1.07 -9.16 -34.36
C GLY A 621 2.01 -10.33 -34.56
N GLU A 622 3.31 -10.12 -34.67
CA GLU A 622 4.21 -11.21 -34.88
C GLU A 622 4.82 -11.76 -33.57
N SER A 623 5.13 -13.06 -33.59
CA SER A 623 5.71 -13.76 -32.49
C SER A 623 7.21 -13.65 -32.57
N LEU A 624 7.82 -13.55 -31.42
CA LEU A 624 9.24 -13.59 -31.32
C LEU A 624 9.64 -14.96 -30.83
N HIS A 625 10.51 -15.62 -31.58
CA HIS A 625 11.01 -16.94 -31.24
C HIS A 625 12.39 -16.84 -30.63
N VAL A 626 12.51 -17.34 -29.42
CA VAL A 626 13.72 -17.20 -28.59
C VAL A 626 14.33 -18.58 -28.44
N GLU A 627 15.54 -18.76 -28.97
CA GLU A 627 16.23 -20.04 -28.82
C GLU A 627 17.38 -19.96 -27.83
N VAL A 628 17.41 -20.92 -26.93
CA VAL A 628 18.35 -20.85 -25.83
C VAL A 628 19.05 -22.21 -25.67
N THR A 629 20.37 -22.17 -25.70
CA THR A 629 21.17 -23.39 -25.52
C THR A 629 21.77 -23.35 -24.15
N ILE A 630 21.57 -24.41 -23.38
CA ILE A 630 22.01 -24.45 -21.99
C ILE A 630 22.88 -25.67 -21.78
N LYS A 631 24.01 -25.47 -21.12
CA LYS A 631 24.89 -26.55 -20.76
C LYS A 631 25.21 -26.60 -19.28
N ASN A 632 25.11 -27.80 -18.66
CA ASN A 632 25.64 -28.07 -17.32
C ASN A 632 27.17 -28.31 -17.41
N ILE A 633 27.94 -27.35 -16.90
CA ILE A 633 29.40 -27.39 -17.00
C ILE A 633 30.05 -27.84 -15.69
N SER A 634 29.29 -28.57 -14.87
CA SER A 634 29.83 -29.06 -13.64
C SER A 634 29.71 -30.61 -13.71
N ASP A 635 30.19 -31.25 -12.68
CA ASP A 635 30.18 -32.68 -12.59
C ASP A 635 29.03 -33.22 -11.78
N ILE A 636 28.06 -32.37 -11.49
CA ILE A 636 26.88 -32.70 -10.70
C ILE A 636 25.60 -32.52 -11.53
N ALA A 637 24.74 -33.53 -11.55
CA ALA A 637 23.55 -33.47 -12.34
C ALA A 637 22.59 -32.44 -11.70
N GLY A 638 21.82 -31.73 -12.49
CA GLY A 638 20.93 -30.72 -11.92
C GLY A 638 20.02 -30.03 -12.88
N LYS A 639 19.12 -29.22 -12.31
CA LYS A 639 18.08 -28.45 -13.02
C LYS A 639 18.18 -26.95 -12.85
N GLU A 640 18.00 -26.23 -13.96
CA GLU A 640 18.02 -24.77 -14.03
C GLU A 640 16.72 -24.30 -14.63
N VAL A 641 16.27 -23.16 -14.14
CA VAL A 641 15.04 -22.50 -14.66
C VAL A 641 15.45 -21.35 -15.56
N ILE A 642 15.31 -21.58 -16.87
CA ILE A 642 15.51 -20.51 -17.85
C ILE A 642 14.29 -19.61 -17.79
N GLN A 643 14.49 -18.33 -17.73
CA GLN A 643 13.41 -17.33 -17.64
C GLN A 643 13.59 -16.30 -18.71
N VAL A 644 12.47 -15.97 -19.38
CA VAL A 644 12.50 -14.92 -20.41
C VAL A 644 11.53 -13.82 -20.00
N TYR A 645 12.04 -12.57 -19.98
CA TYR A 645 11.30 -11.39 -19.60
C TYR A 645 11.23 -10.43 -20.75
N LEU A 646 10.18 -9.66 -20.76
CA LEU A 646 10.05 -8.59 -21.75
C LEU A 646 9.92 -7.25 -21.02
N GLN A 647 10.50 -6.18 -21.61
CA GLN A 647 10.20 -4.84 -21.23
C GLN A 647 9.73 -3.95 -22.42
N ASP A 648 8.80 -3.03 -22.14
CA ASP A 648 8.29 -2.14 -23.12
C ASP A 648 8.83 -0.80 -22.74
N VAL A 649 9.80 -0.31 -23.49
CA VAL A 649 10.63 0.81 -23.05
C VAL A 649 9.91 2.14 -23.01
N THR A 650 9.08 2.38 -24.03
CA THR A 650 8.23 3.54 -24.09
C THR A 650 6.84 3.12 -24.43
N ALA A 651 5.85 3.60 -23.67
CA ALA A 651 4.49 3.22 -23.97
C ALA A 651 3.59 4.31 -23.53
N SER A 652 2.32 4.21 -23.90
CA SER A 652 1.32 5.24 -23.53
C SER A 652 0.99 5.09 -22.03
N ILE A 653 1.49 4.03 -21.44
CA ILE A 653 1.38 3.80 -19.99
C ILE A 653 2.78 3.42 -19.53
N SER A 654 3.16 3.92 -18.35
CA SER A 654 4.45 3.60 -17.79
C SER A 654 4.43 2.09 -17.48
N ARG A 655 5.25 1.31 -18.21
CA ARG A 655 5.29 -0.14 -18.14
C ARG A 655 6.40 -0.62 -17.21
N PRO A 656 6.21 -1.81 -16.62
CA PRO A 656 7.19 -2.40 -15.75
C PRO A 656 8.56 -2.62 -16.43
N VAL A 657 9.61 -2.48 -15.65
CA VAL A 657 10.99 -2.64 -16.09
C VAL A 657 11.28 -4.02 -16.62
N LYS A 658 10.49 -5.00 -16.16
CA LYS A 658 10.52 -6.34 -16.70
C LYS A 658 9.19 -7.01 -16.35
N GLU A 659 8.91 -8.07 -17.12
CA GLU A 659 7.78 -8.97 -16.90
C GLU A 659 8.14 -10.30 -17.47
N LEU A 660 7.94 -11.34 -16.70
CA LEU A 660 8.17 -12.71 -17.12
C LEU A 660 7.14 -13.07 -18.16
N LYS A 661 7.59 -13.73 -19.24
CA LYS A 661 6.71 -14.07 -20.36
C LYS A 661 6.88 -15.50 -20.78
N ALA A 662 7.91 -16.19 -20.25
CA ALA A 662 8.12 -17.59 -20.49
C ALA A 662 9.12 -18.13 -19.45
N PHE A 663 9.01 -19.41 -19.17
CA PHE A 663 10.00 -20.10 -18.37
C PHE A 663 10.01 -21.57 -18.70
N GLU A 664 11.14 -22.20 -18.45
CA GLU A 664 11.20 -23.65 -18.56
C GLU A 664 12.30 -24.13 -17.70
N LYS A 665 12.00 -25.16 -16.92
CA LYS A 665 12.95 -25.80 -16.04
C LYS A 665 13.59 -26.92 -16.86
N VAL A 666 14.89 -26.80 -17.11
CA VAL A 666 15.63 -27.77 -17.95
C VAL A 666 16.49 -28.71 -17.08
N ALA A 667 16.30 -30.02 -17.18
CA ALA A 667 17.16 -31.00 -16.46
C ALA A 667 18.40 -31.38 -17.31
N LEU A 668 19.57 -31.38 -16.68
CA LEU A 668 20.79 -31.58 -17.38
C LEU A 668 21.71 -32.45 -16.57
N GLN A 669 22.15 -33.57 -17.16
CA GLN A 669 23.23 -34.38 -16.58
C GLN A 669 24.52 -33.57 -16.61
N ALA A 670 25.50 -33.98 -15.82
CA ALA A 670 26.81 -33.37 -15.92
C ALA A 670 27.29 -33.35 -17.38
N GLY A 671 27.86 -32.24 -17.83
CA GLY A 671 28.35 -32.11 -19.20
C GLY A 671 27.28 -31.94 -20.27
N GLU A 672 26.01 -32.23 -19.95
CA GLU A 672 24.93 -32.25 -20.94
C GLU A 672 24.44 -30.86 -21.38
N GLU A 673 24.15 -30.78 -22.69
CA GLU A 673 23.73 -29.57 -23.34
C GLU A 673 22.35 -29.77 -24.01
N LYS A 674 21.46 -28.78 -23.85
CA LYS A 674 20.16 -28.81 -24.47
C LYS A 674 19.82 -27.48 -25.08
N THR A 675 18.89 -27.52 -26.03
CA THR A 675 18.33 -26.35 -26.68
C THR A 675 16.83 -26.34 -26.39
N VAL A 676 16.33 -25.18 -25.98
CA VAL A 676 14.88 -24.99 -25.79
C VAL A 676 14.51 -23.75 -26.53
N THR A 677 13.29 -23.77 -27.00
CA THR A 677 12.77 -22.68 -27.79
C THR A 677 11.52 -22.10 -27.07
N PHE A 678 11.33 -20.81 -27.16
CA PHE A 678 10.15 -20.15 -26.56
C PHE A 678 9.49 -19.30 -27.66
N GLU A 679 8.18 -19.36 -27.77
CA GLU A 679 7.46 -18.34 -28.57
C GLU A 679 6.83 -17.23 -27.67
N LEU A 680 7.27 -16.01 -27.86
CA LEU A 680 6.58 -14.90 -27.26
C LEU A 680 5.60 -14.37 -28.33
N THR A 681 4.31 -14.59 -28.15
CA THR A 681 3.34 -14.15 -29.10
C THR A 681 3.14 -12.67 -28.91
N SER A 682 2.37 -12.10 -29.79
CA SER A 682 2.21 -10.67 -29.76
C SER A 682 1.37 -10.25 -28.57
N GLU A 683 0.58 -11.16 -28.06
CA GLU A 683 -0.04 -10.90 -26.81
C GLU A 683 1.02 -10.62 -25.71
N ALA A 684 2.14 -11.34 -25.66
CA ALA A 684 3.22 -11.03 -24.67
C ALA A 684 3.67 -9.58 -24.74
N PHE A 685 3.51 -8.94 -25.89
CA PHE A 685 3.98 -7.55 -26.11
C PHE A 685 2.92 -6.50 -25.83
N SER A 686 1.72 -6.96 -25.52
CA SER A 686 0.51 -6.11 -25.37
C SER A 686 0.18 -5.75 -23.91
N PHE A 687 -0.69 -4.76 -23.75
CA PHE A 687 -1.01 -4.24 -22.42
C PHE A 687 -2.31 -3.44 -22.47
N TYR A 688 -2.88 -3.18 -21.29
CA TYR A 688 -4.06 -2.33 -21.16
C TYR A 688 -3.72 -0.88 -21.14
N ASN A 689 -4.40 -0.11 -22.01
CA ASN A 689 -4.18 1.29 -22.09
C ASN A 689 -5.10 2.13 -21.23
N HIS A 690 -4.92 3.45 -21.31
CA HIS A 690 -5.71 4.47 -20.53
C HIS A 690 -7.22 4.23 -20.62
N GLN A 691 -7.66 3.85 -21.80
CA GLN A 691 -9.07 3.61 -22.11
C GLN A 691 -9.46 2.12 -21.90
N LEU A 692 -8.56 1.36 -21.25
CA LEU A 692 -8.75 -0.08 -20.96
C LEU A 692 -8.84 -1.00 -22.19
N GLU A 693 -8.24 -0.59 -23.31
CA GLU A 693 -8.15 -1.52 -24.43
C GLU A 693 -6.86 -2.33 -24.36
N LYS A 694 -6.98 -3.60 -24.72
CA LYS A 694 -5.85 -4.51 -24.82
C LYS A 694 -5.16 -4.21 -26.13
N VAL A 695 -3.97 -3.61 -26.08
CA VAL A 695 -3.33 -3.02 -27.28
C VAL A 695 -1.88 -3.46 -27.51
N GLN A 696 -1.41 -3.27 -28.75
CA GLN A 696 -0.01 -3.47 -29.14
C GLN A 696 0.37 -2.20 -29.86
N GLU A 697 1.41 -1.57 -29.35
CA GLU A 697 1.94 -0.29 -29.81
C GLU A 697 3.26 -0.54 -30.52
N PRO A 698 3.48 0.11 -31.70
CA PRO A 698 4.88 0.06 -32.20
C PRO A 698 5.90 0.76 -31.28
N GLY A 699 7.11 0.19 -31.28
CA GLY A 699 8.20 0.67 -30.46
C GLY A 699 9.23 -0.33 -30.04
N LEU A 700 10.17 0.12 -29.19
CA LEU A 700 11.29 -0.68 -28.73
C LEU A 700 10.95 -1.61 -27.55
N HIS A 701 11.41 -2.84 -27.60
CA HIS A 701 11.28 -3.75 -26.48
C HIS A 701 12.62 -4.33 -26.22
N ARG A 702 12.81 -4.69 -24.98
CA ARG A 702 13.97 -5.38 -24.53
C ARG A 702 13.52 -6.72 -24.05
N VAL A 703 14.27 -7.72 -24.45
CA VAL A 703 14.14 -9.12 -24.10
C VAL A 703 15.34 -9.54 -23.22
N PHE A 704 15.06 -10.24 -22.11
CA PHE A 704 16.05 -10.65 -21.09
C PHE A 704 15.96 -12.15 -20.96
N VAL A 705 17.09 -12.83 -21.12
CA VAL A 705 17.10 -14.26 -21.02
C VAL A 705 18.08 -14.63 -19.91
N GLY A 706 17.67 -15.45 -18.96
CA GLY A 706 18.61 -15.87 -17.88
C GLY A 706 17.99 -16.77 -16.85
N THR A 707 18.61 -16.81 -15.67
CA THR A 707 18.20 -17.69 -14.61
C THR A 707 17.61 -16.98 -13.34
N SER A 708 17.52 -15.64 -13.37
CA SER A 708 16.65 -14.88 -12.44
C SER A 708 16.19 -13.59 -13.10
N SER A 709 15.43 -12.76 -12.39
CA SER A 709 15.05 -11.42 -12.87
C SER A 709 16.25 -10.50 -12.90
N GLU A 710 17.31 -10.88 -12.18
CA GLU A 710 18.56 -10.12 -12.20
C GLU A 710 19.68 -10.76 -13.06
N ASP A 711 19.80 -12.08 -13.10
CA ASP A 711 20.87 -12.71 -13.89
C ASP A 711 20.41 -13.05 -15.30
N VAL A 712 20.55 -12.08 -16.18
CA VAL A 712 20.01 -12.13 -17.56
C VAL A 712 20.96 -11.52 -18.60
N ASP A 713 20.90 -11.97 -19.85
CA ASP A 713 21.39 -11.19 -20.99
C ASP A 713 20.23 -10.39 -21.60
N VAL A 714 20.53 -9.25 -22.20
CA VAL A 714 19.54 -8.28 -22.71
C VAL A 714 19.67 -8.16 -24.24
N PHE A 715 18.54 -7.98 -24.93
CA PHE A 715 18.52 -7.91 -26.39
C PHE A 715 17.47 -6.87 -26.75
N GLU A 716 17.62 -6.19 -27.89
CA GLU A 716 16.69 -5.16 -28.37
C GLU A 716 16.02 -5.59 -29.64
N VAL A 717 14.68 -5.47 -29.62
CA VAL A 717 13.79 -5.68 -30.77
C VAL A 717 12.90 -4.49 -30.92
N GLU A 718 12.93 -3.96 -32.15
CA GLU A 718 12.08 -2.88 -32.60
C GLU A 718 10.86 -3.41 -33.35
N VAL A 719 9.67 -3.24 -32.74
CA VAL A 719 8.36 -3.66 -33.32
C VAL A 719 7.76 -2.43 -34.05
N GLY A 720 7.37 -2.64 -35.31
CA GLY A 720 6.59 -1.68 -36.08
C GLY A 720 6.08 -2.23 -37.40
N GLY A 721 5.84 -1.34 -38.35
CA GLY A 721 5.47 -1.77 -39.72
C GLY A 721 4.01 -2.13 -39.79
N TYR A 722 3.72 -3.30 -40.38
CA TYR A 722 2.33 -3.77 -40.59
C TYR A 722 1.90 -4.76 -39.60
N VAL A 723 0.64 -5.18 -39.67
CA VAL A 723 0.10 -6.10 -38.65
C VAL A 723 -0.21 -7.48 -39.18
N LEU A 724 0.28 -8.53 -38.51
CA LEU A 724 -0.05 -9.94 -38.88
C LEU A 724 -1.38 -10.45 -38.29
N MET B 1 -1.70 46.62 -16.46
CA MET B 1 -2.07 47.21 -17.78
C MET B 1 -3.30 46.53 -18.31
N GLU B 2 -3.93 47.15 -19.31
CA GLU B 2 -5.18 46.63 -19.88
C GLU B 2 -5.00 45.33 -20.63
N GLN B 3 -6.06 44.52 -20.55
CA GLN B 3 -6.08 43.21 -21.15
C GLN B 3 -5.66 43.25 -22.60
N GLU B 4 -6.13 44.24 -23.34
CA GLU B 4 -5.78 44.41 -24.76
C GLU B 4 -4.27 44.52 -24.96
N LYS B 5 -3.58 45.25 -24.10
CA LYS B 5 -2.13 45.47 -24.28
C LYS B 5 -1.33 44.19 -23.96
N VAL B 6 -1.86 43.37 -23.05
CA VAL B 6 -1.27 42.07 -22.77
C VAL B 6 -1.40 41.19 -24.02
N GLN B 7 -2.63 41.09 -24.51
CA GLN B 7 -2.92 40.28 -25.67
C GLN B 7 -2.04 40.67 -26.84
N GLU B 8 -1.81 41.97 -26.96
CA GLU B 8 -1.02 42.53 -28.04
C GLU B 8 0.43 42.09 -27.95
N LEU B 9 0.92 41.97 -26.72
CA LEU B 9 2.31 41.57 -26.47
C LEU B 9 2.58 40.15 -27.02
N VAL B 10 1.58 39.28 -26.87
CA VAL B 10 1.64 37.91 -27.38
C VAL B 10 1.72 37.95 -28.90
N SER B 11 0.86 38.80 -29.48
CA SER B 11 0.86 38.98 -30.93
C SER B 11 2.21 39.47 -31.45
N GLN B 12 2.91 40.27 -30.64
CA GLN B 12 4.21 40.85 -31.03
C GLN B 12 5.43 39.98 -30.75
N MET B 13 5.26 38.89 -30.00
CA MET B 13 6.39 38.02 -29.69
C MET B 13 6.75 37.10 -30.84
N THR B 14 8.04 36.94 -31.11
CA THR B 14 8.47 35.95 -32.06
C THR B 14 8.27 34.55 -31.46
N LEU B 15 8.32 33.54 -32.31
CA LEU B 15 8.19 32.16 -31.90
C LEU B 15 9.24 31.82 -30.84
N ASP B 16 10.50 32.18 -31.07
CA ASP B 16 11.55 31.89 -30.08
C ASP B 16 11.31 32.55 -28.75
N GLU B 17 10.70 33.74 -28.77
CA GLU B 17 10.43 34.45 -27.52
C GLU B 17 9.27 33.81 -26.76
N LYS B 18 8.23 33.44 -27.50
CA LYS B 18 7.14 32.64 -26.94
C LYS B 18 7.60 31.32 -26.28
N ILE B 19 8.46 30.57 -26.96
CA ILE B 19 9.04 29.30 -26.45
C ILE B 19 9.83 29.52 -25.16
N ALA B 20 10.62 30.57 -25.14
CA ALA B 20 11.53 30.77 -24.04
C ALA B 20 10.83 31.37 -22.81
N GLN B 21 9.72 32.08 -23.06
CA GLN B 21 8.80 32.58 -21.99
C GLN B 21 8.28 31.41 -21.12
N CYS B 22 8.26 30.20 -21.67
CA CYS B 22 7.84 28.99 -20.99
C CYS B 22 8.98 28.23 -20.33
N LEU B 23 10.11 28.91 -20.10
CA LEU B 23 11.27 28.32 -19.41
C LEU B 23 11.50 29.01 -18.10
N GLN B 24 11.74 28.22 -17.05
CA GLN B 24 12.15 28.75 -15.74
C GLN B 24 13.55 28.22 -15.34
N LEU B 25 14.41 29.13 -14.86
CA LEU B 25 15.81 28.80 -14.54
C LEU B 25 16.23 29.27 -13.16
N SER B 26 17.26 28.64 -12.61
CA SER B 26 17.85 29.03 -11.34
C SER B 26 18.71 30.29 -11.58
N PRO B 27 18.98 31.08 -10.51
CA PRO B 27 19.63 32.40 -10.67
C PRO B 27 20.99 32.33 -11.36
N PHE B 28 21.77 31.29 -11.01
CA PHE B 28 23.15 31.14 -11.49
C PHE B 28 23.26 31.07 -13.03
N LEU B 29 22.15 30.89 -13.75
CA LEU B 29 22.17 30.80 -15.21
C LEU B 29 21.96 32.14 -15.89
N PHE B 30 21.72 33.22 -15.13
CA PHE B 30 21.40 34.57 -15.73
C PHE B 30 22.59 35.54 -15.79
N LEU B 39 20.32 24.44 -5.04
CA LEU B 39 19.39 23.83 -6.02
C LEU B 39 18.40 22.90 -5.34
N THR B 40 17.16 22.84 -5.84
CA THR B 40 16.14 21.99 -5.25
C THR B 40 15.78 20.77 -6.12
N GLY B 41 16.67 20.44 -7.07
CA GLY B 41 16.55 19.24 -7.87
C GLY B 41 17.87 19.03 -8.59
N PRO B 42 18.06 17.87 -9.22
CA PRO B 42 19.31 17.62 -9.96
C PRO B 42 19.39 18.47 -11.24
N LEU B 43 20.60 18.82 -11.72
CA LEU B 43 20.71 19.58 -12.99
C LEU B 43 21.28 18.74 -14.10
N LEU B 44 20.87 19.06 -15.34
CA LEU B 44 21.28 18.30 -16.56
C LEU B 44 22.79 18.18 -16.73
N GLU B 46 24.54 19.45 -19.17
CA GLU B 46 24.45 20.21 -20.43
C GLU B 46 23.04 20.66 -20.86
N MET B 47 22.68 21.90 -20.52
CA MET B 47 21.41 22.52 -20.91
C MET B 47 21.49 23.20 -22.30
N LYS B 48 22.72 23.50 -22.72
CA LYS B 48 22.99 24.17 -24.01
C LYS B 48 22.16 25.43 -24.14
N LEU B 49 22.27 26.27 -23.13
CA LEU B 49 21.52 27.53 -23.08
C LEU B 49 22.29 28.64 -23.83
N THR B 50 21.60 29.43 -24.64
CA THR B 50 22.17 30.58 -25.35
C THR B 50 21.74 31.86 -24.62
N ASP B 51 22.36 32.97 -25.00
CA ASP B 51 21.94 34.27 -24.56
C ASP B 51 20.50 34.49 -24.99
N ALA B 52 20.17 34.15 -26.24
CA ALA B 52 18.78 34.24 -26.67
C ALA B 52 17.84 33.48 -25.68
N HIS B 53 18.31 32.36 -25.11
CA HIS B 53 17.48 31.60 -24.10
C HIS B 53 17.33 32.38 -22.80
N THR B 54 18.45 32.71 -22.18
CA THR B 54 18.42 33.44 -20.89
C THR B 54 17.95 34.89 -20.94
N GLU B 55 17.82 35.47 -22.11
CA GLU B 55 17.35 36.84 -22.23
C GLU B 55 15.87 36.89 -22.47
N ASN B 56 15.30 35.71 -22.76
CA ASN B 56 13.86 35.61 -22.92
C ASN B 56 13.16 34.61 -22.00
N ALA B 57 13.90 34.05 -21.04
CA ALA B 57 13.34 33.15 -20.06
C ALA B 57 12.11 33.76 -19.39
N GLY B 58 11.16 32.90 -19.06
CA GLY B 58 9.91 33.38 -18.44
C GLY B 58 10.03 33.69 -16.97
N SER B 59 10.85 32.94 -16.26
CA SER B 59 10.82 32.97 -14.80
C SER B 59 12.11 32.50 -14.18
N VAL B 60 12.34 32.94 -12.95
CA VAL B 60 13.49 32.52 -12.12
C VAL B 60 12.93 31.82 -10.89
N LEU B 61 13.54 30.71 -10.44
CA LEU B 61 13.21 30.20 -9.13
C LEU B 61 14.44 30.11 -8.31
N GLY B 62 14.26 30.44 -7.05
CA GLY B 62 15.27 30.18 -6.05
C GLY B 62 16.17 31.39 -5.87
N SER B 63 15.69 32.63 -6.12
CA SER B 63 16.54 33.83 -5.86
C SER B 63 16.90 33.86 -4.36
N SER B 64 18.07 34.39 -4.02
CA SER B 64 18.48 34.28 -2.59
C SER B 64 18.43 35.52 -1.76
N SER B 65 18.03 36.65 -2.36
CA SER B 65 17.85 37.94 -1.64
C SER B 65 17.18 38.99 -2.51
N ALA B 66 16.83 40.13 -1.90
CA ALA B 66 16.35 41.30 -2.68
C ALA B 66 17.36 41.69 -3.77
N LEU B 67 18.61 41.81 -3.39
CA LEU B 67 19.66 42.29 -4.28
C LEU B 67 19.88 41.35 -5.46
N ASP B 68 19.89 40.04 -5.21
CA ASP B 68 20.01 39.06 -6.27
C ASP B 68 18.92 39.33 -7.34
N MET B 69 17.67 39.43 -6.89
CA MET B 69 16.56 39.67 -7.78
C MET B 69 16.70 40.97 -8.58
N ILE B 70 16.90 42.06 -7.86
CA ILE B 70 17.06 43.38 -8.50
C ILE B 70 18.17 43.31 -9.57
N GLY B 71 19.31 42.75 -9.18
CA GLY B 71 20.42 42.54 -10.12
C GLY B 71 19.98 41.81 -11.38
N ILE B 72 19.18 40.75 -11.20
CA ILE B 72 18.81 39.89 -12.31
C ILE B 72 17.77 40.55 -13.19
N GLN B 73 16.76 41.17 -12.59
CA GLN B 73 15.70 41.86 -13.32
C GLN B 73 16.27 43.04 -14.11
N GLU B 74 17.13 43.79 -13.45
CA GLU B 74 17.83 44.94 -14.07
C GLU B 74 18.58 44.54 -15.37
N ALA B 75 19.52 43.61 -15.22
CA ALA B 75 20.24 43.07 -16.38
C ALA B 75 19.29 42.56 -17.44
N TYR B 76 18.32 41.77 -17.02
CA TYR B 76 17.38 41.15 -17.92
C TYR B 76 16.56 42.18 -18.69
N LEU B 77 16.06 43.19 -17.98
CA LEU B 77 15.20 44.24 -18.57
C LEU B 77 15.98 45.18 -19.50
N LYS B 78 17.29 45.30 -19.28
CA LYS B 78 18.14 46.02 -20.21
C LYS B 78 18.21 45.30 -21.59
N THR B 79 18.14 43.97 -21.63
CA THR B 79 18.19 43.29 -22.94
C THR B 79 16.89 42.74 -23.48
N ASN B 80 15.85 42.54 -22.66
CA ASN B 80 14.60 42.04 -23.23
C ASN B 80 14.02 43.00 -24.29
N ARG B 81 13.72 42.51 -25.49
CA ARG B 81 13.27 43.38 -26.58
C ARG B 81 12.00 44.14 -26.27
N LEU B 82 11.07 43.51 -25.58
CA LEU B 82 9.72 44.06 -25.41
C LEU B 82 9.41 44.57 -24.03
N GLY B 83 10.37 44.48 -23.10
CA GLY B 83 10.16 44.86 -21.71
C GLY B 83 9.26 43.93 -20.89
N ILE B 84 9.34 42.61 -21.15
CA ILE B 84 8.57 41.59 -20.36
C ILE B 84 9.41 41.17 -19.15
N PRO B 85 9.08 41.67 -17.94
CA PRO B 85 9.89 41.26 -16.77
C PRO B 85 9.77 39.75 -16.41
N LEU B 86 10.79 39.26 -15.73
CA LEU B 86 10.79 37.99 -15.10
C LEU B 86 9.86 37.98 -13.86
N VAL B 87 9.22 36.82 -13.63
CA VAL B 87 8.55 36.56 -12.37
C VAL B 87 9.47 35.64 -11.56
N PHE B 88 9.61 35.96 -10.29
CA PHE B 88 10.45 35.22 -9.35
C PHE B 88 9.66 34.33 -8.39
N MET B 89 9.98 33.03 -8.39
CA MET B 89 9.27 32.07 -7.53
C MET B 89 10.23 31.51 -6.48
N ALA B 90 9.64 31.09 -5.37
CA ALA B 90 10.39 30.58 -4.26
C ALA B 90 9.61 29.55 -3.42
N ASP B 91 10.39 28.73 -2.71
CA ASP B 91 9.87 27.79 -1.76
C ASP B 91 9.78 28.48 -0.42
N VAL B 92 8.62 29.02 -0.12
CA VAL B 92 8.32 29.52 1.22
C VAL B 92 7.20 28.62 1.78
N ILE B 93 7.58 27.68 2.65
CA ILE B 93 6.77 26.51 2.89
C ILE B 93 6.14 26.61 4.26
N HIS B 94 6.97 26.93 5.24
CA HIS B 94 6.45 27.24 6.58
C HIS B 94 7.23 28.44 7.19
N GLY B 95 7.38 29.47 6.40
CA GLY B 95 8.18 30.63 6.83
C GLY B 95 9.28 31.00 5.89
N TYR B 96 9.68 32.28 5.96
CA TYR B 96 10.80 32.78 5.19
C TYR B 96 12.05 32.87 6.09
N LYS B 97 12.21 33.96 6.82
CA LYS B 97 13.30 34.03 7.83
C LYS B 97 12.81 33.76 9.20
N THR B 98 11.62 34.25 9.49
CA THR B 98 10.94 33.87 10.68
C THR B 98 10.31 32.50 10.32
N VAL B 99 10.84 31.45 10.92
CA VAL B 99 10.37 30.09 10.60
C VAL B 99 9.27 29.60 11.57
N PHE B 100 8.11 29.25 11.01
CA PHE B 100 6.95 28.71 11.75
C PHE B 100 7.00 27.13 11.82
N PRO B 101 6.15 26.48 12.67
CA PRO B 101 6.16 25.03 12.67
C PRO B 101 6.01 24.44 11.26
N ILE B 102 6.65 23.29 11.03
CA ILE B 102 6.37 22.51 9.76
C ILE B 102 4.85 22.27 9.55
N PRO B 103 4.39 22.17 8.26
CA PRO B 103 2.95 22.13 8.01
C PRO B 103 2.22 20.96 8.73
N LEU B 104 2.89 19.81 8.92
CA LEU B 104 2.25 18.71 9.64
C LEU B 104 1.94 19.17 11.05
N ALA B 105 2.81 20.01 11.63
CA ALA B 105 2.56 20.48 13.00
C ALA B 105 1.40 21.44 12.95
N LEU B 106 1.44 22.33 11.93
CA LEU B 106 0.32 23.27 11.71
C LEU B 106 -1.03 22.51 11.53
N GLY B 107 -1.00 21.39 10.84
CA GLY B 107 -2.17 20.50 10.81
C GLY B 107 -2.72 20.21 12.20
N CYS B 108 -1.86 19.78 13.10
CA CYS B 108 -2.23 19.46 14.46
C CYS B 108 -2.82 20.68 15.26
N SER B 109 -2.54 21.91 14.82
CA SER B 109 -3.16 23.12 15.41
C SER B 109 -4.69 23.09 15.34
N PHE B 110 -5.23 22.47 14.28
CA PHE B 110 -6.65 22.50 13.97
C PHE B 110 -7.14 23.95 14.00
N ASP B 111 -6.26 24.89 13.72
CA ASP B 111 -6.56 26.28 13.86
C ASP B 111 -6.34 27.03 12.56
N ARG B 112 -7.43 27.30 11.85
CA ARG B 112 -7.39 27.94 10.57
C ARG B 112 -6.63 29.26 10.62
N GLU B 113 -6.94 30.08 11.62
CA GLU B 113 -6.38 31.43 11.77
C GLU B 113 -4.85 31.40 12.02
N THR B 114 -4.37 30.51 12.87
CA THR B 114 -2.92 30.26 12.98
C THR B 114 -2.21 29.99 11.61
N VAL B 115 -2.86 29.23 10.77
CA VAL B 115 -2.31 28.95 9.44
C VAL B 115 -2.31 30.15 8.48
N ARG B 116 -3.35 30.99 8.51
CA ARG B 116 -3.46 32.19 7.64
C ARG B 116 -2.35 33.19 8.04
N VAL B 117 -2.10 33.27 9.35
CA VAL B 117 -1.09 34.22 9.85
C VAL B 117 0.31 33.82 9.48
N MET B 118 0.62 32.53 9.64
CA MET B 118 1.93 31.97 9.18
C MET B 118 2.16 32.42 7.75
N ALA B 119 1.15 32.18 6.91
CA ALA B 119 1.22 32.51 5.49
C ALA B 119 1.36 34.03 5.25
N GLU B 120 0.61 34.82 6.01
CA GLU B 120 0.70 36.28 5.87
C GLU B 120 2.10 36.77 6.23
N VAL B 121 2.59 36.41 7.40
CA VAL B 121 3.98 36.73 7.79
C VAL B 121 4.98 36.20 6.75
N SER B 122 4.80 34.96 6.29
CA SER B 122 5.65 34.40 5.22
C SER B 122 5.67 35.31 3.96
N ALA B 123 4.52 35.82 3.55
CA ALA B 123 4.46 36.73 2.39
C ALA B 123 5.11 38.05 2.74
N LEU B 124 4.74 38.62 3.88
CA LEU B 124 5.33 39.89 4.33
C LEU B 124 6.83 39.85 4.10
N GLU B 125 7.45 38.79 4.61
CA GLU B 125 8.94 38.66 4.54
C GLU B 125 9.54 38.38 3.15
N ALA B 126 8.88 37.50 2.43
CA ALA B 126 9.35 37.05 1.16
C ALA B 126 9.19 38.13 0.14
N THR B 127 8.06 38.86 0.16
CA THR B 127 7.88 39.95 -0.82
C THR B 127 8.97 41.00 -0.58
N ALA B 128 9.37 41.16 0.67
CA ALA B 128 10.48 42.03 1.02
C ALA B 128 11.79 41.61 0.35
N ASP B 129 12.01 40.31 0.12
CA ASP B 129 13.24 39.86 -0.53
C ASP B 129 13.10 39.68 -2.02
N GLY B 130 12.05 40.30 -2.60
CA GLY B 130 11.80 40.27 -4.05
C GLY B 130 11.03 39.08 -4.64
N HIS B 131 10.51 38.17 -3.82
CA HIS B 131 9.78 37.00 -4.36
C HIS B 131 8.32 37.27 -4.65
N HIS B 132 7.90 36.91 -5.86
CA HIS B 132 6.51 37.09 -6.33
C HIS B 132 5.59 35.90 -6.09
N VAL B 133 6.16 34.68 -6.12
CA VAL B 133 5.39 33.41 -5.97
C VAL B 133 5.94 32.47 -4.89
N THR B 134 5.05 31.80 -4.18
CA THR B 134 5.51 30.73 -3.31
C THR B 134 4.94 29.38 -3.74
N PHE B 135 5.81 28.36 -3.75
CA PHE B 135 5.47 26.96 -4.02
C PHE B 135 4.85 26.35 -2.75
N SER B 136 3.79 27.00 -2.29
CA SER B 136 2.99 26.61 -1.13
C SER B 136 1.54 27.08 -1.45
N PRO B 137 0.48 26.35 -0.98
CA PRO B 137 0.51 25.14 -0.11
C PRO B 137 0.71 23.72 -0.78
N MET B 138 1.31 22.83 0.00
CA MET B 138 1.40 21.43 -0.34
C MET B 138 0.17 20.73 0.25
N LEU B 139 -0.61 20.15 -0.64
CA LEU B 139 -1.96 19.66 -0.34
C LEU B 139 -2.15 18.16 -0.64
N ASP B 140 -1.04 17.43 -0.60
CA ASP B 140 -1.04 16.01 -0.86
C ASP B 140 -1.55 15.29 0.36
N LEU B 141 -2.64 14.54 0.23
CA LEU B 141 -3.08 13.63 1.27
C LEU B 141 -1.98 12.59 1.61
N VAL B 142 -1.78 12.42 2.92
CA VAL B 142 -0.77 11.48 3.44
C VAL B 142 -1.32 10.45 4.42
N ARG B 143 -1.04 9.18 4.07
CA ARG B 143 -1.35 8.00 4.91
C ARG B 143 -0.14 7.13 5.26
N ASP B 144 1.05 7.53 4.80
CA ASP B 144 2.28 6.73 4.91
C ASP B 144 3.44 7.59 5.41
N PRO B 145 3.72 7.52 6.69
CA PRO B 145 4.80 8.21 7.32
C PRO B 145 6.22 7.79 6.98
N ARG B 146 6.43 6.71 6.24
CA ARG B 146 7.76 6.43 5.70
C ARG B 146 8.24 7.60 4.78
N TRP B 147 7.32 8.18 4.01
CA TRP B 147 7.59 9.23 3.06
C TRP B 147 8.06 10.45 3.83
N GLY B 148 9.20 10.99 3.46
CA GLY B 148 9.74 12.15 4.15
C GLY B 148 8.90 13.38 4.02
N ARG B 149 8.05 13.45 2.98
CA ARG B 149 7.37 14.72 2.65
C ARG B 149 6.06 14.84 3.41
N VAL B 150 5.84 13.94 4.38
CA VAL B 150 4.67 14.09 5.25
C VAL B 150 4.78 15.36 6.04
N MET B 151 5.99 15.86 6.31
CA MET B 151 6.17 17.13 7.02
C MET B 151 5.51 18.33 6.38
N GLU B 152 5.30 18.25 5.06
CA GLU B 152 4.79 19.36 4.24
C GLU B 152 3.28 19.29 4.09
N SER B 153 2.67 18.15 4.43
CA SER B 153 1.20 17.98 4.39
C SER B 153 0.61 18.33 5.75
N THR B 154 -0.68 18.65 5.80
CA THR B 154 -1.42 18.77 7.09
C THR B 154 -2.08 17.43 7.50
N GLY B 155 -1.83 16.36 6.77
CA GLY B 155 -2.05 15.02 7.30
C GLY B 155 -3.02 14.13 6.56
N GLU B 156 -3.68 13.21 7.27
CA GLU B 156 -4.49 12.13 6.67
C GLU B 156 -5.95 12.43 6.34
N ASP B 157 -6.43 13.65 6.66
CA ASP B 157 -7.78 14.04 6.40
C ASP B 157 -8.00 15.05 5.29
N PRO B 158 -8.84 14.72 4.27
CA PRO B 158 -9.09 15.64 3.16
C PRO B 158 -9.75 16.96 3.58
N PHE B 159 -10.72 16.89 4.47
CA PHE B 159 -11.39 18.09 4.97
C PHE B 159 -10.48 19.08 5.71
N LEU B 160 -9.78 18.58 6.76
CA LEU B 160 -8.82 19.42 7.44
C LEU B 160 -7.83 19.96 6.41
N ASN B 161 -7.27 19.11 5.56
CA ASN B 161 -6.30 19.65 4.57
C ASN B 161 -6.87 20.77 3.66
N SER B 162 -8.12 20.56 3.26
CA SER B 162 -8.91 21.53 2.47
C SER B 162 -9.05 22.80 3.15
N GLU B 163 -9.43 22.71 4.40
CA GLU B 163 -9.71 23.90 5.18
C GLU B 163 -8.47 24.67 5.47
N LEU B 164 -7.41 23.98 5.90
CA LEU B 164 -6.15 24.64 6.19
C LEU B 164 -5.49 25.13 4.90
N GLY B 165 -5.71 24.40 3.82
CA GLY B 165 -5.23 24.82 2.48
C GLY B 165 -5.78 26.19 2.02
N LYS B 166 -7.07 26.38 2.23
CA LYS B 166 -7.73 27.67 1.93
C LYS B 166 -7.15 28.79 2.81
N ALA B 167 -7.01 28.49 4.10
CA ALA B 167 -6.40 29.39 5.05
C ALA B 167 -5.02 29.85 4.56
N MET B 168 -4.17 28.93 4.06
CA MET B 168 -2.85 29.34 3.54
C MET B 168 -2.95 30.22 2.27
N VAL B 169 -3.73 29.81 1.29
CA VAL B 169 -3.99 30.63 0.08
C VAL B 169 -4.40 32.02 0.54
N ASP B 170 -5.42 32.12 1.38
CA ASP B 170 -5.86 33.43 1.85
C ASP B 170 -4.76 34.24 2.54
N GLY B 171 -3.96 33.61 3.42
CA GLY B 171 -2.84 34.28 4.08
C GLY B 171 -1.77 34.80 3.14
N TYR B 172 -1.38 34.03 2.11
CA TYR B 172 -0.28 34.47 1.19
C TYR B 172 -0.83 35.56 0.22
N GLN B 173 -2.05 35.33 -0.26
CA GLN B 173 -2.63 36.09 -1.35
C GLN B 173 -3.52 37.25 -0.96
N GLY B 174 -4.29 37.10 0.13
CA GLY B 174 -5.37 38.01 0.46
C GLY B 174 -6.34 38.03 -0.70
N ASP B 175 -6.75 39.23 -1.11
CA ASP B 175 -7.65 39.36 -2.26
C ASP B 175 -6.82 39.13 -3.54
N ALA B 176 -7.02 37.99 -4.18
CA ALA B 176 -6.27 37.62 -5.38
C ALA B 176 -6.39 38.62 -6.57
N SER B 177 -7.53 39.31 -6.66
CA SER B 177 -7.71 40.35 -7.68
C SER B 177 -6.92 41.65 -7.41
N LYS B 178 -6.27 41.80 -6.25
CA LYS B 178 -5.53 43.02 -5.94
C LYS B 178 -4.06 42.77 -5.73
N LEU B 179 -3.53 41.67 -6.22
CA LEU B 179 -2.08 41.38 -6.09
C LEU B 179 -1.16 42.37 -6.85
N ASN B 180 -1.69 43.12 -7.80
CA ASN B 180 -0.94 44.24 -8.40
C ASN B 180 -0.83 45.41 -7.43
N GLU B 181 -1.76 45.51 -6.48
CA GLU B 181 -1.84 46.61 -5.50
C GLU B 181 -1.23 46.24 -4.17
N ASN B 182 -1.56 45.06 -3.65
CA ASN B 182 -1.12 44.63 -2.31
C ASN B 182 0.26 43.92 -2.38
N LEU B 183 1.33 44.72 -2.21
CA LEU B 183 2.67 44.25 -2.52
C LEU B 183 3.34 43.49 -1.37
N GLU B 184 2.66 43.37 -0.23
CA GLU B 184 3.12 42.50 0.87
C GLU B 184 2.54 41.06 0.79
N GLN B 185 1.56 40.88 -0.08
CA GLN B 185 1.03 39.57 -0.45
C GLN B 185 1.68 39.05 -1.74
N MET B 186 1.58 37.76 -1.95
CA MET B 186 2.21 37.09 -3.11
C MET B 186 1.32 35.97 -3.60
N ALA B 187 1.59 35.53 -4.80
CA ALA B 187 0.87 34.44 -5.43
C ALA B 187 1.20 33.09 -4.76
N ALA B 188 0.16 32.28 -4.59
CA ALA B 188 0.28 30.91 -4.14
C ALA B 188 0.27 29.97 -5.34
N CYS B 189 1.08 28.92 -5.25
CA CYS B 189 1.13 27.80 -6.16
C CYS B 189 0.82 26.46 -5.42
N VAL B 190 -0.36 25.92 -5.68
CA VAL B 190 -0.79 24.64 -5.15
C VAL B 190 0.07 23.49 -5.72
N LYS B 191 0.50 22.59 -4.85
CA LYS B 191 1.29 21.46 -5.29
C LYS B 191 0.96 20.25 -4.42
N HIS B 192 1.24 19.02 -4.86
CA HIS B 192 1.77 18.64 -6.17
C HIS B 192 0.66 17.86 -6.92
N PHE B 193 0.15 18.39 -8.02
CA PHE B 193 -1.03 17.83 -8.71
C PHE B 193 -0.64 16.60 -9.55
N ALA B 194 -1.05 15.38 -9.19
CA ALA B 194 -1.87 15.07 -8.01
C ALA B 194 -1.46 13.70 -7.38
N ALA B 195 -1.78 13.58 -6.10
CA ALA B 195 -1.75 12.28 -5.36
C ALA B 195 -0.30 11.79 -5.03
N TYR B 196 0.63 12.72 -5.01
CA TYR B 196 2.07 12.41 -4.85
C TYR B 196 2.35 11.64 -3.50
N GLY B 197 1.59 12.03 -2.49
CA GLY B 197 1.68 11.44 -1.16
C GLY B 197 1.38 9.97 -1.05
N ALA B 198 0.77 9.37 -2.06
CA ALA B 198 0.40 7.93 -2.00
C ALA B 198 1.54 7.06 -2.53
N ALA B 199 2.73 7.61 -2.65
CA ALA B 199 3.89 6.86 -3.14
C ALA B 199 4.00 5.45 -2.53
N GLU B 200 4.22 4.45 -3.37
CA GLU B 200 4.18 3.10 -2.90
C GLU B 200 5.34 2.88 -1.89
N ALA B 201 5.01 2.14 -0.81
CA ALA B 201 5.94 1.82 0.26
C ALA B 201 6.70 3.05 0.83
N GLY B 202 6.14 4.25 0.70
CA GLY B 202 6.76 5.46 1.23
C GLY B 202 8.05 5.87 0.58
N LEU B 203 8.34 5.20 -0.54
CA LEU B 203 9.57 5.43 -1.32
C LEU B 203 9.45 6.66 -2.24
N GLU B 204 10.38 7.58 -2.11
CA GLU B 204 10.34 8.82 -2.90
C GLU B 204 10.24 8.61 -4.40
N TYR B 205 9.33 9.37 -5.02
CA TYR B 205 9.06 9.38 -6.49
C TYR B 205 8.37 8.08 -6.99
N ASN B 206 8.04 7.19 -6.06
CA ASN B 206 7.56 5.84 -6.44
C ASN B 206 6.09 5.82 -6.90
N THR B 207 5.75 4.70 -7.52
CA THR B 207 4.49 4.52 -8.17
C THR B 207 3.33 4.93 -7.25
N VAL B 208 2.36 5.61 -7.85
CA VAL B 208 1.08 5.91 -7.22
C VAL B 208 0.02 5.19 -8.02
N ASN B 209 -0.85 4.44 -7.38
CA ASN B 209 -2.03 3.85 -8.04
C ASN B 209 -3.22 3.77 -7.09
N MET B 210 -4.36 4.19 -7.56
CA MET B 210 -5.64 4.06 -6.90
C MET B 210 -6.75 4.20 -7.93
N SER B 211 -7.96 3.81 -7.62
CA SER B 211 -9.11 3.99 -8.52
C SER B 211 -9.42 5.45 -8.66
N THR B 212 -9.89 5.84 -9.84
CA THR B 212 -10.37 7.18 -10.08
C THR B 212 -11.37 7.63 -9.03
N ARG B 213 -12.33 6.80 -8.68
CA ARG B 213 -13.27 7.16 -7.61
C ARG B 213 -12.52 7.65 -6.30
N GLU B 214 -11.53 6.86 -5.89
CA GLU B 214 -10.82 7.17 -4.68
C GLU B 214 -9.98 8.49 -4.86
N LEU B 215 -9.40 8.67 -6.04
CA LEU B 215 -8.72 9.93 -6.39
C LEU B 215 -9.66 11.13 -6.16
N TYR B 216 -10.86 11.10 -6.74
CA TYR B 216 -11.89 12.09 -6.52
C TYR B 216 -12.31 12.23 -5.07
N GLN B 217 -12.57 11.11 -4.42
CA GLN B 217 -13.14 11.11 -3.07
C GLN B 217 -12.24 11.72 -2.03
N ASN B 218 -10.95 11.38 -2.12
CA ASN B 218 -9.95 11.68 -1.00
C ASN B 218 -8.68 12.49 -1.41
N TYR B 219 -8.17 12.29 -2.63
CA TYR B 219 -6.89 12.84 -3.09
C TYR B 219 -7.00 14.19 -3.73
N LEU B 220 -8.11 14.43 -4.43
CA LEU B 220 -8.37 15.70 -5.14
C LEU B 220 -8.97 16.89 -4.36
N PRO B 221 -9.70 16.63 -3.27
CA PRO B 221 -10.48 17.79 -2.75
C PRO B 221 -9.66 18.95 -2.19
N ALA B 222 -8.62 18.71 -1.39
CA ALA B 222 -7.82 19.88 -0.96
C ALA B 222 -7.28 20.68 -2.14
N TYR B 223 -6.76 20.08 -3.22
CA TYR B 223 -6.23 20.94 -4.33
C TYR B 223 -7.42 21.78 -4.84
N ASN B 224 -8.55 21.10 -4.91
CA ASN B 224 -9.72 21.75 -5.48
C ASN B 224 -10.16 22.93 -4.65
N ALA B 225 -10.22 22.76 -3.34
CA ALA B 225 -10.63 23.85 -2.44
C ALA B 225 -9.62 25.03 -2.57
N ALA B 226 -8.35 24.72 -2.78
CA ALA B 226 -7.35 25.81 -2.88
C ALA B 226 -7.50 26.54 -4.21
N ILE B 227 -7.85 25.77 -5.24
CA ILE B 227 -8.09 26.29 -6.56
C ILE B 227 -9.31 27.23 -6.50
N GLN B 228 -10.39 26.79 -5.88
CA GLN B 228 -11.60 27.58 -5.84
C GLN B 228 -11.44 28.80 -4.98
N ALA B 229 -10.52 28.74 -4.04
CA ALA B 229 -10.29 29.89 -3.18
C ALA B 229 -9.40 30.91 -3.87
N GLY B 230 -8.95 30.61 -5.09
CA GLY B 230 -8.18 31.53 -5.92
C GLY B 230 -6.68 31.36 -6.05
N ALA B 231 -6.16 30.19 -5.68
CA ALA B 231 -4.71 29.92 -5.91
C ALA B 231 -4.31 30.29 -7.33
N LYS B 232 -3.28 31.11 -7.45
CA LYS B 232 -2.85 31.64 -8.73
C LYS B 232 -2.15 30.65 -9.62
N LEU B 233 -1.30 29.78 -9.05
CA LEU B 233 -0.66 28.68 -9.84
C LEU B 233 -0.96 27.27 -9.30
N VAL B 234 -0.60 26.30 -10.14
CA VAL B 234 -0.58 24.90 -9.76
C VAL B 234 0.68 24.28 -10.32
N MET B 235 1.34 23.49 -9.45
CA MET B 235 2.50 22.69 -9.84
C MET B 235 2.14 21.20 -10.06
N THR B 236 2.71 20.59 -11.12
CA THR B 236 2.51 19.18 -11.46
C THR B 236 3.30 18.29 -10.47
N ALA B 237 2.95 17.01 -10.37
CA ALA B 237 3.61 16.10 -9.51
C ALA B 237 4.54 15.16 -10.26
N PHE B 238 5.53 14.63 -9.55
CA PHE B 238 6.52 13.66 -10.08
C PHE B 238 6.00 12.24 -10.40
N ASN B 239 4.93 11.82 -9.72
CA ASN B 239 4.38 10.44 -9.87
C ASN B 239 3.46 10.20 -11.06
N VAL B 240 3.31 8.92 -11.44
CA VAL B 240 2.29 8.57 -12.37
C VAL B 240 0.97 8.74 -11.68
N VAL B 241 -0.04 9.05 -12.44
CA VAL B 241 -1.41 8.93 -11.99
C VAL B 241 -2.11 7.98 -12.92
N ASP B 242 -2.68 6.93 -12.39
CA ASP B 242 -3.14 5.82 -13.24
C ASP B 242 -2.25 5.45 -14.43
N GLY B 243 -0.95 5.36 -14.14
CA GLY B 243 -0.01 4.88 -15.09
C GLY B 243 0.64 5.88 -16.02
N ILE B 244 0.28 7.16 -15.88
CA ILE B 244 0.77 8.22 -16.75
C ILE B 244 1.30 9.34 -15.90
N PRO B 245 2.60 9.68 -16.07
CA PRO B 245 3.17 10.78 -15.32
C PRO B 245 2.24 11.99 -15.28
N ALA B 246 2.06 12.58 -14.12
CA ALA B 246 1.14 13.67 -14.01
C ALA B 246 1.44 14.78 -15.03
N THR B 247 2.72 15.04 -15.22
CA THR B 247 3.13 16.20 -16.01
C THR B 247 2.58 16.12 -17.44
N MET B 248 2.51 14.93 -18.05
CA MET B 248 1.99 14.80 -19.40
C MET B 248 0.62 14.09 -19.38
N ASN B 249 -0.09 14.25 -18.27
CA ASN B 249 -1.37 13.53 -18.14
C ASN B 249 -2.49 14.44 -18.60
N LYS B 250 -2.84 14.23 -19.87
CA LYS B 250 -3.78 15.10 -20.54
C LYS B 250 -5.11 15.14 -19.78
N TRP B 251 -5.65 13.96 -19.50
CA TRP B 251 -6.89 13.82 -18.74
C TRP B 251 -6.83 14.64 -17.44
N LEU B 252 -5.75 14.46 -16.67
CA LEU B 252 -5.65 15.05 -15.35
C LEU B 252 -5.59 16.54 -15.41
N ASN B 253 -4.77 17.05 -16.34
CA ASN B 253 -4.47 18.48 -16.40
C ASN B 253 -5.46 19.30 -17.29
N ARG B 254 -5.93 18.74 -18.40
CA ARG B 254 -6.91 19.42 -19.26
C ARG B 254 -8.30 19.14 -18.75
N ASP B 255 -8.70 17.88 -18.68
CA ASP B 255 -10.10 17.54 -18.29
C ASP B 255 -10.46 17.91 -16.85
N VAL B 256 -9.62 17.51 -15.89
CA VAL B 256 -9.91 17.77 -14.47
C VAL B 256 -9.46 19.20 -14.03
N LEU B 257 -8.18 19.48 -14.19
CA LEU B 257 -7.63 20.68 -13.61
C LEU B 257 -8.26 21.89 -14.32
N ARG B 258 -8.05 22.03 -15.62
CA ARG B 258 -8.60 23.15 -16.39
C ARG B 258 -10.13 23.11 -16.61
N GLY B 259 -10.69 21.93 -16.81
CA GLY B 259 -12.09 21.79 -17.13
C GLY B 259 -12.94 21.78 -15.87
N GLU B 260 -12.90 20.70 -15.11
CA GLU B 260 -13.74 20.55 -13.90
C GLU B 260 -13.42 21.52 -12.82
N MET B 261 -12.14 21.74 -12.55
CA MET B 261 -11.80 22.66 -11.52
C MET B 261 -11.68 24.12 -12.05
N GLU B 262 -11.91 24.33 -13.34
CA GLU B 262 -11.92 25.70 -13.95
C GLU B 262 -10.68 26.51 -13.58
N PHE B 263 -9.57 25.79 -13.38
CA PHE B 263 -8.29 26.41 -13.21
C PHE B 263 -7.79 27.11 -14.48
N ASP B 264 -7.47 28.38 -14.36
CA ASP B 264 -7.05 29.12 -15.54
C ASP B 264 -5.74 29.89 -15.39
N GLY B 265 -4.93 29.51 -14.42
CA GLY B 265 -3.57 29.99 -14.34
C GLY B 265 -2.47 29.13 -14.95
N VAL B 266 -1.27 29.53 -14.59
CA VAL B 266 -0.03 28.92 -14.99
C VAL B 266 0.08 27.55 -14.33
N LEU B 267 0.22 26.54 -15.15
CA LEU B 267 0.54 25.22 -14.65
C LEU B 267 2.05 25.09 -14.83
N ILE B 268 2.78 25.08 -13.71
CA ILE B 268 4.26 24.92 -13.71
C ILE B 268 4.65 23.43 -13.49
N SER B 269 5.67 22.93 -14.18
CA SER B 269 6.14 21.56 -13.94
C SER B 269 6.90 21.57 -12.64
N ASP B 270 6.89 20.45 -11.96
CA ASP B 270 7.88 20.27 -10.87
C ASP B 270 9.30 20.07 -11.58
N TRP B 271 10.36 20.07 -10.80
CA TRP B 271 11.69 20.27 -11.30
C TRP B 271 12.12 19.12 -12.21
N GLY B 272 12.34 19.41 -13.46
CA GLY B 272 12.67 18.42 -14.47
C GLY B 272 11.57 17.41 -14.80
N ALA B 273 10.36 17.61 -14.27
CA ALA B 273 9.33 16.57 -14.42
C ALA B 273 8.90 16.40 -15.90
N VAL B 274 9.05 17.48 -16.70
CA VAL B 274 8.76 17.42 -18.17
C VAL B 274 9.74 16.41 -18.82
N ALA B 275 11.05 16.63 -18.63
CA ALA B 275 12.11 15.68 -19.13
C ALA B 275 11.97 14.25 -18.53
N GLU B 276 11.59 14.17 -17.27
CA GLU B 276 11.55 12.88 -16.55
C GLU B 276 10.45 11.92 -17.01
N VAL B 277 9.48 12.40 -17.81
CA VAL B 277 8.49 11.52 -18.42
C VAL B 277 9.18 10.49 -19.30
N ILE B 278 10.37 10.87 -19.77
CA ILE B 278 11.27 9.95 -20.46
C ILE B 278 11.63 8.76 -19.55
N ASN B 279 12.20 9.05 -18.39
CA ASN B 279 12.56 7.99 -17.46
C ASN B 279 11.35 7.14 -17.12
N HIS B 280 10.17 7.77 -17.05
CA HIS B 280 8.96 7.09 -16.64
C HIS B 280 8.59 6.12 -17.75
N GLY B 281 9.18 6.32 -18.91
CA GLY B 281 8.88 5.49 -20.07
C GLY B 281 7.62 5.84 -20.85
N THR B 282 7.12 7.07 -20.81
CA THR B 282 5.96 7.52 -21.55
C THR B 282 6.31 8.61 -22.61
N ALA B 283 7.57 8.74 -22.89
CA ALA B 283 8.06 9.54 -24.00
C ALA B 283 9.43 8.97 -24.38
N ARG B 284 9.70 8.90 -25.69
CA ARG B 284 10.97 8.30 -26.20
C ARG B 284 12.11 9.27 -26.02
N ASN B 285 11.85 10.55 -26.00
CA ASN B 285 12.93 11.53 -26.15
C ASN B 285 12.42 12.92 -25.91
N PRO B 286 13.33 13.93 -25.85
CA PRO B 286 12.85 15.28 -25.46
C PRO B 286 11.80 15.92 -26.37
N LYS B 287 11.79 15.54 -27.65
CA LYS B 287 10.72 15.99 -28.54
C LYS B 287 9.38 15.41 -28.14
N GLU B 288 9.37 14.15 -27.83
CA GLU B 288 8.09 13.53 -27.41
C GLU B 288 7.60 14.12 -26.09
N ALA B 289 8.52 14.27 -25.13
CA ALA B 289 8.25 14.91 -23.82
C ALA B 289 7.61 16.30 -23.89
N ALA B 290 8.23 17.10 -24.73
CA ALA B 290 7.77 18.45 -24.99
C ALA B 290 6.34 18.42 -25.58
N GLN B 291 6.16 17.62 -26.62
CA GLN B 291 4.88 17.62 -27.32
C GLN B 291 3.78 17.24 -26.34
N PHE B 292 4.05 16.27 -25.47
CA PHE B 292 2.99 15.67 -24.59
C PHE B 292 2.69 16.56 -23.37
N SER B 293 3.72 17.21 -22.86
CA SER B 293 3.56 18.16 -21.78
C SER B 293 2.79 19.39 -22.25
N MET B 294 3.08 19.84 -23.47
CA MET B 294 2.38 21.04 -23.96
C MET B 294 0.94 20.69 -24.28
N GLU B 295 0.69 19.53 -24.87
CA GLU B 295 -0.70 19.06 -25.02
C GLU B 295 -1.46 19.02 -23.72
N ALA B 296 -0.79 18.62 -22.66
CA ALA B 296 -1.40 18.45 -21.37
C ALA B 296 -1.65 19.76 -20.70
N GLY B 297 -0.97 20.83 -21.17
CA GLY B 297 -1.22 22.19 -20.68
C GLY B 297 -0.26 22.75 -19.66
N VAL B 298 0.96 22.24 -19.69
CA VAL B 298 1.98 22.74 -18.82
C VAL B 298 2.56 23.98 -19.44
N ASP B 299 2.55 25.09 -18.69
CA ASP B 299 2.92 26.38 -19.24
C ASP B 299 4.38 26.74 -19.05
N LEU B 300 5.05 26.10 -18.09
CA LEU B 300 6.34 26.55 -17.58
C LEU B 300 7.13 25.31 -17.19
N GLU B 301 8.21 25.06 -17.94
CA GLU B 301 9.11 23.97 -17.70
C GLU B 301 10.19 24.36 -16.68
N MET B 302 10.18 23.69 -15.53
CA MET B 302 11.18 24.02 -14.52
C MET B 302 12.55 23.35 -14.74
N MET B 303 13.54 24.17 -15.17
CA MET B 303 14.95 23.78 -15.16
C MET B 303 15.27 22.50 -15.98
N THR B 304 14.44 22.21 -16.99
CA THR B 304 14.85 21.42 -18.13
C THR B 304 14.49 22.11 -19.46
N THR B 305 14.94 21.52 -20.56
CA THR B 305 15.00 22.22 -21.82
C THR B 305 14.26 21.58 -22.95
N CYS B 306 13.27 20.72 -22.68
CA CYS B 306 12.54 20.06 -23.77
C CYS B 306 11.80 21.09 -24.64
N TYR B 307 11.13 22.03 -24.01
CA TYR B 307 10.41 23.04 -24.78
C TYR B 307 11.37 23.87 -25.67
N ILE B 308 12.41 24.41 -25.02
CA ILE B 308 13.38 25.35 -25.64
C ILE B 308 13.99 24.77 -26.92
N HIS B 309 14.37 23.51 -26.86
CA HIS B 309 15.03 22.89 -27.97
C HIS B 309 14.05 22.21 -28.91
N GLU B 310 12.77 22.06 -28.57
CA GLU B 310 11.88 21.24 -29.44
C GLU B 310 10.54 21.79 -29.89
N LEU B 311 10.05 22.80 -29.23
CA LEU B 311 8.78 23.36 -29.60
C LEU B 311 8.76 23.91 -31.02
N LYS B 312 9.86 24.52 -31.44
CA LYS B 312 9.95 25.13 -32.76
C LYS B 312 9.67 24.07 -33.85
N GLY B 313 10.49 23.03 -33.88
CA GLY B 313 10.33 21.93 -34.83
C GLY B 313 8.95 21.28 -34.75
N LEU B 314 8.43 21.12 -33.54
CA LEU B 314 7.09 20.53 -33.39
C LEU B 314 6.04 21.35 -34.09
N ILE B 315 6.15 22.65 -33.93
CA ILE B 315 5.18 23.60 -34.48
C ILE B 315 5.33 23.71 -36.00
N GLU B 316 6.54 23.98 -36.44
CA GLU B 316 6.79 24.01 -37.89
C GLU B 316 6.39 22.70 -38.59
N GLU B 317 6.66 21.56 -37.97
CA GLU B 317 6.33 20.23 -38.56
C GLU B 317 4.83 19.99 -38.51
N GLY B 318 4.06 20.76 -37.74
CA GLY B 318 2.61 20.53 -37.66
C GLY B 318 2.19 19.44 -36.68
N LYS B 319 3.10 19.02 -35.79
CA LYS B 319 2.76 18.02 -34.76
C LYS B 319 2.10 18.68 -33.54
N LEU B 320 2.36 19.98 -33.36
CA LEU B 320 1.78 20.85 -32.36
C LEU B 320 1.26 22.14 -32.97
N SER B 321 0.10 22.57 -32.54
CA SER B 321 -0.42 23.84 -32.92
C SER B 321 0.20 24.93 -32.04
N GLU B 322 0.53 26.02 -32.70
CA GLU B 322 1.11 27.15 -32.05
C GLU B 322 0.10 27.84 -31.13
N ASN B 323 -1.19 27.60 -31.32
CA ASN B 323 -2.23 28.15 -30.43
C ASN B 323 -2.09 27.67 -29.00
N LEU B 324 -1.75 26.39 -28.84
CA LEU B 324 -1.46 25.88 -27.48
C LEU B 324 -0.34 26.68 -26.87
N LEU B 325 0.70 26.99 -27.65
CA LEU B 325 1.81 27.83 -27.14
C LEU B 325 1.34 29.25 -26.78
N ASP B 326 0.60 29.90 -27.66
CA ASP B 326 0.11 31.26 -27.35
C ASP B 326 -0.73 31.26 -26.10
N GLU B 327 -1.53 30.20 -25.94
CA GLU B 327 -2.37 30.08 -24.75
C GLU B 327 -1.49 30.00 -23.48
N ALA B 328 -0.43 29.20 -23.53
CA ALA B 328 0.55 29.10 -22.42
C ALA B 328 1.26 30.45 -22.17
N VAL B 329 1.65 31.14 -23.24
CA VAL B 329 2.32 32.43 -23.10
C VAL B 329 1.38 33.48 -22.47
N LEU B 330 0.13 33.54 -22.94
CA LEU B 330 -0.83 34.48 -22.39
C LEU B 330 -1.03 34.30 -20.88
N ARG B 331 -1.22 33.04 -20.46
CA ARG B 331 -1.26 32.76 -19.02
C ARG B 331 -0.03 33.27 -18.27
N MET B 332 1.15 33.06 -18.83
CA MET B 332 2.37 33.59 -18.22
C MET B 332 2.29 35.13 -18.06
N LEU B 333 2.01 35.83 -19.15
CA LEU B 333 1.87 37.29 -19.09
C LEU B 333 0.76 37.71 -18.12
N ASN B 334 -0.37 36.99 -18.09
CA ASN B 334 -1.49 37.39 -17.21
C ASN B 334 -1.15 37.29 -15.73
N LEU B 335 -0.36 36.28 -15.38
CA LEU B 335 0.20 36.24 -14.01
C LEU B 335 1.05 37.48 -13.72
N LYS B 336 1.98 37.79 -14.61
CA LYS B 336 2.89 38.95 -14.40
C LYS B 336 2.08 40.21 -14.24
N ASN B 337 1.06 40.35 -15.07
CA ASN B 337 0.14 41.46 -14.97
C ASN B 337 -0.71 41.45 -13.69
N ASP B 338 -1.19 40.28 -13.26
CA ASP B 338 -1.87 40.13 -11.95
C ASP B 338 -0.99 40.62 -10.77
N LEU B 339 0.32 40.40 -10.90
CA LEU B 339 1.33 40.80 -9.91
C LEU B 339 1.82 42.25 -10.08
N GLY B 340 1.44 42.87 -11.18
CA GLY B 340 1.62 44.31 -11.40
C GLY B 340 2.99 44.59 -11.97
N LEU B 341 3.63 43.57 -12.53
CA LEU B 341 5.04 43.70 -12.95
C LEU B 341 5.25 44.64 -14.15
N PHE B 342 4.22 44.82 -14.98
CA PHE B 342 4.31 45.71 -16.13
C PHE B 342 4.28 47.21 -15.73
N GLU B 343 3.70 47.53 -14.59
CA GLU B 343 3.83 48.86 -14.00
C GLU B 343 5.04 48.91 -13.06
N ASP B 344 5.20 47.92 -12.18
CA ASP B 344 6.39 47.85 -11.27
C ASP B 344 7.05 46.45 -11.26
N PRO B 345 8.12 46.28 -12.09
CA PRO B 345 8.87 45.01 -12.19
C PRO B 345 9.61 44.55 -10.92
N TYR B 346 9.83 45.49 -10.00
CA TYR B 346 10.50 45.29 -8.72
C TYR B 346 9.50 45.11 -7.56
N ARG B 347 8.22 45.09 -7.91
CA ARG B 347 7.15 44.79 -6.97
C ARG B 347 7.33 45.44 -5.60
N GLY B 348 7.40 46.76 -5.64
CA GLY B 348 7.50 47.60 -4.44
C GLY B 348 8.91 47.81 -3.88
N LEU B 349 9.91 47.15 -4.45
CA LEU B 349 11.23 47.17 -3.83
C LEU B 349 12.04 48.39 -4.25
N LYS B 350 11.87 48.82 -5.51
CA LYS B 350 12.94 49.53 -6.24
C LYS B 350 13.45 50.74 -5.49
N ASN B 351 12.52 51.54 -4.94
CA ASN B 351 12.88 52.69 -4.10
C ASN B 351 12.59 52.56 -2.61
N ASN B 352 11.74 51.61 -2.25
CA ASN B 352 11.37 51.40 -0.87
C ASN B 352 12.03 50.13 -0.34
N ASP B 353 13.18 50.27 0.34
CA ASP B 353 13.88 49.13 0.95
C ASP B 353 13.10 48.59 2.17
N ARG B 354 12.79 47.30 2.19
CA ARG B 354 11.93 46.71 3.22
C ARG B 354 12.64 45.71 4.16
N THR B 355 13.96 45.81 4.31
CA THR B 355 14.70 44.96 5.30
C THR B 355 14.08 45.02 6.69
N LYS B 356 13.55 46.17 7.03
CA LYS B 356 12.87 46.42 8.32
C LYS B 356 11.78 45.38 8.64
N ASP B 357 11.08 44.94 7.61
CA ASP B 357 9.98 43.97 7.74
C ASP B 357 10.44 42.51 8.02
N ILE B 358 11.74 42.21 7.94
CA ILE B 358 12.23 40.83 8.07
C ILE B 358 12.70 40.45 9.48
N LEU B 359 12.20 39.34 10.00
CA LEU B 359 12.56 38.86 11.34
C LEU B 359 12.33 39.85 12.50
N THR B 360 11.20 40.55 12.48
CA THR B 360 10.76 41.42 13.60
C THR B 360 10.35 40.56 14.77
N ASP B 361 10.27 41.18 15.94
CA ASP B 361 9.80 40.55 17.19
C ASP B 361 8.29 40.22 17.21
N GLU B 362 7.50 41.05 16.52
CA GLU B 362 6.09 40.78 16.31
C GLU B 362 5.97 39.45 15.55
N SER B 363 6.79 39.28 14.51
CA SER B 363 6.71 38.08 13.70
C SER B 363 7.06 36.84 14.53
N ARG B 364 8.20 36.92 15.22
CA ARG B 364 8.67 35.93 16.22
C ARG B 364 7.60 35.52 17.22
N GLY B 365 6.87 36.48 17.81
CA GLY B 365 5.76 36.17 18.73
C GLY B 365 4.66 35.38 18.05
N LYS B 366 4.36 35.73 16.78
CA LYS B 366 3.41 34.96 15.94
C LYS B 366 3.86 33.49 15.72
N ALA B 367 5.15 33.28 15.42
CA ALA B 367 5.72 31.90 15.24
C ALA B 367 5.76 31.08 16.57
N ARG B 368 6.15 31.74 17.65
CA ARG B 368 6.02 31.14 18.96
C ARG B 368 4.60 30.72 19.23
N ALA B 369 3.64 31.58 18.88
CA ALA B 369 2.22 31.27 19.09
C ALA B 369 1.76 30.09 18.25
N ALA B 370 2.12 30.06 16.97
CA ALA B 370 1.91 28.84 16.14
C ALA B 370 2.50 27.59 16.82
N GLY B 371 3.75 27.70 17.25
CA GLY B 371 4.41 26.64 18.05
C GLY B 371 3.52 26.10 19.13
N VAL B 372 2.96 26.97 19.99
CA VAL B 372 2.17 26.46 21.15
C VAL B 372 0.78 25.98 20.82
N GLU B 373 0.26 26.42 19.67
CA GLU B 373 -0.95 25.89 19.10
C GLU B 373 -0.78 24.53 18.45
N SER B 374 0.43 24.22 17.95
CA SER B 374 0.70 23.06 17.10
C SER B 374 1.26 21.84 17.82
N ALA B 375 1.96 22.05 18.97
CA ALA B 375 2.50 20.91 19.72
C ALA B 375 1.34 20.06 20.19
N VAL B 376 1.57 18.76 20.40
CA VAL B 376 0.54 17.80 20.85
C VAL B 376 1.03 17.09 22.11
N LEU B 377 0.25 17.20 23.18
CA LEU B 377 0.58 16.53 24.44
C LEU B 377 -0.01 15.14 24.39
N LEU B 378 0.82 14.13 24.44
CA LEU B 378 0.43 12.73 24.16
C LEU B 378 0.26 11.96 25.44
N GLU B 379 1.20 12.19 26.37
CA GLU B 379 1.08 11.58 27.72
C GLU B 379 1.41 12.60 28.80
N ASN B 380 0.80 12.41 29.97
CA ASN B 380 1.05 13.27 31.15
C ASN B 380 0.53 12.49 32.34
N LYS B 381 1.32 11.58 32.82
CA LYS B 381 0.87 10.68 33.92
C LYS B 381 1.08 11.35 35.26
N SER B 382 -0.01 11.53 35.98
CA SER B 382 -0.02 12.02 37.36
C SER B 382 0.39 13.50 37.48
N ARG B 383 -0.08 14.33 36.57
CA ARG B 383 0.19 15.77 36.64
C ARG B 383 1.68 16.16 36.71
N LEU B 384 2.54 15.33 36.12
CA LEU B 384 3.94 15.75 35.93
C LEU B 384 3.94 17.13 35.36
N LEU B 385 3.24 17.38 34.26
CA LEU B 385 3.20 18.77 33.70
C LEU B 385 1.93 19.56 34.08
N PRO B 386 2.02 20.88 34.14
CA PRO B 386 3.17 21.75 33.83
C PRO B 386 4.24 21.65 34.90
N LEU B 387 5.49 21.99 34.60
CA LEU B 387 6.46 22.01 35.67
C LEU B 387 6.45 23.37 36.42
N ALA B 388 6.64 23.31 37.76
CA ALA B 388 6.87 24.50 38.58
C ALA B 388 8.12 25.22 38.07
N LYS B 389 8.10 26.54 38.08
CA LYS B 389 9.19 27.32 37.55
C LYS B 389 10.47 27.11 38.36
N GLU B 390 10.33 26.65 39.59
CA GLU B 390 11.52 26.29 40.41
C GLU B 390 11.91 24.78 40.30
N ALA B 391 11.25 24.01 39.43
CA ALA B 391 11.57 22.60 39.24
C ALA B 391 13.01 22.50 38.79
N LYS B 392 13.76 21.58 39.38
CA LYS B 392 15.17 21.42 39.02
C LYS B 392 15.28 20.39 37.93
N ILE B 393 15.79 20.85 36.79
CA ILE B 393 15.74 20.10 35.54
C ILE B 393 17.07 19.54 35.08
N ALA B 394 17.14 18.20 34.97
CA ALA B 394 18.14 17.57 34.11
C ALA B 394 17.61 17.56 32.65
N LEU B 395 18.28 18.34 31.80
CA LEU B 395 17.87 18.42 30.41
C LEU B 395 18.82 17.54 29.63
N VAL B 396 18.41 16.33 29.22
CA VAL B 396 19.33 15.47 28.42
C VAL B 396 18.86 15.00 27.04
N GLY B 397 19.83 14.75 26.19
CA GLY B 397 19.60 14.11 24.90
C GLY B 397 20.10 14.89 23.68
N PRO B 398 19.92 14.31 22.48
CA PRO B 398 20.35 14.94 21.27
C PRO B 398 19.66 16.24 20.92
N LEU B 399 18.50 16.55 21.47
CA LEU B 399 17.86 17.85 21.20
C LEU B 399 17.97 18.89 22.34
N ALA B 400 18.76 18.54 23.37
CA ALA B 400 19.04 19.45 24.45
C ALA B 400 19.61 20.77 23.97
N THR B 401 20.60 20.70 23.07
CA THR B 401 21.34 21.86 22.54
C THR B 401 21.37 21.95 21.00
N SER B 402 20.93 20.93 20.31
CA SER B 402 21.05 20.95 18.84
C SER B 402 20.26 22.14 18.30
N PRO B 403 20.86 22.90 17.41
CA PRO B 403 20.16 24.03 16.78
C PRO B 403 19.25 23.56 15.63
N ASP B 404 19.20 22.25 15.35
CA ASP B 404 18.36 21.70 14.26
C ASP B 404 16.88 21.59 14.66
N ILE B 405 16.23 22.74 14.79
CA ILE B 405 14.86 22.79 15.23
C ILE B 405 13.96 23.58 14.27
N LEU B 406 14.50 24.00 13.14
CA LEU B 406 13.73 24.85 12.22
C LEU B 406 12.85 24.01 11.27
N GLY B 407 13.21 22.76 11.06
CA GLY B 407 12.46 21.85 10.24
C GLY B 407 12.97 21.68 8.84
N GLY B 408 12.49 20.66 8.17
CA GLY B 408 12.76 20.49 6.73
C GLY B 408 12.04 21.57 5.91
N TRP B 409 12.46 21.74 4.66
CA TRP B 409 11.93 22.82 3.76
C TRP B 409 12.03 24.15 4.43
N ASN B 410 13.27 24.42 4.86
CA ASN B 410 13.71 25.72 5.32
C ASN B 410 14.81 26.32 4.47
N VAL B 411 14.45 26.87 3.32
CA VAL B 411 15.42 27.38 2.37
C VAL B 411 16.10 28.67 2.85
N TYR B 412 15.39 29.49 3.61
CA TYR B 412 15.81 30.85 3.88
C TYR B 412 16.11 31.17 5.33
N GLY B 413 15.59 30.37 6.28
CA GLY B 413 15.79 30.69 7.68
C GLY B 413 17.13 30.22 8.21
N GLU B 414 17.62 30.85 9.25
CA GLU B 414 18.96 30.52 9.72
C GLU B 414 18.96 30.06 11.13
N GLU B 415 19.75 29.05 11.36
CA GLU B 415 19.79 28.42 12.66
C GLU B 415 20.33 29.36 13.74
N LYS B 416 21.19 30.32 13.36
CA LYS B 416 21.75 31.21 14.38
C LYS B 416 20.66 32.03 15.04
N ASP B 417 19.58 32.32 14.32
CA ASP B 417 18.46 33.08 14.92
C ASP B 417 17.47 32.26 15.73
N GLY B 418 17.59 30.94 15.72
CA GLY B 418 16.61 30.09 16.41
C GLY B 418 16.97 29.95 17.86
N ILE B 419 16.05 29.42 18.65
CA ILE B 419 16.28 29.26 20.05
C ILE B 419 16.28 27.75 20.36
N ASN B 420 17.37 27.25 20.89
CA ASN B 420 17.40 25.85 21.19
C ASN B 420 16.70 25.55 22.48
N VAL B 421 16.55 24.26 22.77
CA VAL B 421 15.83 23.91 23.93
C VAL B 421 16.52 24.43 25.22
N GLU B 422 17.83 24.26 25.33
CA GLU B 422 18.55 24.80 26.50
C GLU B 422 18.30 26.27 26.69
N THR B 423 18.50 27.08 25.64
CA THR B 423 18.29 28.52 25.77
C THR B 423 16.85 28.85 26.20
N GLY B 424 15.87 28.30 25.48
CA GLY B 424 14.45 28.44 25.87
C GLY B 424 14.24 28.15 27.35
N LEU B 425 14.79 27.06 27.80
CA LEU B 425 14.53 26.57 29.15
C LEU B 425 15.20 27.46 30.21
N ARG B 426 16.42 27.92 29.96
CA ARG B 426 17.10 28.74 30.98
C ARG B 426 16.48 30.12 31.16
N GLU B 427 15.72 30.58 30.16
CA GLU B 427 14.87 31.77 30.29
C GLU B 427 13.68 31.59 31.29
N VAL B 428 13.25 30.37 31.47
CA VAL B 428 12.05 30.18 32.28
C VAL B 428 12.46 29.59 33.62
N PHE B 429 13.33 28.58 33.61
CA PHE B 429 13.70 27.78 34.81
C PHE B 429 15.09 28.20 35.26
N GLU B 430 15.30 28.12 36.57
CA GLU B 430 16.48 28.73 37.26
C GLU B 430 17.55 27.69 37.38
N THR B 431 17.14 26.43 37.60
CA THR B 431 18.06 25.30 37.67
C THR B 431 17.83 24.27 36.56
N VAL B 432 18.82 24.24 35.66
CA VAL B 432 18.91 23.30 34.54
C VAL B 432 20.34 22.77 34.42
N GLU B 433 20.50 21.45 34.42
CA GLU B 433 21.77 20.81 34.11
C GLU B 433 21.65 20.08 32.78
N VAL B 434 22.55 20.40 31.86
CA VAL B 434 22.46 19.90 30.51
C VAL B 434 23.42 18.76 30.32
N VAL B 435 22.98 17.67 29.67
CA VAL B 435 23.93 16.69 29.10
C VAL B 435 23.45 16.37 27.67
N SER B 436 24.19 16.95 26.73
CA SER B 436 23.98 16.70 25.31
C SER B 436 24.49 15.32 24.88
N THR B 437 23.69 14.58 24.13
CA THR B 437 24.18 13.34 23.53
C THR B 437 24.02 13.43 22.02
N GLU B 438 24.60 12.47 21.30
CA GLU B 438 24.60 12.43 19.86
C GLU B 438 23.33 11.78 19.36
N TYR B 439 22.98 12.00 18.09
CA TYR B 439 21.71 11.53 17.60
C TYR B 439 21.68 10.02 17.46
N THR B 440 22.81 9.37 17.17
CA THR B 440 22.80 7.94 16.85
C THR B 440 23.66 7.03 17.75
N GLU B 441 24.22 7.61 18.83
CA GLU B 441 25.12 6.90 19.75
C GLU B 441 24.64 7.12 21.20
N LEU B 442 24.95 6.14 22.06
CA LEU B 442 24.84 6.27 23.50
C LEU B 442 26.09 5.64 24.14
N SER B 443 27.10 6.42 24.51
CA SER B 443 28.36 5.93 25.04
C SER B 443 28.27 5.67 26.53
N GLU B 444 29.14 4.80 27.05
CA GLU B 444 29.26 4.63 28.54
C GLU B 444 29.52 5.96 29.25
N GLU B 445 30.37 6.76 28.65
CA GLU B 445 30.61 8.10 29.17
C GLU B 445 29.34 9.02 29.21
N ASP B 446 28.46 8.96 28.18
CA ASP B 446 27.17 9.67 28.20
C ASP B 446 26.38 9.24 29.40
N LYS B 447 26.37 7.97 29.65
CA LYS B 447 25.55 7.42 30.69
C LYS B 447 26.02 7.84 32.08
N VAL B 448 27.34 7.84 32.29
CA VAL B 448 27.89 8.35 33.57
C VAL B 448 27.43 9.81 33.74
N ALA B 449 27.59 10.63 32.69
CA ALA B 449 27.26 12.07 32.78
C ALA B 449 25.75 12.31 32.92
N VAL B 450 24.95 11.52 32.24
CA VAL B 450 23.48 11.58 32.40
C VAL B 450 23.09 11.20 33.82
N LYS B 451 23.64 10.11 34.30
CA LYS B 451 23.34 9.62 35.70
C LYS B 451 23.60 10.66 36.80
N ALA B 452 24.72 11.36 36.67
CA ALA B 452 25.07 12.42 37.61
C ALA B 452 24.10 13.61 37.56
N ALA B 453 23.72 14.07 36.36
CA ALA B 453 22.80 15.22 36.25
C ALA B 453 21.41 14.88 36.78
N VAL B 454 20.92 13.70 36.46
CA VAL B 454 19.62 13.27 36.96
C VAL B 454 19.65 13.19 38.49
N GLN B 455 20.67 12.52 39.03
CA GLN B 455 20.88 12.49 40.51
C GLN B 455 20.85 13.88 41.16
N ASN B 456 21.52 14.86 40.57
CA ASN B 456 21.45 16.22 41.05
C ASN B 456 20.06 16.90 41.00
N MET B 457 19.34 16.70 39.89
CA MET B 457 18.12 17.46 39.69
C MET B 457 16.90 16.67 40.17
N ASP B 458 15.70 17.19 39.96
CA ASP B 458 14.46 16.50 40.38
C ASP B 458 13.61 15.87 39.25
N VAL B 459 13.72 16.45 38.05
CA VAL B 459 12.93 15.94 36.93
C VAL B 459 13.79 15.95 35.68
N VAL B 460 13.58 14.95 34.85
CA VAL B 460 14.30 14.87 33.60
C VAL B 460 13.48 15.42 32.42
N VAL B 461 14.04 16.38 31.70
CA VAL B 461 13.57 16.71 30.37
C VAL B 461 14.43 15.95 29.33
N LEU B 462 13.87 14.88 28.74
CA LEU B 462 14.58 14.04 27.77
C LEU B 462 14.18 14.48 26.36
N ALA B 463 15.12 15.13 25.68
CA ALA B 463 14.91 15.81 24.39
C ALA B 463 15.45 14.94 23.22
N LEU B 464 14.50 14.27 22.55
CA LEU B 464 14.78 13.22 21.55
C LEU B 464 14.34 13.76 20.22
N GLY B 465 14.89 13.21 19.14
CA GLY B 465 14.41 13.60 17.84
C GLY B 465 15.22 13.22 16.60
N GLU B 466 14.64 13.60 15.46
CA GLU B 466 15.20 13.35 14.16
C GLU B 466 16.00 14.58 13.79
N LYS B 467 17.09 14.38 13.04
CA LYS B 467 17.65 15.42 12.25
C LYS B 467 16.69 15.74 11.12
N ASN B 468 16.67 16.97 10.63
CA ASN B 468 15.66 17.29 9.61
C ASN B 468 15.98 16.64 8.28
N GLU B 469 17.26 16.37 8.01
CA GLU B 469 17.66 15.70 6.79
C GLU B 469 17.17 14.24 6.73
N TRP B 470 16.57 13.70 7.79
CA TRP B 470 15.89 12.36 7.69
C TRP B 470 14.46 12.37 7.11
N GLY B 471 13.93 13.56 6.81
CA GLY B 471 12.69 13.70 6.05
C GLY B 471 12.79 14.79 5.01
N GLY B 472 11.64 15.28 4.53
CA GLY B 472 11.62 16.20 3.39
C GLY B 472 11.75 15.37 2.12
N GLU B 473 12.07 15.99 1.02
CA GLU B 473 12.11 15.33 -0.29
C GLU B 473 13.30 14.38 -0.28
N ALA B 474 13.04 13.15 -0.70
CA ALA B 474 14.02 12.11 -0.82
C ALA B 474 14.62 11.72 0.57
N GLY B 475 13.77 11.83 1.59
CA GLY B 475 14.03 11.41 2.96
C GLY B 475 13.04 10.34 3.35
N SER B 476 13.07 9.23 2.62
CA SER B 476 12.23 8.10 2.91
C SER B 476 12.91 7.18 3.89
N LEU B 477 12.18 6.73 4.93
CA LEU B 477 12.68 5.72 5.82
C LEU B 477 11.78 4.54 5.76
N ALA B 478 12.36 3.36 5.59
CA ALA B 478 11.60 2.16 5.60
C ALA B 478 11.08 1.78 6.99
N THR B 479 11.84 2.02 8.04
CA THR B 479 11.37 1.80 9.39
C THR B 479 11.12 3.16 10.04
N ILE B 480 9.93 3.41 10.56
CA ILE B 480 9.69 4.78 11.13
C ILE B 480 10.00 4.84 12.62
N ARG B 481 11.29 4.81 12.93
CA ARG B 481 11.85 4.84 14.30
C ARG B 481 13.04 5.79 14.40
N LEU B 482 13.23 6.34 15.59
CA LEU B 482 14.43 7.13 15.84
C LEU B 482 15.51 6.12 15.83
N PRO B 483 16.73 6.61 15.74
CA PRO B 483 17.91 5.77 15.94
C PRO B 483 17.78 4.99 17.22
N GLU B 484 18.15 3.74 17.14
CA GLU B 484 18.01 2.84 18.28
C GLU B 484 18.71 3.36 19.55
N ALA B 485 19.82 4.10 19.40
CA ALA B 485 20.45 4.74 20.54
C ALA B 485 19.53 5.69 21.32
N GLN B 486 18.50 6.29 20.67
CA GLN B 486 17.54 7.15 21.43
C GLN B 486 16.56 6.36 22.30
N TYR B 487 16.10 5.23 21.78
CA TYR B 487 15.22 4.39 22.55
C TYR B 487 16.03 3.78 23.78
N GLN B 488 17.28 3.41 23.55
CA GLN B 488 18.17 2.95 24.63
C GLN B 488 18.32 4.00 25.71
N LEU B 489 18.44 5.27 25.28
CA LEU B 489 18.65 6.41 26.21
C LEU B 489 17.40 6.56 27.01
N ALA B 490 16.25 6.44 26.36
CA ALA B 490 15.00 6.58 27.13
C ALA B 490 14.83 5.44 28.15
N LYS B 491 15.26 4.26 27.76
CA LYS B 491 15.27 3.12 28.67
C LYS B 491 16.26 3.39 29.86
N PHE B 492 17.46 3.89 29.60
CA PHE B 492 18.41 4.13 30.65
C PHE B 492 17.85 5.15 31.64
N VAL B 493 17.28 6.24 31.12
CA VAL B 493 16.77 7.29 31.98
C VAL B 493 15.68 6.81 32.91
N GLN B 494 14.80 5.96 32.38
CA GLN B 494 13.76 5.40 33.18
C GLN B 494 14.30 4.63 34.43
N THR B 495 15.45 3.96 34.29
CA THR B 495 16.03 3.23 35.44
C THR B 495 16.52 4.16 36.58
N LEU B 496 16.71 5.44 36.32
CA LEU B 496 17.26 6.38 37.33
C LEU B 496 16.24 6.91 38.33
N GLY B 497 14.99 6.53 38.14
CA GLY B 497 13.99 6.70 39.19
C GLY B 497 13.40 8.08 39.34
N LYS B 498 13.60 8.98 38.40
CA LYS B 498 13.07 10.32 38.59
C LYS B 498 12.08 10.58 37.47
N PRO B 499 11.07 11.41 37.72
CA PRO B 499 10.08 11.71 36.64
C PRO B 499 10.70 12.27 35.33
N VAL B 500 10.21 11.70 34.23
CA VAL B 500 10.70 12.00 32.91
C VAL B 500 9.61 12.59 32.00
N VAL B 501 9.90 13.77 31.46
CA VAL B 501 9.16 14.32 30.32
C VAL B 501 9.98 14.09 29.07
N ILE B 502 9.39 13.51 28.04
CA ILE B 502 10.03 13.43 26.73
C ILE B 502 9.49 14.53 25.82
N THR B 503 10.40 15.37 25.33
CA THR B 503 10.04 16.34 24.37
C THR B 503 10.62 15.84 23.09
N LEU B 504 9.74 15.52 22.12
CA LEU B 504 10.12 14.90 20.84
C LEU B 504 9.99 15.87 19.69
N PHE B 505 11.05 15.92 18.89
CA PHE B 505 11.21 16.80 17.75
C PHE B 505 11.43 15.88 16.52
N ASN B 506 10.61 16.11 15.50
CA ASN B 506 10.50 15.20 14.35
C ASN B 506 9.56 15.78 13.26
N GLY B 507 9.74 15.28 12.03
CA GLY B 507 8.94 15.63 10.86
C GLY B 507 7.98 14.56 10.37
N ARG B 508 7.80 13.48 11.13
CA ARG B 508 6.87 12.38 10.76
C ARG B 508 6.33 11.64 11.95
N PRO B 509 5.14 11.01 11.81
CA PRO B 509 4.84 10.05 12.81
C PRO B 509 5.97 9.03 13.04
N LEU B 510 6.15 8.58 14.27
CA LEU B 510 7.21 7.59 14.61
C LEU B 510 6.63 6.51 15.51
N GLU B 511 7.28 5.36 15.56
CA GLU B 511 6.95 4.34 16.58
C GLU B 511 7.35 4.89 17.95
N VAL B 512 6.39 5.32 18.74
CA VAL B 512 6.68 5.92 20.01
C VAL B 512 6.10 5.16 21.19
N LYS B 513 5.60 3.97 20.93
CA LYS B 513 5.14 3.17 22.00
C LYS B 513 6.26 3.01 23.09
N GLU B 514 7.46 2.67 22.68
CA GLU B 514 8.53 2.55 23.66
C GLU B 514 8.85 3.83 24.41
N LEU B 515 8.53 4.99 23.84
CA LEU B 515 8.90 6.25 24.48
C LEU B 515 7.85 6.62 25.50
N ALA B 516 6.58 6.34 25.17
CA ALA B 516 5.47 6.55 26.09
C ALA B 516 5.55 5.60 27.27
N GLU B 517 5.89 4.36 27.02
CA GLU B 517 6.05 3.43 28.13
C GLU B 517 7.27 3.71 29.00
N SER B 518 8.25 4.49 28.57
CA SER B 518 9.47 4.64 29.35
C SER B 518 9.55 6.03 30.02
N SER B 519 8.45 6.77 29.94
CA SER B 519 8.37 8.12 30.43
C SER B 519 7.01 8.42 31.10
N ASP B 520 6.95 9.53 31.82
CA ASP B 520 5.70 9.87 32.53
C ASP B 520 4.89 10.85 31.71
N ALA B 521 5.56 11.70 30.94
CA ALA B 521 4.93 12.65 30.05
C ALA B 521 5.65 12.53 28.71
N LEU B 522 4.94 12.91 27.64
CA LEU B 522 5.45 12.89 26.27
C LEU B 522 4.82 14.03 25.52
N LEU B 523 5.65 14.91 24.98
CA LEU B 523 5.18 16.06 24.29
C LEU B 523 5.79 16.11 22.86
N GLU B 524 4.93 16.23 21.87
CA GLU B 524 5.31 16.15 20.47
C GLU B 524 5.36 17.58 20.02
N LEU B 525 6.55 18.11 19.79
CA LEU B 525 6.75 19.48 19.35
C LEU B 525 6.89 19.58 17.82
N TRP B 526 7.06 18.46 17.12
CA TRP B 526 7.46 18.44 15.73
C TRP B 526 8.71 19.32 15.54
N PHE B 527 8.73 20.12 14.50
CA PHE B 527 9.75 21.14 14.34
C PHE B 527 9.01 22.48 14.41
N PRO B 528 9.13 23.18 15.55
CA PRO B 528 8.30 24.40 15.72
C PRO B 528 8.82 25.59 15.00
N GLY B 529 10.07 25.54 14.64
CA GLY B 529 10.73 26.61 13.92
C GLY B 529 11.57 27.50 14.84
N THR B 530 11.65 28.76 14.47
CA THR B 530 12.59 29.74 15.06
C THR B 530 12.49 29.82 16.55
N GLU B 531 11.26 29.80 17.05
CA GLU B 531 11.03 29.94 18.51
C GLU B 531 10.99 28.61 19.32
N ALA B 532 11.50 27.54 18.72
CA ALA B 532 11.31 26.20 19.29
C ALA B 532 11.56 26.11 20.80
N GLY B 533 12.68 26.67 21.26
CA GLY B 533 13.05 26.53 22.67
C GLY B 533 12.07 27.28 23.58
N ARG B 534 11.48 28.37 23.10
CA ARG B 534 10.51 29.13 23.92
C ARG B 534 9.14 28.44 23.89
N VAL B 535 8.76 27.97 22.70
CA VAL B 535 7.61 27.08 22.57
C VAL B 535 7.72 25.96 23.61
N THR B 536 8.84 25.27 23.63
CA THR B 536 8.97 24.11 24.55
C THR B 536 8.87 24.51 26.05
N ALA B 537 9.59 25.59 26.36
CA ALA B 537 9.65 26.14 27.70
C ALA B 537 8.30 26.65 28.17
N ASP B 538 7.54 27.36 27.35
CA ASP B 538 6.19 27.82 27.76
C ASP B 538 5.20 26.69 27.98
N LEU B 539 5.30 25.63 27.17
CA LEU B 539 4.38 24.51 27.34
C LEU B 539 4.70 23.70 28.59
N LEU B 540 5.98 23.52 28.84
CA LEU B 540 6.46 22.78 30.02
C LEU B 540 6.18 23.50 31.32
N SER B 541 6.32 24.81 31.32
CA SER B 541 6.04 25.57 32.57
C SER B 541 4.57 25.91 32.74
N GLY B 542 3.76 25.69 31.71
CA GLY B 542 2.33 25.95 31.80
C GLY B 542 1.90 27.37 31.44
N ALA B 543 2.84 28.19 30.95
CA ALA B 543 2.55 29.55 30.50
C ALA B 543 1.66 29.44 29.29
N SER B 544 1.90 28.37 28.49
CA SER B 544 0.92 27.92 27.52
C SER B 544 0.50 26.51 27.87
N ASN B 545 -0.75 26.25 27.53
CA ASN B 545 -1.40 24.99 27.82
C ASN B 545 -1.50 24.29 26.44
N PRO B 546 -0.90 23.07 26.33
CA PRO B 546 -0.95 22.27 25.07
C PRO B 546 -2.36 22.18 24.55
N SER B 547 -2.54 22.43 23.26
CA SER B 547 -3.91 22.35 22.66
C SER B 547 -3.97 21.68 21.29
N GLY B 548 -2.81 21.23 20.78
CA GLY B 548 -2.75 20.46 19.51
C GLY B 548 -3.39 19.06 19.55
N LYS B 549 -3.87 18.60 18.41
CA LYS B 549 -4.38 17.20 18.23
C LYS B 549 -3.76 16.58 17.01
N LEU B 550 -3.75 15.23 16.95
CA LEU B 550 -3.01 14.56 15.89
C LEU B 550 -3.76 14.70 14.59
N SER B 551 -3.04 15.20 13.56
CA SER B 551 -3.63 15.27 12.26
C SER B 551 -3.18 14.07 11.39
N MET B 552 -2.43 13.18 12.00
CA MET B 552 -1.97 11.96 11.35
C MET B 552 -1.82 10.89 12.43
N SER B 553 -2.24 9.69 12.11
CA SER B 553 -2.19 8.57 13.06
C SER B 553 -0.77 8.10 13.32
N PHE B 554 -0.54 7.64 14.52
CA PHE B 554 0.80 7.23 14.97
C PHE B 554 0.70 5.71 15.08
N PRO B 555 1.27 4.96 14.12
CA PRO B 555 1.12 3.54 14.05
C PRO B 555 1.69 2.77 15.26
N GLN B 556 1.13 1.61 15.53
CA GLN B 556 1.72 0.68 16.49
C GLN B 556 3.13 0.26 16.09
N THR B 557 3.33 0.07 14.80
CA THR B 557 4.63 -0.38 14.24
C THR B 557 4.64 -0.07 12.72
N THR B 558 5.82 0.03 12.12
CA THR B 558 5.97 0.29 10.71
C THR B 558 4.99 -0.54 9.84
N GLY B 559 4.83 -1.81 10.21
CA GLY B 559 4.01 -2.77 9.50
C GLY B 559 2.53 -2.61 9.52
N GLN B 560 2.07 -1.66 10.37
CA GLN B 560 0.67 -1.31 10.40
C GLN B 560 0.28 -0.36 9.24
N ILE B 561 1.26 0.19 8.54
CA ILE B 561 1.05 1.26 7.59
C ILE B 561 0.49 0.71 6.30
N PRO B 562 -0.50 1.36 5.71
CA PRO B 562 -1.16 2.57 6.15
C PRO B 562 -2.29 2.29 7.13
N VAL B 563 -2.35 3.11 8.19
CA VAL B 563 -3.44 3.08 9.19
C VAL B 563 -3.93 4.55 9.34
N TYR B 564 -5.25 4.73 9.38
CA TYR B 564 -5.88 6.04 9.30
C TYR B 564 -7.33 5.88 9.86
N TYR B 565 -7.86 6.96 10.44
CA TYR B 565 -9.18 6.93 11.12
C TYR B 565 -10.32 6.75 10.14
N ASN B 566 -10.22 7.33 8.98
CA ASN B 566 -11.34 7.19 7.99
C ASN B 566 -11.23 5.95 7.12
N HIS B 567 -11.38 4.80 7.76
CA HIS B 567 -11.19 3.54 7.11
C HIS B 567 -12.50 2.85 6.86
N LEU B 568 -12.50 1.89 5.96
CA LEU B 568 -13.69 1.13 5.69
C LEU B 568 -13.94 0.08 6.76
N ARG B 569 -15.18 -0.31 6.88
CA ARG B 569 -15.54 -1.31 7.90
C ARG B 569 -14.95 -2.72 7.65
N THR B 570 -14.88 -3.08 6.38
CA THR B 570 -14.65 -4.44 5.93
C THR B 570 -15.86 -5.29 6.19
N GLY B 571 -15.80 -6.51 5.66
CA GLY B 571 -16.84 -7.49 5.81
C GLY B 571 -16.83 -8.21 7.13
N ARG B 572 -15.70 -8.20 7.85
CA ARG B 572 -15.61 -8.88 9.16
C ARG B 572 -14.96 -8.01 10.21
N PRO B 573 -15.66 -6.95 10.61
CA PRO B 573 -14.98 -6.00 11.47
C PRO B 573 -14.81 -6.58 12.86
N GLN B 574 -13.77 -6.12 13.54
CA GLN B 574 -13.57 -6.52 14.92
C GLN B 574 -14.54 -5.69 15.76
N THR B 575 -15.42 -6.34 16.51
CA THR B 575 -16.38 -5.68 17.40
C THR B 575 -15.95 -6.06 18.86
N PRO B 576 -16.38 -5.25 19.85
CA PRO B 576 -16.16 -5.70 21.23
C PRO B 576 -16.74 -7.11 21.52
N GLU B 577 -17.84 -7.44 20.84
CA GLU B 577 -18.59 -8.69 21.07
C GLU B 577 -18.15 -9.85 20.17
N ASN B 578 -16.97 -9.74 19.55
CA ASN B 578 -16.30 -10.89 18.90
C ASN B 578 -14.82 -10.94 19.19
N LYS B 579 -14.41 -10.36 20.32
CA LYS B 579 -12.98 -10.24 20.64
C LYS B 579 -12.29 -11.60 20.59
N GLY B 580 -11.02 -11.58 20.14
CA GLY B 580 -10.15 -12.75 20.04
C GLY B 580 -10.72 -13.97 19.34
N GLU B 581 -11.84 -13.80 18.64
CA GLU B 581 -12.33 -14.76 17.65
C GLU B 581 -11.42 -14.71 16.47
N ARG B 582 -11.45 -15.78 15.70
CA ARG B 582 -10.44 -16.02 14.71
C ARG B 582 -10.77 -15.28 13.41
N TYR B 583 -12.00 -15.43 12.96
CA TYR B 583 -12.39 -14.90 11.67
C TYR B 583 -12.91 -13.43 11.71
N VAL B 584 -11.99 -12.51 11.98
CA VAL B 584 -12.25 -11.10 12.07
C VAL B 584 -10.99 -10.43 11.56
N SER B 585 -11.13 -9.24 10.98
CA SER B 585 -9.99 -8.46 10.53
C SER B 585 -9.12 -8.11 11.71
N HIS B 586 -7.94 -8.67 11.77
CA HIS B 586 -6.99 -8.43 12.87
C HIS B 586 -5.64 -8.91 12.46
N TYR B 587 -4.66 -8.41 13.21
CA TYR B 587 -3.34 -8.93 13.19
C TYR B 587 -3.09 -9.88 14.37
N LEU B 588 -2.21 -10.85 14.17
CA LEU B 588 -1.85 -11.77 15.24
C LEU B 588 -0.92 -11.11 16.26
N ASP B 589 -0.16 -10.11 15.88
CA ASP B 589 0.86 -9.55 16.71
C ASP B 589 0.64 -8.11 17.18
N ILE B 590 -0.24 -7.33 16.53
CA ILE B 590 -0.61 -5.99 17.02
C ILE B 590 -2.11 -5.71 17.08
N PRO B 591 -2.54 -4.66 17.81
CA PRO B 591 -3.93 -4.21 17.66
C PRO B 591 -4.21 -3.53 16.33
N ASN B 592 -5.48 -3.49 15.94
CA ASN B 592 -5.91 -2.77 14.73
C ASN B 592 -5.75 -1.28 14.88
N GLU B 593 -5.98 -0.78 16.08
CA GLU B 593 -5.91 0.63 16.32
C GLU B 593 -4.47 1.12 16.19
N PRO B 594 -4.30 2.36 15.68
CA PRO B 594 -3.00 2.98 15.79
C PRO B 594 -2.67 3.25 17.24
N PHE B 595 -1.40 3.58 17.50
CA PHE B 595 -0.98 3.85 18.89
C PHE B 595 -1.66 5.11 19.37
N TYR B 596 -1.66 6.17 18.57
CA TYR B 596 -2.53 7.27 18.88
C TYR B 596 -3.36 7.61 17.62
N PRO B 597 -4.64 7.90 17.79
CA PRO B 597 -5.54 8.26 16.71
C PRO B 597 -5.63 9.69 16.29
N PHE B 598 -6.13 9.88 15.08
CA PHE B 598 -6.47 11.17 14.55
C PHE B 598 -7.35 11.93 15.51
N GLY B 599 -7.04 13.21 15.66
CA GLY B 599 -7.77 14.08 16.55
C GLY B 599 -7.45 13.93 18.02
N TYR B 600 -6.51 13.04 18.39
CA TYR B 600 -6.09 12.86 19.81
C TYR B 600 -5.09 13.88 20.29
N GLY B 601 -5.34 14.40 21.49
CA GLY B 601 -4.34 15.15 22.24
C GLY B 601 -4.88 15.59 23.59
N LYS B 602 -3.94 15.81 24.51
CA LYS B 602 -4.22 16.19 25.86
C LYS B 602 -4.20 17.68 26.11
N SER B 603 -4.60 18.04 27.31
CA SER B 603 -4.63 19.44 27.80
C SER B 603 -4.35 19.39 29.33
N TYR B 604 -3.89 20.52 29.90
CA TYR B 604 -3.85 20.67 31.38
C TYR B 604 -5.23 21.09 31.95
N SER B 605 -6.19 21.37 31.08
CA SER B 605 -7.58 21.61 31.47
C SER B 605 -8.42 20.36 31.28
N GLU B 606 -9.69 20.50 31.62
CA GLU B 606 -10.66 19.46 31.50
C GLU B 606 -11.96 20.15 31.04
N PHE B 607 -12.66 19.50 30.13
CA PHE B 607 -13.72 20.19 29.40
C PHE B 607 -14.89 19.27 29.41
N GLU B 608 -16.10 19.82 29.35
CA GLU B 608 -17.30 19.04 29.19
C GLU B 608 -18.07 19.58 28.00
N LEU B 609 -18.70 18.70 27.24
CA LEU B 609 -19.36 19.12 26.01
C LEU B 609 -20.69 18.56 26.01
N LYS B 610 -21.64 19.23 25.40
CA LYS B 610 -22.88 18.56 25.09
C LYS B 610 -23.52 19.22 23.89
N THR B 611 -24.26 18.39 23.20
CA THR B 611 -24.78 18.68 21.89
C THR B 611 -26.26 18.85 22.04
N SER B 612 -26.77 19.98 21.59
CA SER B 612 -28.22 20.17 21.59
C SER B 612 -28.94 19.23 20.66
N SER B 613 -30.21 19.08 20.96
CA SER B 613 -31.09 18.09 20.33
C SER B 613 -31.01 18.21 18.81
N LEU B 614 -30.77 17.12 18.13
CA LEU B 614 -30.71 17.18 16.68
C LEU B 614 -31.99 16.57 16.13
N PRO B 615 -32.43 16.99 14.93
CA PRO B 615 -33.57 16.28 14.29
C PRO B 615 -33.32 14.78 14.00
N LYS B 616 -34.32 13.91 14.11
CA LYS B 616 -34.16 12.49 13.72
C LYS B 616 -34.24 12.27 12.18
N GLU B 617 -34.80 13.23 11.47
CA GLU B 617 -34.96 13.18 10.06
C GLU B 617 -34.52 14.49 9.42
N LEU B 618 -34.23 14.42 8.13
CA LEU B 618 -33.71 15.53 7.34
C LEU B 618 -34.14 15.33 5.90
N ASN B 619 -34.42 16.39 5.17
CA ASN B 619 -34.68 16.24 3.72
C ASN B 619 -33.38 16.07 2.94
N LEU B 620 -33.39 15.39 1.79
CA LEU B 620 -32.23 15.45 0.91
C LEU B 620 -31.95 16.92 0.58
N GLY B 621 -30.67 17.26 0.40
CA GLY B 621 -30.26 18.65 0.16
C GLY B 621 -30.39 19.56 1.37
N GLU B 622 -30.77 19.05 2.52
CA GLU B 622 -30.88 19.94 3.67
C GLU B 622 -29.60 19.90 4.52
N SER B 623 -29.28 21.01 5.17
CA SER B 623 -28.21 21.08 6.10
C SER B 623 -28.60 20.61 7.50
N LEU B 624 -27.66 19.99 8.18
CA LEU B 624 -27.83 19.68 9.55
C LEU B 624 -27.05 20.72 10.34
N HIS B 625 -27.74 21.33 11.29
CA HIS B 625 -27.22 22.36 12.14
C HIS B 625 -26.88 21.74 13.46
N VAL B 626 -25.63 21.83 13.88
CA VAL B 626 -25.15 21.09 15.06
C VAL B 626 -24.69 22.10 16.06
N GLU B 627 -25.37 22.12 17.21
CA GLU B 627 -25.05 23.06 18.26
C GLU B 627 -24.40 22.38 19.44
N VAL B 628 -23.28 22.93 19.87
CA VAL B 628 -22.47 22.29 20.90
C VAL B 628 -22.10 23.30 21.99
N THR B 629 -22.39 22.95 23.21
CA THR B 629 -22.08 23.80 24.36
C THR B 629 -20.91 23.15 25.07
N ILE B 630 -19.83 23.92 25.23
CA ILE B 630 -18.62 23.41 25.87
C ILE B 630 -18.32 24.22 27.13
N LYS B 631 -17.92 23.54 28.19
CA LYS B 631 -17.49 24.22 29.42
C LYS B 631 -16.07 23.73 29.85
N ASN B 632 -15.19 24.68 30.19
CA ASN B 632 -13.99 24.40 30.97
C ASN B 632 -14.30 24.20 32.46
N ILE B 633 -14.20 22.98 32.95
CA ILE B 633 -14.59 22.67 34.32
C ILE B 633 -13.39 22.57 35.25
N SER B 634 -12.28 23.19 34.87
CA SER B 634 -11.08 23.13 35.67
C SER B 634 -10.69 24.59 35.98
N ASP B 635 -9.62 24.73 36.71
CA ASP B 635 -9.09 26.01 37.10
C ASP B 635 -8.04 26.54 36.14
N ILE B 636 -7.86 25.86 35.01
CA ILE B 636 -6.77 26.15 34.10
C ILE B 636 -7.38 26.66 32.79
N ALA B 637 -6.97 27.82 32.33
CA ALA B 637 -7.44 28.31 31.03
C ALA B 637 -6.83 27.39 29.93
N GLY B 638 -7.60 27.08 28.89
CA GLY B 638 -7.09 26.27 27.82
C GLY B 638 -7.99 26.27 26.63
N LYS B 639 -7.55 25.53 25.60
CA LYS B 639 -8.30 25.34 24.38
C LYS B 639 -8.57 23.87 24.05
N GLU B 640 -9.76 23.62 23.56
CA GLU B 640 -10.22 22.32 23.12
C GLU B 640 -10.63 22.40 21.64
N VAL B 641 -10.42 21.32 20.92
CA VAL B 641 -10.80 21.29 19.50
C VAL B 641 -12.04 20.42 19.41
N ILE B 642 -13.19 21.05 19.19
CA ILE B 642 -14.44 20.27 19.06
C ILE B 642 -14.44 19.75 17.63
N GLN B 643 -14.77 18.50 17.43
CA GLN B 643 -14.68 17.90 16.09
C GLN B 643 -16.00 17.22 15.80
N VAL B 644 -16.52 17.37 14.56
CA VAL B 644 -17.79 16.71 14.16
C VAL B 644 -17.51 15.79 12.97
N TYR B 645 -17.91 14.51 13.10
CA TYR B 645 -17.72 13.52 12.10
C TYR B 645 -19.08 13.04 11.59
N LEU B 646 -19.13 12.65 10.34
CA LEU B 646 -20.30 11.93 9.82
C LEU B 646 -19.91 10.54 9.34
N GLN B 647 -20.82 9.55 9.52
CA GLN B 647 -20.75 8.31 8.82
C GLN B 647 -22.02 8.00 7.96
N ASP B 648 -21.83 7.27 6.86
CA ASP B 648 -22.90 6.93 5.97
C ASP B 648 -22.96 5.45 6.08
N VAL B 649 -23.98 4.95 6.78
CA VAL B 649 -24.02 3.62 7.28
C VAL B 649 -24.20 2.62 6.17
N THR B 650 -25.06 2.95 5.19
CA THR B 650 -25.25 2.10 4.01
C THR B 650 -25.24 2.90 2.76
N ALA B 651 -24.47 2.48 1.77
CA ALA B 651 -24.42 3.26 0.58
C ALA B 651 -24.08 2.36 -0.54
N SER B 652 -24.15 2.90 -1.73
CA SER B 652 -23.77 2.12 -2.91
C SER B 652 -22.25 1.96 -3.06
N ILE B 653 -21.49 2.56 -2.16
CA ILE B 653 -20.01 2.39 -2.13
C ILE B 653 -19.72 2.22 -0.67
N SER B 654 -18.83 1.27 -0.32
CA SER B 654 -18.51 1.08 1.09
C SER B 654 -17.85 2.37 1.61
N ARG B 655 -18.51 3.08 2.57
CA ARG B 655 -18.01 4.39 3.05
C ARG B 655 -17.27 4.28 4.38
N PRO B 656 -16.39 5.26 4.63
CA PRO B 656 -15.59 5.22 5.83
C PRO B 656 -16.46 5.25 7.07
N VAL B 657 -15.92 4.71 8.17
CA VAL B 657 -16.62 4.62 9.43
C VAL B 657 -16.87 6.00 10.03
N LYS B 658 -16.02 6.95 9.65
CA LYS B 658 -16.16 8.35 10.00
C LYS B 658 -15.39 9.20 9.01
N GLU B 659 -15.85 10.45 8.89
CA GLU B 659 -15.14 11.46 8.17
C GLU B 659 -15.36 12.74 8.91
N LEU B 660 -14.27 13.49 9.08
CA LEU B 660 -14.36 14.81 9.69
C LEU B 660 -15.07 15.76 8.75
N LYS B 661 -16.02 16.51 9.29
CA LYS B 661 -16.71 17.49 8.46
C LYS B 661 -16.81 18.83 9.05
N ALA B 662 -16.44 19.00 10.31
CA ALA B 662 -16.35 20.30 10.88
C ALA B 662 -15.40 20.25 12.07
N PHE B 663 -14.77 21.36 12.39
CA PHE B 663 -14.04 21.49 13.64
C PHE B 663 -13.92 22.94 14.01
N GLU B 664 -13.73 23.21 15.29
CA GLU B 664 -13.48 24.57 15.76
C GLU B 664 -12.73 24.45 17.04
N LYS B 665 -11.64 25.18 17.14
CA LYS B 665 -10.82 25.28 18.34
C LYS B 665 -11.37 26.38 19.26
N VAL B 666 -11.88 25.98 20.42
CA VAL B 666 -12.56 26.90 21.41
C VAL B 666 -11.65 27.24 22.61
N ALA B 667 -11.40 28.54 22.81
CA ALA B 667 -10.64 29.05 23.94
C ALA B 667 -11.59 29.38 25.12
N LEU B 668 -11.25 28.86 26.30
CA LEU B 668 -12.09 28.93 27.49
C LEU B 668 -11.25 29.21 28.75
N GLN B 669 -11.60 30.31 29.44
CA GLN B 669 -11.06 30.56 30.77
C GLN B 669 -11.60 29.47 31.70
N ALA B 670 -10.93 29.27 32.83
CA ALA B 670 -11.49 28.41 33.85
C ALA B 670 -12.93 28.80 34.12
N GLY B 671 -13.80 27.83 34.24
CA GLY B 671 -15.23 28.05 34.40
C GLY B 671 -15.97 28.50 33.15
N GLU B 672 -15.29 29.05 32.14
CA GLU B 672 -16.03 29.70 31.02
C GLU B 672 -16.79 28.61 30.25
N GLU B 673 -17.92 29.04 29.67
CA GLU B 673 -18.76 28.20 28.88
C GLU B 673 -19.09 28.93 27.58
N LYS B 674 -19.19 28.18 26.49
CA LYS B 674 -19.49 28.77 25.18
C LYS B 674 -20.34 27.81 24.39
N THR B 675 -21.02 28.36 23.40
CA THR B 675 -21.85 27.62 22.47
C THR B 675 -21.24 27.90 21.13
N VAL B 676 -21.14 26.86 20.31
CA VAL B 676 -20.60 26.99 18.94
C VAL B 676 -21.57 26.17 18.11
N THR B 677 -21.87 26.69 16.92
CA THR B 677 -22.76 26.00 16.01
C THR B 677 -21.97 25.62 14.73
N PHE B 678 -22.25 24.45 14.21
CA PHE B 678 -21.69 23.97 12.91
C PHE B 678 -22.86 23.74 11.92
N GLU B 679 -22.66 24.12 10.65
CA GLU B 679 -23.53 23.66 9.55
C GLU B 679 -22.92 22.53 8.71
N LEU B 680 -23.58 21.39 8.69
CA LEU B 680 -23.14 20.36 7.83
C LEU B 680 -24.12 20.44 6.62
N THR B 681 -23.61 20.90 5.49
CA THR B 681 -24.41 21.00 4.29
C THR B 681 -24.60 19.64 3.68
N SER B 682 -25.47 19.59 2.68
CA SER B 682 -25.82 18.29 2.10
C SER B 682 -24.63 17.76 1.31
N GLU B 683 -23.71 18.65 0.99
CA GLU B 683 -22.48 18.26 0.38
C GLU B 683 -21.65 17.40 1.36
N ALA B 684 -21.64 17.71 2.67
CA ALA B 684 -20.97 16.85 3.66
C ALA B 684 -21.58 15.45 3.70
N PHE B 685 -22.80 15.29 3.21
CA PHE B 685 -23.48 13.98 3.21
C PHE B 685 -23.25 13.21 1.89
N SER B 686 -22.57 13.87 0.96
CA SER B 686 -22.44 13.35 -0.42
C SER B 686 -21.12 12.62 -0.67
N PHE B 687 -21.06 11.85 -1.76
CA PHE B 687 -19.84 11.12 -2.09
C PHE B 687 -19.86 10.73 -3.55
N TYR B 688 -18.71 10.21 -4.01
CA TYR B 688 -18.57 9.78 -5.36
C TYR B 688 -19.04 8.36 -5.56
N ASN B 689 -19.91 8.17 -6.53
CA ASN B 689 -20.39 6.86 -6.79
C ASN B 689 -19.54 6.07 -7.81
N HIS B 690 -19.98 4.83 -8.04
CA HIS B 690 -19.41 3.86 -9.00
C HIS B 690 -19.19 4.49 -10.37
N GLN B 691 -20.10 5.36 -10.79
CA GLN B 691 -20.03 6.01 -12.11
C GLN B 691 -19.34 7.38 -11.97
N LEU B 692 -18.72 7.60 -10.83
CA LEU B 692 -17.99 8.87 -10.57
C LEU B 692 -18.90 10.12 -10.53
N GLU B 693 -20.19 9.94 -10.26
CA GLU B 693 -21.05 11.12 -10.04
C GLU B 693 -20.99 11.54 -8.56
N LYS B 694 -21.00 12.85 -8.30
CA LYS B 694 -21.12 13.36 -6.92
C LYS B 694 -22.57 13.29 -6.52
N VAL B 695 -22.86 12.59 -5.43
CA VAL B 695 -24.26 12.21 -5.15
C VAL B 695 -24.63 12.29 -3.68
N GLN B 696 -25.93 12.32 -3.46
CA GLN B 696 -26.48 12.22 -2.13
C GLN B 696 -27.58 11.15 -2.21
N GLU B 697 -27.44 10.14 -1.37
CA GLU B 697 -28.40 9.03 -1.34
C GLU B 697 -29.26 9.14 -0.06
N PRO B 698 -30.56 8.77 -0.13
CA PRO B 698 -31.27 8.61 1.14
C PRO B 698 -30.80 7.45 1.99
N GLY B 699 -31.00 7.63 3.29
CA GLY B 699 -30.55 6.71 4.27
C GLY B 699 -30.10 7.31 5.57
N LEU B 700 -29.60 6.40 6.43
CA LEU B 700 -29.11 6.71 7.78
C LEU B 700 -27.67 7.21 7.83
N HIS B 701 -27.44 8.24 8.60
CA HIS B 701 -26.12 8.73 8.88
C HIS B 701 -26.02 8.85 10.34
N ARG B 702 -24.82 8.62 10.83
CA ARG B 702 -24.51 8.86 12.21
C ARG B 702 -23.67 10.07 12.23
N VAL B 703 -23.94 10.91 13.22
CA VAL B 703 -23.19 12.10 13.56
C VAL B 703 -22.45 11.94 14.88
N PHE B 704 -21.19 12.34 14.94
CA PHE B 704 -20.35 12.11 16.15
C PHE B 704 -19.80 13.46 16.53
N VAL B 705 -19.97 13.81 17.79
CA VAL B 705 -19.45 15.05 18.25
C VAL B 705 -18.48 14.77 19.42
N GLY B 706 -17.32 15.40 19.38
CA GLY B 706 -16.35 15.18 20.45
C GLY B 706 -15.02 15.86 20.25
N THR B 707 -14.00 15.35 20.95
CA THR B 707 -12.72 15.95 21.04
C THR B 707 -11.55 15.09 20.46
N SER B 708 -11.89 13.89 19.94
CA SER B 708 -11.07 13.16 18.99
C SER B 708 -11.94 12.32 18.06
N SER B 709 -11.32 11.56 17.16
CA SER B 709 -12.07 10.53 16.41
C SER B 709 -12.56 9.40 17.28
N GLU B 710 -12.02 9.27 18.48
CA GLU B 710 -12.49 8.21 19.39
C GLU B 710 -13.38 8.73 20.54
N ASP B 711 -13.14 9.93 21.04
CA ASP B 711 -13.94 10.46 22.19
C ASP B 711 -15.09 11.32 21.67
N VAL B 712 -16.22 10.68 21.39
CA VAL B 712 -17.34 11.31 20.73
C VAL B 712 -18.67 10.80 21.30
N ASP B 713 -19.74 11.59 21.20
CA ASP B 713 -21.11 11.06 21.38
C ASP B 713 -21.65 10.88 19.99
N VAL B 714 -22.61 9.98 19.83
CA VAL B 714 -23.12 9.56 18.52
C VAL B 714 -24.63 9.81 18.40
N PHE B 715 -25.11 10.26 17.25
CA PHE B 715 -26.50 10.61 17.10
C PHE B 715 -26.85 10.18 15.71
N GLU B 716 -28.09 9.71 15.51
CA GLU B 716 -28.61 9.23 14.23
C GLU B 716 -29.60 10.19 13.53
N VAL B 717 -29.42 10.36 12.22
CA VAL B 717 -30.30 11.11 11.32
C VAL B 717 -30.61 10.32 10.07
N GLU B 718 -31.91 10.11 9.85
CA GLU B 718 -32.47 9.47 8.68
C GLU B 718 -32.77 10.57 7.64
N VAL B 719 -31.98 10.54 6.56
CA VAL B 719 -32.14 11.45 5.43
C VAL B 719 -33.02 10.75 4.37
N GLY B 720 -33.97 11.50 3.83
CA GLY B 720 -34.81 11.06 2.71
C GLY B 720 -35.82 12.14 2.30
N GLY B 721 -36.93 11.69 1.77
CA GLY B 721 -38.10 12.56 1.55
C GLY B 721 -37.93 13.23 0.21
N TYR B 722 -38.09 14.55 0.17
CA TYR B 722 -37.88 15.36 -1.08
C TYR B 722 -36.53 16.05 -1.11
N VAL B 723 -36.23 16.78 -2.18
CA VAL B 723 -34.93 17.47 -2.23
C VAL B 723 -35.11 18.98 -2.12
N LEU B 724 -34.30 19.66 -1.29
CA LEU B 724 -34.41 21.14 -1.15
C LEU B 724 -34.14 22.00 -2.38
O4 IFM C . -12.14 -21.95 0.32
C4 IFM C . -12.27 -21.20 1.52
C3 IFM C . -11.83 -19.76 1.27
O3 IFM C . -10.52 -19.82 0.72
C2 IFM C . -11.96 -18.82 2.49
N IFM C . -13.24 -18.96 3.17
C1 IFM C . -13.76 -20.30 3.32
C5 IFM C . -13.72 -21.08 1.99
C6 IFM C . -14.40 -22.47 2.12
O6 IFM C . -13.93 -23.18 3.24
MG MG D . 6.36 0.54 -26.46
C1 PEG E . 4.94 -13.94 15.55
O1 PEG E . 5.78 -14.61 14.58
C2 PEG E . 4.17 -14.96 16.37
O2 PEG E . 2.74 -14.72 16.36
C3 PEG E . 2.20 -14.46 17.66
C4 PEG E . 2.87 -13.15 18.09
O4 PEG E . 2.05 -12.35 18.97
O4 IFM F . 8.56 23.24 -4.73
C4 IFM F . 9.47 22.15 -4.97
C3 IFM F . 8.72 20.82 -5.01
O3 IFM F . 7.94 20.65 -3.81
C2 IFM F . 9.68 19.62 -5.29
N IFM F . 10.67 19.92 -6.36
C1 IFM F . 11.27 21.25 -6.42
C5 IFM F . 10.20 22.34 -6.29
C6 IFM F . 10.82 23.77 -6.36
O6 IFM F . 12.06 23.89 -5.63
MG MG G . -26.34 5.96 2.95
#